data_6C72
#
_entry.id   6C72
#
_cell.length_a   73.462
_cell.length_b   98.664
_cell.length_c   148.704
_cell.angle_alpha   90.000
_cell.angle_beta   91.810
_cell.angle_gamma   90.000
#
_symmetry.space_group_name_H-M   'P 1 21 1'
#
loop_
_entity.id
_entity.type
_entity.pdbx_description
1 polymer 'Particle-associated glycoside hydrolase'
2 non-polymer 'ZINC ION'
3 water water
#
_entity_poly.entity_id   1
_entity_poly.type   'polypeptide(L)'
_entity_poly.pdbx_seq_one_letter_code
;GSTDPNIDMTKWVKSTDSVQVDSVNALRKVKGLFHNQKATTTSYVAGTGFGGATYLWDANNTATDDGLSVIRVTGAATGA
WLLQVHNKVLHATQAGLRAELLESDLIDQTTILQKCVDYMALIGGGVVQLPKGHIYAKAMAKSNVEVRGTFDSFVSVGSE
ADINNLRTVVQTATYKHGTFWHSSDGSQVYLVPENVTGAGVSNLKMLGSRLGSTSSNCGFGIKIIGDSFTAKWVDTSGFR
LEGLYIRGKDGVSCSNHYFENCNFLDARRNTAALVYCHDVTFKNCTFQQLKPELTWVYLFDIEPNPATTDTVYNVTLINC
VFNALASAGAEPTVLVKEQNTPTGSPNVKFLNCRFKGKATIRNNCANGWKDCIVDNCEFDTLAFSTTTTGYVITSGRFTN
NTLWGKDLKGFSYNTLVTGDFLIEGNRFQDTTFENNIVATQASFGVNTFLGTATVIQPVDRRTITQQYRNLPDISGVKSP
INDAYFNTEIRNFNLDLNFKEVLTVPLRSGCKITITGADATTNAGSKAYVELFVNSDNSTTITAHNEVINDPLYGVKYSW
SGRTLSLAGITLSANTFIVKVDVFSALPQYSKVTWLI
;
_entity_poly.pdbx_strand_id   A,B,C
#
loop_
_chem_comp.id
_chem_comp.type
_chem_comp.name
_chem_comp.formula
ZN non-polymer 'ZINC ION' 'Zn 2'
#
# COMPACT_ATOMS: atom_id res chain seq x y z
N SER A 18 -32.28 0.05 48.85
CA SER A 18 -32.29 -0.08 47.39
C SER A 18 -33.71 -0.26 46.87
N VAL A 19 -34.12 0.65 45.99
CA VAL A 19 -35.46 0.62 45.41
C VAL A 19 -35.46 -0.27 44.16
N GLN A 20 -36.52 -1.05 43.99
CA GLN A 20 -36.69 -1.93 42.83
C GLN A 20 -38.15 -1.89 42.42
N VAL A 21 -38.42 -1.37 41.22
CA VAL A 21 -39.78 -1.31 40.70
C VAL A 21 -39.82 -2.03 39.35
N ASP A 22 -41.03 -2.19 38.80
CA ASP A 22 -41.24 -3.00 37.61
C ASP A 22 -41.28 -2.21 36.32
N SER A 23 -41.35 -0.88 36.37
CA SER A 23 -41.46 -0.07 35.17
C SER A 23 -41.18 1.38 35.53
N VAL A 24 -41.07 2.21 34.48
CA VAL A 24 -40.89 3.65 34.69
C VAL A 24 -42.14 4.25 35.30
N ASN A 25 -43.32 3.80 34.87
CA ASN A 25 -44.56 4.31 35.46
C ASN A 25 -44.59 4.06 36.95
N ALA A 26 -44.09 2.91 37.39
CA ALA A 26 -44.04 2.64 38.83
C ALA A 26 -43.06 3.57 39.53
N LEU A 27 -41.93 3.86 38.86
CA LEU A 27 -40.93 4.77 39.42
C LEU A 27 -41.50 6.18 39.62
N ARG A 28 -42.38 6.62 38.73
CA ARG A 28 -42.97 7.95 38.86
C ARG A 28 -43.89 8.08 40.08
N LYS A 29 -44.21 6.97 40.73
CA LYS A 29 -45.09 6.98 41.90
C LYS A 29 -44.32 6.73 43.19
N VAL A 30 -42.99 6.69 43.13
CA VAL A 30 -42.15 6.39 44.28
C VAL A 30 -41.17 7.53 44.44
N LYS A 31 -41.09 8.08 45.65
CA LYS A 31 -40.20 9.18 45.98
C LYS A 31 -38.94 8.66 46.67
N GLY A 32 -37.81 9.31 46.38
CA GLY A 32 -36.57 8.93 47.01
C GLY A 32 -36.50 9.41 48.44
N LEU A 33 -35.92 8.57 49.31
CA LEU A 33 -35.80 8.92 50.72
C LEU A 33 -34.71 9.97 50.93
N PHE A 34 -33.55 9.77 50.31
CA PHE A 34 -32.40 10.63 50.53
C PHE A 34 -31.74 11.00 49.20
N HIS A 35 -30.80 11.94 49.28
CA HIS A 35 -30.11 12.41 48.08
C HIS A 35 -29.32 11.28 47.44
N ASN A 36 -29.54 11.09 46.14
CA ASN A 36 -28.84 10.09 45.34
C ASN A 36 -29.10 8.68 45.86
N GLN A 37 -30.36 8.39 46.16
CA GLN A 37 -30.77 7.03 46.46
C GLN A 37 -30.85 6.20 45.18
N LYS A 38 -30.50 4.93 45.30
CA LYS A 38 -30.47 4.01 44.17
C LYS A 38 -31.87 3.46 43.88
N ALA A 39 -32.26 3.49 42.61
CA ALA A 39 -33.48 2.84 42.14
C ALA A 39 -33.17 2.05 40.87
N THR A 40 -33.79 0.89 40.74
CA THR A 40 -33.57 0.01 39.61
C THR A 40 -34.92 -0.45 39.06
N THR A 41 -35.17 -0.16 37.79
CA THR A 41 -36.39 -0.60 37.11
C THR A 41 -36.17 -1.99 36.51
N THR A 42 -37.21 -2.82 36.60
CA THR A 42 -37.19 -4.13 35.97
C THR A 42 -37.24 -4.00 34.45
N SER A 43 -38.16 -3.18 33.95
CA SER A 43 -38.28 -2.85 32.53
C SER A 43 -38.61 -1.39 32.40
N TYR A 44 -38.63 -0.90 31.15
CA TYR A 44 -39.23 0.42 30.93
C TYR A 44 -40.74 0.31 30.99
N VAL A 45 -41.34 -0.49 30.10
CA VAL A 45 -42.76 -0.83 30.15
C VAL A 45 -42.92 -2.15 30.89
N ALA A 46 -43.81 -2.16 31.89
CA ALA A 46 -43.92 -3.30 32.79
C ALA A 46 -44.19 -4.59 32.02
N GLY A 47 -43.42 -5.64 32.35
CA GLY A 47 -43.58 -6.97 31.81
C GLY A 47 -42.94 -7.22 30.46
N THR A 48 -42.20 -6.26 29.90
CA THR A 48 -41.58 -6.49 28.60
C THR A 48 -40.18 -7.06 28.71
N GLY A 49 -39.49 -6.84 29.82
CA GLY A 49 -38.12 -7.30 29.95
C GLY A 49 -37.09 -6.46 29.25
N PHE A 50 -37.49 -5.34 28.64
CA PHE A 50 -36.60 -4.43 27.96
C PHE A 50 -36.63 -3.08 28.67
N GLY A 51 -35.47 -2.42 28.73
CA GLY A 51 -35.41 -1.03 29.13
C GLY A 51 -35.09 -0.77 30.59
N GLY A 52 -34.87 -1.80 31.40
CA GLY A 52 -34.49 -1.58 32.78
C GLY A 52 -33.23 -0.74 32.89
N ALA A 53 -33.13 0.01 33.99
CA ALA A 53 -32.03 0.95 34.16
C ALA A 53 -31.86 1.28 35.64
N THR A 54 -30.83 2.07 35.93
CA THR A 54 -30.49 2.53 37.27
C THR A 54 -30.61 4.04 37.34
N TYR A 55 -31.19 4.52 38.44
CA TYR A 55 -31.49 5.93 38.61
C TYR A 55 -30.98 6.43 39.95
N LEU A 56 -30.72 7.73 40.01
CA LEU A 56 -30.34 8.41 41.24
C LEU A 56 -31.37 9.49 41.56
N TRP A 57 -31.78 9.55 42.83
CA TRP A 57 -32.84 10.45 43.23
C TRP A 57 -32.31 11.87 43.40
N ASP A 58 -32.98 12.83 42.78
CA ASP A 58 -32.69 14.26 42.98
C ASP A 58 -33.98 14.89 43.48
N ALA A 59 -33.99 15.25 44.76
CA ALA A 59 -35.22 15.77 45.39
C ALA A 59 -35.63 17.13 44.84
N ASN A 60 -34.66 17.95 44.40
CA ASN A 60 -34.96 19.30 43.97
C ASN A 60 -35.25 19.42 42.48
N ASN A 61 -35.08 18.34 41.71
CA ASN A 61 -35.10 18.45 40.26
C ASN A 61 -36.47 18.92 39.75
N THR A 62 -36.45 19.95 38.91
CA THR A 62 -37.64 20.49 38.26
C THR A 62 -37.51 20.48 36.74
N ALA A 63 -36.54 19.74 36.21
CA ALA A 63 -36.41 19.66 34.76
C ALA A 63 -37.61 18.94 34.18
N THR A 64 -37.77 19.07 32.87
CA THR A 64 -38.89 18.43 32.21
C THR A 64 -38.62 16.94 32.08
N ASP A 65 -39.65 16.14 32.39
CA ASP A 65 -39.57 14.70 32.20
C ASP A 65 -39.38 14.41 30.71
N ASP A 66 -38.32 13.68 30.39
CA ASP A 66 -37.98 13.34 29.01
C ASP A 66 -38.11 11.85 28.73
N GLY A 67 -38.60 11.07 29.70
CA GLY A 67 -38.73 9.64 29.54
C GLY A 67 -37.42 8.92 29.33
N LEU A 68 -36.30 9.55 29.69
CA LEU A 68 -34.96 9.00 29.48
C LEU A 68 -34.02 9.38 30.62
N SER A 69 -33.54 10.62 30.62
CA SER A 69 -32.59 11.05 31.63
C SER A 69 -33.26 11.59 32.89
N VAL A 70 -34.45 12.15 32.78
CA VAL A 70 -35.17 12.75 33.90
C VAL A 70 -36.53 12.06 34.01
N ILE A 71 -36.75 11.35 35.11
CA ILE A 71 -38.02 10.70 35.40
C ILE A 71 -38.65 11.46 36.56
N ARG A 72 -39.60 12.34 36.26
CA ARG A 72 -40.22 13.17 37.29
C ARG A 72 -41.31 12.40 38.02
N VAL A 73 -41.34 12.55 39.34
CA VAL A 73 -42.35 11.92 40.17
C VAL A 73 -43.66 12.69 40.02
N THR A 74 -44.71 12.00 39.58
CA THR A 74 -45.98 12.64 39.28
C THR A 74 -46.74 13.06 40.54
N GLY A 75 -46.56 12.36 41.65
CA GLY A 75 -47.23 12.62 42.91
C GLY A 75 -46.53 13.61 43.83
N ALA A 76 -45.54 14.35 43.33
CA ALA A 76 -44.80 15.34 44.10
C ALA A 76 -44.56 16.55 43.21
N ALA A 77 -44.43 17.73 43.83
CA ALA A 77 -44.23 18.93 43.03
C ALA A 77 -42.83 18.99 42.43
N THR A 78 -41.82 18.49 43.16
CA THR A 78 -40.44 18.41 42.66
C THR A 78 -39.87 17.03 42.93
N GLY A 79 -38.78 16.71 42.23
CA GLY A 79 -38.13 15.43 42.41
C GLY A 79 -38.06 14.63 41.13
N ALA A 80 -36.92 13.99 40.89
CA ALA A 80 -36.77 13.16 39.70
C ALA A 80 -35.76 12.07 39.96
N TRP A 81 -35.97 10.95 39.29
CA TRP A 81 -34.97 9.90 39.22
C TRP A 81 -34.12 10.14 37.98
N LEU A 82 -32.81 10.22 38.18
CA LEU A 82 -31.89 10.58 37.12
C LEU A 82 -31.19 9.32 36.59
N LEU A 83 -31.27 9.12 35.29
CA LEU A 83 -30.69 7.96 34.64
C LEU A 83 -29.18 7.92 34.83
N GLN A 84 -28.64 6.73 35.12
CA GLN A 84 -27.19 6.51 35.20
C GLN A 84 -26.79 5.60 34.05
N VAL A 85 -26.05 6.15 33.10
CA VAL A 85 -25.52 5.37 32.00
C VAL A 85 -24.18 4.79 32.41
N HIS A 86 -24.02 3.49 32.26
CA HIS A 86 -22.77 2.84 32.61
C HIS A 86 -22.06 2.36 31.35
N ASN A 87 -20.74 2.31 31.42
N ASN A 87 -20.73 2.35 31.41
CA ASN A 87 -19.87 1.79 30.35
CA ASN A 87 -19.88 1.82 30.36
C ASN A 87 -20.08 2.54 29.03
C ASN A 87 -20.06 2.55 29.03
N LYS A 88 -20.55 3.79 29.08
CA LYS A 88 -20.78 4.61 27.87
C LYS A 88 -21.68 3.91 26.85
N VAL A 89 -22.64 3.13 27.30
CA VAL A 89 -23.61 2.46 26.44
C VAL A 89 -25.00 2.78 26.96
N LEU A 90 -25.82 3.41 26.12
CA LEU A 90 -27.22 3.65 26.42
C LEU A 90 -28.08 2.74 25.55
N HIS A 91 -28.89 1.89 26.19
CA HIS A 91 -29.86 1.09 25.44
C HIS A 91 -31.06 1.96 25.12
N ALA A 92 -31.41 2.07 23.84
CA ALA A 92 -32.54 2.91 23.45
C ALA A 92 -33.83 2.47 24.15
N THR A 93 -33.94 1.17 24.47
CA THR A 93 -35.11 0.74 25.25
C THR A 93 -35.21 1.47 26.57
N GLN A 94 -34.10 1.96 27.11
CA GLN A 94 -34.15 2.71 28.37
C GLN A 94 -34.68 4.13 28.19
N ALA A 95 -35.01 4.54 26.97
CA ALA A 95 -35.77 5.76 26.71
C ALA A 95 -37.19 5.46 26.25
N GLY A 96 -37.61 4.21 26.32
CA GLY A 96 -38.96 3.84 25.94
C GLY A 96 -39.10 3.24 24.57
N LEU A 97 -38.02 3.05 23.83
CA LEU A 97 -38.13 2.47 22.49
C LEU A 97 -38.70 1.06 22.59
N ARG A 98 -39.68 0.74 21.73
CA ARG A 98 -40.32 -0.56 21.78
C ARG A 98 -39.50 -1.58 21.01
N ALA A 99 -39.14 -2.68 21.66
CA ALA A 99 -38.24 -3.68 21.08
C ALA A 99 -39.01 -4.79 20.35
N GLU A 100 -38.25 -5.56 19.56
CA GLU A 100 -38.73 -6.77 18.90
C GLU A 100 -40.03 -6.57 18.12
N LEU A 101 -40.24 -5.38 17.60
CA LEU A 101 -41.41 -5.12 16.78
C LEU A 101 -41.22 -5.75 15.39
N LEU A 102 -42.33 -6.12 14.77
CA LEU A 102 -42.29 -6.61 13.40
C LEU A 102 -42.38 -5.46 12.42
N GLU A 103 -42.06 -5.74 11.15
CA GLU A 103 -42.13 -4.70 10.12
C GLU A 103 -43.54 -4.13 10.01
N SER A 104 -44.56 -4.92 10.36
CA SER A 104 -45.93 -4.43 10.28
C SER A 104 -46.31 -3.47 11.41
N ASP A 105 -45.48 -3.35 12.44
CA ASP A 105 -45.72 -2.37 13.51
C ASP A 105 -45.15 -1.04 13.05
N LEU A 106 -45.98 -0.26 12.37
CA LEU A 106 -45.57 1.00 11.76
C LEU A 106 -45.64 2.10 12.82
N ILE A 107 -44.64 2.12 13.68
CA ILE A 107 -44.62 3.00 14.83
C ILE A 107 -43.43 3.94 14.70
N ASP A 108 -43.71 5.25 14.63
CA ASP A 108 -42.65 6.25 14.53
C ASP A 108 -42.00 6.41 15.90
N GLN A 109 -40.73 6.05 16.00
CA GLN A 109 -39.99 6.20 17.24
C GLN A 109 -38.83 7.17 17.06
N THR A 110 -38.97 8.09 16.09
CA THR A 110 -37.89 9.02 15.76
C THR A 110 -37.49 9.86 16.96
N THR A 111 -38.47 10.42 17.67
CA THR A 111 -38.16 11.30 18.78
C THR A 111 -37.38 10.57 19.87
N ILE A 112 -37.74 9.31 20.14
CA ILE A 112 -37.07 8.57 21.22
C ILE A 112 -35.62 8.30 20.86
N LEU A 113 -35.36 7.81 19.64
CA LEU A 113 -33.99 7.49 19.25
C LEU A 113 -33.12 8.73 19.21
N GLN A 114 -33.67 9.84 18.71
CA GLN A 114 -32.93 11.08 18.66
C GLN A 114 -32.56 11.55 20.07
N LYS A 115 -33.46 11.33 21.03
CA LYS A 115 -33.15 11.66 22.42
C LYS A 115 -31.95 10.88 22.91
N CYS A 116 -31.86 9.60 22.54
CA CYS A 116 -30.75 8.78 22.99
C CYS A 116 -29.43 9.27 22.40
N VAL A 117 -29.40 9.54 21.09
CA VAL A 117 -28.17 10.01 20.46
C VAL A 117 -27.76 11.35 21.05
N ASP A 118 -28.74 12.26 21.21
CA ASP A 118 -28.46 13.59 21.76
C ASP A 118 -27.95 13.53 23.19
N TYR A 119 -28.53 12.65 24.01
CA TYR A 119 -28.11 12.60 25.41
C TYR A 119 -26.71 12.00 25.56
N MET A 120 -26.40 10.95 24.78
CA MET A 120 -25.05 10.39 24.81
C MET A 120 -24.03 11.41 24.33
N ALA A 121 -24.37 12.16 23.28
CA ALA A 121 -23.49 13.23 22.83
C ALA A 121 -23.33 14.32 23.89
N LEU A 122 -24.30 14.46 24.79
CA LEU A 122 -24.14 15.43 25.87
C LEU A 122 -23.16 14.93 26.94
N ILE A 123 -23.10 13.62 27.18
CA ILE A 123 -22.29 13.11 28.29
C ILE A 123 -21.00 12.44 27.83
N GLY A 124 -20.47 12.84 26.68
CA GLY A 124 -19.14 12.42 26.28
C GLY A 124 -19.09 11.42 25.14
N GLY A 125 -20.24 11.03 24.61
CA GLY A 125 -20.29 10.09 23.53
C GLY A 125 -20.29 8.66 24.02
N GLY A 126 -20.28 7.75 23.04
CA GLY A 126 -20.36 6.35 23.34
C GLY A 126 -21.23 5.62 22.35
N VAL A 127 -22.08 4.73 22.85
CA VAL A 127 -22.87 3.85 22.00
C VAL A 127 -24.34 3.94 22.40
N VAL A 128 -25.21 4.10 21.41
CA VAL A 128 -26.63 3.87 21.56
C VAL A 128 -26.92 2.48 21.02
N GLN A 129 -27.29 1.57 21.91
CA GLN A 129 -27.58 0.19 21.57
C GLN A 129 -29.04 0.07 21.15
N LEU A 130 -29.26 -0.48 20.00
CA LEU A 130 -30.62 -0.79 19.58
C LEU A 130 -30.93 -2.25 19.87
N PRO A 131 -32.16 -2.61 20.20
CA PRO A 131 -32.51 -4.01 20.38
C PRO A 131 -32.79 -4.65 19.04
N LYS A 132 -33.12 -5.93 19.06
CA LYS A 132 -33.65 -6.57 17.88
C LYS A 132 -35.04 -6.00 17.56
N GLY A 133 -35.44 -6.16 16.31
CA GLY A 133 -36.75 -5.75 15.85
C GLY A 133 -36.65 -4.75 14.71
N HIS A 134 -37.83 -4.43 14.15
CA HIS A 134 -37.94 -3.38 13.15
C HIS A 134 -38.20 -2.06 13.87
N ILE A 135 -37.43 -1.04 13.50
CA ILE A 135 -37.48 0.26 14.15
C ILE A 135 -37.66 1.31 13.05
N TYR A 136 -38.76 2.06 13.11
CA TYR A 136 -38.99 3.19 12.22
C TYR A 136 -38.62 4.45 13.01
N ALA A 137 -37.43 4.98 12.74
CA ALA A 137 -36.93 6.12 13.50
C ALA A 137 -35.69 6.69 12.83
N LYS A 138 -35.80 7.88 12.27
CA LYS A 138 -34.64 8.49 11.63
C LYS A 138 -33.85 9.25 12.68
N ALA A 139 -32.55 9.25 12.51
CA ALA A 139 -31.66 9.80 13.53
C ALA A 139 -30.64 10.72 12.87
N MET A 140 -30.37 11.82 13.55
CA MET A 140 -29.28 12.71 13.21
C MET A 140 -28.09 12.28 14.05
N ALA A 141 -26.99 11.88 13.40
CA ALA A 141 -25.80 11.49 14.12
C ALA A 141 -25.21 12.70 14.88
N LYS A 142 -24.58 12.40 16.01
CA LYS A 142 -23.91 13.41 16.82
C LYS A 142 -22.50 12.91 17.12
N SER A 143 -21.60 13.84 17.41
CA SER A 143 -20.17 13.50 17.43
C SER A 143 -19.86 12.43 18.48
N ASN A 144 -19.01 11.48 18.09
CA ASN A 144 -18.50 10.46 18.97
C ASN A 144 -19.61 9.58 19.55
N VAL A 145 -20.70 9.43 18.81
CA VAL A 145 -21.77 8.51 19.16
C VAL A 145 -21.91 7.49 18.04
N GLU A 146 -22.00 6.21 18.42
CA GLU A 146 -22.22 5.11 17.47
C GLU A 146 -23.56 4.45 17.79
N VAL A 147 -24.34 4.21 16.74
CA VAL A 147 -25.60 3.47 16.86
C VAL A 147 -25.30 2.02 16.52
N ARG A 148 -25.65 1.11 17.42
CA ARG A 148 -25.29 -0.29 17.29
C ARG A 148 -26.52 -1.17 17.46
N GLY A 149 -26.74 -2.09 16.52
CA GLY A 149 -27.82 -3.05 16.60
C GLY A 149 -27.40 -4.33 17.30
N THR A 150 -28.31 -5.31 17.22
CA THR A 150 -28.16 -6.61 17.88
C THR A 150 -28.29 -7.69 16.81
N PHE A 151 -27.25 -8.52 16.66
CA PHE A 151 -27.36 -9.67 15.77
C PHE A 151 -28.47 -10.60 16.26
N ASP A 152 -29.17 -11.23 15.31
CA ASP A 152 -30.10 -12.26 15.68
C ASP A 152 -29.31 -13.47 16.18
N SER A 153 -30.02 -14.41 16.79
CA SER A 153 -29.36 -15.55 17.39
C SER A 153 -28.65 -16.39 16.34
N PHE A 154 -27.48 -16.91 16.70
CA PHE A 154 -26.71 -17.80 15.85
C PHE A 154 -26.60 -19.15 16.53
N VAL A 155 -27.11 -20.20 15.86
CA VAL A 155 -27.03 -21.57 16.36
C VAL A 155 -26.38 -22.41 15.26
N SER A 156 -25.20 -22.93 15.53
CA SER A 156 -24.48 -23.68 14.52
C SER A 156 -25.13 -25.05 14.26
N VAL A 157 -24.79 -25.63 13.11
CA VAL A 157 -25.27 -26.94 12.70
C VAL A 157 -24.06 -27.86 12.52
N GLY A 158 -24.20 -29.13 12.90
CA GLY A 158 -23.23 -30.15 12.59
C GLY A 158 -22.28 -30.47 13.73
N SER A 159 -21.73 -31.67 13.71
CA SER A 159 -20.77 -32.07 14.73
C SER A 159 -19.36 -31.59 14.40
N GLU A 160 -18.53 -31.48 15.44
CA GLU A 160 -17.13 -31.15 15.24
C GLU A 160 -16.45 -32.17 14.33
N ALA A 161 -16.77 -33.45 14.52
CA ALA A 161 -16.16 -34.50 13.72
C ALA A 161 -16.45 -34.31 12.24
N ASP A 162 -17.70 -34.04 11.88
CA ASP A 162 -18.04 -33.83 10.47
C ASP A 162 -17.43 -32.53 9.94
N ILE A 163 -17.43 -31.48 10.76
CA ILE A 163 -16.83 -30.21 10.33
C ILE A 163 -15.36 -30.43 10.01
N ASN A 164 -14.67 -31.23 10.82
CA ASN A 164 -13.24 -31.46 10.62
C ASN A 164 -12.95 -32.48 9.53
N ASN A 165 -13.82 -33.46 9.30
CA ASN A 165 -13.49 -34.56 8.40
C ASN A 165 -14.05 -34.41 6.99
N LEU A 166 -15.14 -33.70 6.80
CA LEU A 166 -15.80 -33.60 5.50
C LEU A 166 -15.36 -32.32 4.81
N ARG A 167 -15.00 -32.43 3.52
CA ARG A 167 -14.67 -31.26 2.72
C ARG A 167 -15.91 -30.50 2.26
N THR A 168 -17.08 -31.13 2.33
CA THR A 168 -18.33 -30.45 2.04
C THR A 168 -18.74 -29.59 3.24
N VAL A 169 -19.64 -28.65 2.98
CA VAL A 169 -20.10 -27.73 4.03
C VAL A 169 -20.97 -28.50 5.02
N VAL A 170 -20.57 -28.48 6.28
CA VAL A 170 -21.34 -29.09 7.36
C VAL A 170 -22.00 -28.03 8.23
N GLN A 171 -21.26 -27.01 8.64
CA GLN A 171 -21.85 -25.94 9.42
C GLN A 171 -22.53 -24.97 8.45
N THR A 172 -23.84 -25.08 8.33
CA THR A 172 -24.57 -24.35 7.31
C THR A 172 -25.20 -23.06 7.82
N ALA A 173 -25.17 -22.81 9.12
CA ALA A 173 -25.80 -21.61 9.66
C ALA A 173 -24.92 -20.38 9.41
N THR A 174 -25.55 -19.27 9.04
CA THR A 174 -24.84 -18.00 8.83
C THR A 174 -25.50 -16.91 9.67
N TYR A 175 -24.71 -15.90 10.02
CA TYR A 175 -25.21 -14.85 10.91
C TYR A 175 -26.34 -14.08 10.25
N LYS A 176 -27.23 -13.54 11.07
CA LYS A 176 -28.37 -12.79 10.57
C LYS A 176 -28.52 -11.54 11.42
N HIS A 177 -28.83 -10.43 10.77
CA HIS A 177 -29.11 -9.21 11.52
C HIS A 177 -30.40 -9.35 12.31
N GLY A 178 -30.41 -8.80 13.52
CA GLY A 178 -31.62 -8.80 14.33
C GLY A 178 -32.26 -7.43 14.40
N THR A 179 -31.50 -6.39 14.10
CA THR A 179 -32.00 -5.02 14.12
C THR A 179 -32.23 -4.58 12.69
N PHE A 180 -33.45 -4.13 12.39
CA PHE A 180 -33.81 -3.63 11.06
C PHE A 180 -34.24 -2.17 11.20
N TRP A 181 -33.40 -1.27 10.70
CA TRP A 181 -33.54 0.16 10.98
C TRP A 181 -34.13 0.85 9.75
N HIS A 182 -35.35 1.36 9.91
CA HIS A 182 -36.05 2.10 8.86
C HIS A 182 -36.10 3.57 9.23
N SER A 183 -36.50 4.38 8.26
CA SER A 183 -36.76 5.79 8.47
C SER A 183 -38.25 6.03 8.68
N SER A 184 -38.57 7.19 9.26
CA SER A 184 -39.95 7.58 9.45
C SER A 184 -40.51 8.39 8.28
N ASP A 185 -39.70 8.72 7.27
CA ASP A 185 -40.17 9.42 6.08
C ASP A 185 -39.31 8.98 4.88
N GLY A 186 -39.33 9.78 3.82
CA GLY A 186 -38.63 9.48 2.58
C GLY A 186 -37.24 10.06 2.44
N SER A 187 -36.68 10.66 3.50
CA SER A 187 -35.40 11.35 3.39
C SER A 187 -34.25 10.37 3.59
N GLN A 188 -33.80 10.18 4.83
CA GLN A 188 -32.72 9.25 5.11
C GLN A 188 -32.95 8.59 6.46
N VAL A 189 -32.26 7.48 6.69
CA VAL A 189 -32.33 6.83 8.00
C VAL A 189 -31.39 7.50 8.99
N TYR A 190 -30.12 7.64 8.58
CA TYR A 190 -29.03 8.08 9.45
C TYR A 190 -28.28 9.22 8.77
N LEU A 191 -28.52 10.45 9.21
CA LEU A 191 -27.86 11.63 8.65
C LEU A 191 -26.68 12.04 9.51
N VAL A 192 -25.51 12.17 8.90
CA VAL A 192 -24.35 12.64 9.64
C VAL A 192 -24.07 14.07 9.21
N PRO A 193 -24.54 15.07 9.96
CA PRO A 193 -24.39 16.47 9.54
C PRO A 193 -22.93 16.87 9.42
N GLU A 194 -22.71 18.00 8.75
CA GLU A 194 -21.38 18.58 8.74
C GLU A 194 -20.95 18.92 10.16
N ASN A 195 -19.64 18.85 10.40
CA ASN A 195 -19.01 19.08 11.69
C ASN A 195 -19.35 18.02 12.74
N VAL A 196 -20.07 16.96 12.38
CA VAL A 196 -20.23 15.81 13.26
C VAL A 196 -19.10 14.83 12.98
N THR A 197 -18.30 14.54 14.00
CA THR A 197 -17.06 13.79 13.87
C THR A 197 -17.09 12.54 14.72
N GLY A 198 -16.48 11.47 14.21
CA GLY A 198 -16.32 10.28 15.01
C GLY A 198 -17.59 9.51 15.30
N ALA A 199 -18.64 9.75 14.53
CA ALA A 199 -19.87 8.98 14.63
C ALA A 199 -19.71 7.65 13.92
N GLY A 200 -20.66 6.74 14.19
CA GLY A 200 -20.61 5.44 13.55
C GLY A 200 -21.93 4.69 13.65
N VAL A 201 -21.96 3.54 13.00
CA VAL A 201 -23.07 2.62 13.02
C VAL A 201 -22.51 1.22 12.83
N SER A 202 -23.14 0.23 13.47
CA SER A 202 -22.66 -1.14 13.31
C SER A 202 -23.74 -2.15 13.68
N ASN A 203 -23.53 -3.37 13.19
CA ASN A 203 -24.26 -4.56 13.63
C ASN A 203 -25.77 -4.40 13.42
N LEU A 204 -26.16 -3.95 12.22
CA LEU A 204 -27.58 -3.84 11.93
C LEU A 204 -27.78 -3.84 10.42
N LYS A 205 -29.05 -3.95 10.02
CA LYS A 205 -29.47 -3.86 8.63
C LYS A 205 -30.41 -2.66 8.47
N MET A 206 -30.21 -1.90 7.40
CA MET A 206 -31.06 -0.75 7.10
C MET A 206 -31.95 -1.10 5.90
N LEU A 207 -33.23 -0.77 6.01
CA LEU A 207 -34.22 -1.13 5.01
C LEU A 207 -34.89 0.13 4.46
N GLY A 208 -35.21 0.09 3.16
CA GLY A 208 -35.79 1.24 2.49
C GLY A 208 -37.26 1.49 2.76
N SER A 209 -38.03 0.45 3.14
CA SER A 209 -39.44 0.66 3.42
C SER A 209 -39.56 1.58 4.63
N ARG A 210 -40.54 2.48 4.58
CA ARG A 210 -40.56 3.60 5.51
C ARG A 210 -41.99 4.05 5.79
N LEU A 211 -42.14 4.85 6.84
CA LEU A 211 -43.46 5.35 7.21
C LEU A 211 -43.89 6.46 6.26
N GLY A 212 -45.18 6.47 5.92
CA GLY A 212 -45.76 7.55 5.14
C GLY A 212 -45.99 7.23 3.68
N SER A 213 -45.46 6.12 3.16
CA SER A 213 -45.66 5.77 1.76
C SER A 213 -45.49 4.27 1.60
N THR A 214 -46.40 3.65 0.87
CA THR A 214 -46.29 2.22 0.55
C THR A 214 -45.59 1.96 -0.77
N SER A 215 -45.37 2.99 -1.59
CA SER A 215 -44.77 2.86 -2.92
C SER A 215 -43.39 3.50 -3.06
N SER A 216 -43.11 4.57 -2.32
CA SER A 216 -41.86 5.30 -2.43
C SER A 216 -41.01 5.07 -1.19
N ASN A 217 -39.83 4.50 -1.39
CA ASN A 217 -38.99 4.13 -0.26
C ASN A 217 -38.14 5.31 0.19
N CYS A 218 -37.44 5.10 1.30
CA CYS A 218 -36.56 6.13 1.84
C CYS A 218 -35.40 6.38 0.90
N GLY A 219 -35.02 7.65 0.74
CA GLY A 219 -33.95 8.02 -0.15
C GLY A 219 -32.61 7.39 0.15
N PHE A 220 -32.09 7.64 1.35
CA PHE A 220 -30.77 7.18 1.74
C PHE A 220 -30.83 6.34 3.00
N GLY A 221 -29.95 5.35 3.07
CA GLY A 221 -29.67 4.71 4.34
C GLY A 221 -28.78 5.60 5.19
N ILE A 222 -27.50 5.65 4.86
CA ILE A 222 -26.54 6.52 5.52
C ILE A 222 -26.19 7.64 4.56
N LYS A 223 -26.46 8.87 4.97
CA LYS A 223 -26.04 10.08 4.28
C LYS A 223 -24.99 10.77 5.14
N ILE A 224 -23.78 10.89 4.62
CA ILE A 224 -22.65 11.40 5.39
C ILE A 224 -22.26 12.77 4.87
N ILE A 225 -22.38 13.78 5.75
CA ILE A 225 -21.78 15.09 5.52
C ILE A 225 -20.61 15.34 6.46
N GLY A 226 -20.58 14.68 7.63
CA GLY A 226 -19.55 14.89 8.61
C GLY A 226 -18.27 14.14 8.30
N ASP A 227 -17.48 13.94 9.35
CA ASP A 227 -16.08 13.54 9.24
C ASP A 227 -15.81 12.32 10.11
N SER A 228 -14.91 11.46 9.65
CA SER A 228 -14.43 10.28 10.39
C SER A 228 -15.60 9.40 10.87
N PHE A 229 -16.42 8.99 9.92
CA PHE A 229 -17.49 8.04 10.16
C PHE A 229 -16.96 6.61 10.01
N THR A 230 -17.55 5.68 10.76
CA THR A 230 -17.13 4.28 10.74
C THR A 230 -18.33 3.35 10.76
N ALA A 231 -18.35 2.36 9.86
CA ALA A 231 -19.42 1.37 9.83
C ALA A 231 -18.84 -0.03 9.70
N LYS A 232 -19.37 -0.96 10.50
CA LYS A 232 -18.96 -2.36 10.48
C LYS A 232 -20.18 -3.26 10.59
N TRP A 233 -20.20 -4.33 9.78
CA TRP A 233 -21.29 -5.31 9.79
C TRP A 233 -22.65 -4.62 9.63
N VAL A 234 -22.77 -3.82 8.57
CA VAL A 234 -24.00 -3.14 8.22
C VAL A 234 -24.39 -3.53 6.79
N ASP A 235 -25.64 -3.94 6.62
CA ASP A 235 -26.22 -4.15 5.31
C ASP A 235 -27.23 -3.05 5.04
N THR A 236 -27.40 -2.70 3.76
CA THR A 236 -28.43 -1.77 3.34
C THR A 236 -29.18 -2.35 2.16
N SER A 237 -30.50 -2.21 2.16
CA SER A 237 -31.30 -2.84 1.11
C SER A 237 -32.58 -2.06 0.89
N GLY A 238 -32.92 -1.84 -0.37
CA GLY A 238 -34.23 -1.34 -0.76
C GLY A 238 -34.37 0.17 -0.81
N PHE A 239 -33.28 0.92 -0.77
CA PHE A 239 -33.41 2.37 -0.70
C PHE A 239 -33.69 2.98 -2.07
N ARG A 240 -34.43 4.10 -2.06
CA ARG A 240 -34.89 4.71 -3.29
C ARG A 240 -33.74 5.34 -4.07
N LEU A 241 -32.71 5.82 -3.36
CA LEU A 241 -31.54 6.38 -4.04
C LEU A 241 -30.33 5.49 -3.77
N GLU A 242 -29.73 5.61 -2.60
CA GLU A 242 -28.54 4.84 -2.26
C GLU A 242 -28.62 4.33 -0.82
N GLY A 243 -28.03 3.15 -0.61
CA GLY A 243 -27.84 2.71 0.77
C GLY A 243 -26.86 3.58 1.53
N LEU A 244 -25.82 4.07 0.84
CA LEU A 244 -24.81 4.94 1.40
C LEU A 244 -24.56 6.09 0.44
N TYR A 245 -24.51 7.31 0.98
CA TYR A 245 -24.34 8.52 0.18
C TYR A 245 -23.47 9.49 0.97
N ILE A 246 -22.33 9.88 0.40
CA ILE A 246 -21.37 10.69 1.11
C ILE A 246 -21.17 12.00 0.36
N ARG A 247 -21.58 13.11 0.97
CA ARG A 247 -21.41 14.41 0.34
C ARG A 247 -21.19 15.45 1.43
N GLY A 248 -19.96 15.95 1.53
CA GLY A 248 -19.66 17.00 2.48
C GLY A 248 -20.05 18.37 1.94
N LYS A 249 -19.58 19.40 2.66
CA LYS A 249 -19.82 20.78 2.25
C LYS A 249 -18.51 21.55 2.20
N ASP A 250 -18.53 22.67 1.48
CA ASP A 250 -17.35 23.51 1.39
C ASP A 250 -16.91 23.95 2.78
N GLY A 251 -15.60 23.90 3.02
CA GLY A 251 -15.03 24.43 4.23
C GLY A 251 -15.09 23.52 5.45
N VAL A 252 -15.65 22.32 5.32
CA VAL A 252 -15.76 21.38 6.44
C VAL A 252 -15.32 20.00 5.98
N SER A 253 -14.57 19.32 6.84
CA SER A 253 -14.04 18.01 6.46
C SER A 253 -15.14 16.97 6.28
N CYS A 254 -15.02 16.19 5.21
CA CYS A 254 -15.80 14.97 4.98
C CYS A 254 -14.80 13.88 4.55
N SER A 255 -14.13 13.28 5.52
CA SER A 255 -12.99 12.45 5.19
C SER A 255 -12.77 11.39 6.25
N ASN A 256 -11.81 10.50 5.96
CA ASN A 256 -11.40 9.46 6.90
C ASN A 256 -12.56 8.51 7.22
N HIS A 257 -13.31 8.12 6.20
CA HIS A 257 -14.44 7.23 6.39
C HIS A 257 -14.03 5.79 6.14
N TYR A 258 -14.46 4.90 7.02
CA TYR A 258 -14.03 3.52 6.98
C TYR A 258 -15.22 2.59 7.05
N PHE A 259 -15.26 1.62 6.16
CA PHE A 259 -16.33 0.63 6.09
C PHE A 259 -15.71 -0.76 5.97
N GLU A 260 -16.17 -1.68 6.82
CA GLU A 260 -15.68 -3.05 6.78
C GLU A 260 -16.84 -4.01 6.99
N ASN A 261 -16.85 -5.12 6.24
CA ASN A 261 -17.85 -6.17 6.42
C ASN A 261 -19.26 -5.62 6.22
N CYS A 262 -19.41 -4.69 5.28
CA CYS A 262 -20.71 -4.10 4.97
C CYS A 262 -21.20 -4.60 3.62
N ASN A 263 -22.51 -4.70 3.47
CA ASN A 263 -23.12 -5.16 2.23
C ASN A 263 -24.11 -4.11 1.77
N PHE A 264 -23.74 -3.37 0.74
CA PHE A 264 -24.63 -2.37 0.17
C PHE A 264 -25.39 -3.02 -0.97
N LEU A 265 -26.65 -3.39 -0.70
CA LEU A 265 -27.39 -4.23 -1.63
C LEU A 265 -28.30 -3.38 -2.49
N ASP A 266 -29.46 -3.93 -2.87
CA ASP A 266 -30.28 -3.32 -3.91
C ASP A 266 -30.71 -1.91 -3.50
N ALA A 267 -30.63 -1.00 -4.46
CA ALA A 267 -31.13 0.35 -4.34
C ALA A 267 -31.57 0.80 -5.72
N ARG A 268 -32.54 1.71 -5.77
CA ARG A 268 -33.16 2.08 -7.03
C ARG A 268 -32.32 3.04 -7.86
N ARG A 269 -31.27 3.63 -7.28
CA ARG A 269 -30.34 4.43 -8.07
C ARG A 269 -28.98 3.75 -8.12
N ASN A 270 -28.20 3.85 -7.04
CA ASN A 270 -26.93 3.14 -6.89
C ASN A 270 -26.92 2.45 -5.54
N THR A 271 -26.16 1.35 -5.44
CA THR A 271 -26.01 0.75 -4.12
C THR A 271 -25.35 1.71 -3.16
N ALA A 272 -24.43 2.54 -3.66
CA ALA A 272 -23.72 3.51 -2.84
C ALA A 272 -23.13 4.57 -3.75
N ALA A 273 -22.96 5.78 -3.21
CA ALA A 273 -22.42 6.87 -4.01
C ALA A 273 -21.48 7.72 -3.17
N LEU A 274 -20.33 8.04 -3.75
CA LEU A 274 -19.40 9.02 -3.20
C LEU A 274 -19.51 10.26 -4.06
N VAL A 275 -19.87 11.40 -3.46
CA VAL A 275 -20.17 12.61 -4.18
C VAL A 275 -19.21 13.75 -3.83
N TYR A 276 -18.83 13.87 -2.56
CA TYR A 276 -17.94 14.95 -2.13
C TYR A 276 -17.28 14.49 -0.83
N CYS A 277 -16.05 13.97 -0.94
CA CYS A 277 -15.36 13.38 0.21
C CYS A 277 -13.97 12.97 -0.26
N HIS A 278 -13.10 12.69 0.71
CA HIS A 278 -11.81 12.10 0.37
C HIS A 278 -11.36 11.17 1.48
N ASP A 279 -10.41 10.30 1.14
CA ASP A 279 -9.80 9.32 2.03
C ASP A 279 -10.87 8.40 2.64
N VAL A 280 -11.43 7.57 1.77
CA VAL A 280 -12.46 6.61 2.13
C VAL A 280 -11.94 5.20 1.83
N THR A 281 -12.18 4.27 2.75
CA THR A 281 -11.73 2.90 2.55
C THR A 281 -12.89 1.93 2.76
N PHE A 282 -13.07 1.04 1.80
CA PHE A 282 -13.96 -0.10 1.93
C PHE A 282 -13.10 -1.36 1.96
N LYS A 283 -13.28 -2.19 2.99
CA LYS A 283 -12.58 -3.44 3.14
C LYS A 283 -13.59 -4.56 3.36
N ASN A 284 -13.53 -5.60 2.51
CA ASN A 284 -14.43 -6.76 2.62
C ASN A 284 -15.89 -6.32 2.64
N CYS A 285 -16.23 -5.37 1.78
CA CYS A 285 -17.60 -4.94 1.60
C CYS A 285 -18.08 -5.43 0.24
N THR A 286 -19.40 -5.50 0.06
CA THR A 286 -19.94 -5.87 -1.25
C THR A 286 -20.91 -4.80 -1.72
N PHE A 287 -21.08 -4.74 -3.03
CA PHE A 287 -22.03 -3.83 -3.68
C PHE A 287 -22.81 -4.66 -4.70
N GLN A 288 -24.09 -4.90 -4.45
CA GLN A 288 -24.82 -5.91 -5.20
C GLN A 288 -26.17 -5.38 -5.64
N GLN A 289 -26.44 -5.44 -6.95
CA GLN A 289 -27.78 -5.24 -7.52
C GLN A 289 -28.30 -6.58 -8.02
N LEU A 290 -28.86 -7.37 -7.12
CA LEU A 290 -29.32 -8.72 -7.44
C LEU A 290 -30.84 -8.84 -7.47
N LYS A 291 -31.56 -7.72 -7.57
CA LYS A 291 -33.02 -7.71 -7.67
C LYS A 291 -33.39 -7.02 -8.98
N PRO A 292 -33.32 -7.73 -10.11
CA PRO A 292 -33.50 -7.05 -11.41
C PRO A 292 -34.87 -6.43 -11.59
N GLU A 293 -35.89 -6.94 -10.91
CA GLU A 293 -37.22 -6.36 -11.01
C GLU A 293 -37.27 -4.95 -10.40
N LEU A 294 -36.38 -4.65 -9.46
CA LEU A 294 -36.28 -3.31 -8.88
C LEU A 294 -35.25 -2.54 -9.70
N THR A 295 -35.73 -1.90 -10.76
CA THR A 295 -34.86 -1.28 -11.74
C THR A 295 -34.01 -0.18 -11.09
N TRP A 296 -32.78 -0.02 -11.58
CA TRP A 296 -31.81 0.86 -10.95
C TRP A 296 -30.94 1.52 -12.04
N VAL A 297 -30.01 2.37 -11.60
CA VAL A 297 -29.26 3.22 -12.54
C VAL A 297 -27.84 2.70 -12.72
N TYR A 298 -27.04 2.71 -11.66
CA TYR A 298 -25.69 2.18 -11.71
C TYR A 298 -25.46 1.26 -10.52
N LEU A 299 -24.28 0.63 -10.51
CA LEU A 299 -23.92 -0.25 -9.40
C LEU A 299 -23.27 0.54 -8.27
N PHE A 300 -22.14 1.18 -8.55
CA PHE A 300 -21.39 1.94 -7.56
C PHE A 300 -20.92 3.22 -8.23
N ASP A 301 -21.19 4.37 -7.64
CA ASP A 301 -21.07 5.64 -8.37
C ASP A 301 -20.20 6.62 -7.58
N ILE A 302 -19.00 6.89 -8.10
CA ILE A 302 -18.22 8.04 -7.66
C ILE A 302 -18.54 9.16 -8.65
N GLU A 303 -19.46 10.06 -8.27
CA GLU A 303 -19.93 11.08 -9.19
C GLU A 303 -20.17 12.41 -8.48
N PRO A 304 -19.16 13.27 -8.41
CA PRO A 304 -19.39 14.67 -8.04
C PRO A 304 -20.43 15.32 -8.96
N ASN A 305 -21.29 16.13 -8.37
CA ASN A 305 -22.32 16.77 -9.16
C ASN A 305 -21.70 17.79 -10.12
N PRO A 306 -22.13 17.83 -11.38
CA PRO A 306 -21.58 18.82 -12.32
C PRO A 306 -21.82 20.22 -11.80
N ALA A 307 -20.88 21.11 -12.12
CA ALA A 307 -21.01 22.54 -11.83
C ALA A 307 -21.19 22.82 -10.34
N THR A 308 -20.57 21.99 -9.48
CA THR A 308 -20.49 22.27 -8.05
C THR A 308 -19.04 22.12 -7.62
N THR A 309 -18.80 22.39 -6.34
CA THR A 309 -17.51 22.17 -5.74
C THR A 309 -17.31 20.73 -5.29
N ASP A 310 -18.23 19.83 -5.63
CA ASP A 310 -18.06 18.42 -5.30
C ASP A 310 -16.73 17.89 -5.84
N THR A 311 -16.05 17.10 -5.02
CA THR A 311 -14.85 16.41 -5.47
C THR A 311 -14.68 15.16 -4.64
N VAL A 312 -14.15 14.10 -5.28
CA VAL A 312 -13.90 12.83 -4.61
C VAL A 312 -12.52 12.34 -4.99
N TYR A 313 -11.72 11.97 -3.99
CA TYR A 313 -10.39 11.48 -4.27
C TYR A 313 -9.91 10.68 -3.07
N ASN A 314 -8.87 9.87 -3.28
CA ASN A 314 -8.28 9.02 -2.24
C ASN A 314 -9.30 8.01 -1.72
N VAL A 315 -9.63 7.05 -2.59
CA VAL A 315 -10.59 6.00 -2.26
C VAL A 315 -9.92 4.66 -2.49
N THR A 316 -10.02 3.76 -1.51
CA THR A 316 -9.42 2.44 -1.61
C THR A 316 -10.48 1.39 -1.36
N LEU A 317 -10.64 0.48 -2.32
CA LEU A 317 -11.55 -0.65 -2.21
C LEU A 317 -10.71 -1.93 -2.19
N ILE A 318 -10.66 -2.60 -1.03
CA ILE A 318 -9.83 -3.77 -0.81
C ILE A 318 -10.75 -4.97 -0.60
N ASN A 319 -10.55 -6.01 -1.40
CA ASN A 319 -11.26 -7.29 -1.21
C ASN A 319 -12.77 -7.06 -1.18
N CYS A 320 -13.26 -6.24 -2.10
CA CYS A 320 -14.68 -5.95 -2.23
C CYS A 320 -15.25 -6.71 -3.42
N VAL A 321 -16.57 -6.88 -3.40
CA VAL A 321 -17.30 -7.52 -4.49
C VAL A 321 -18.25 -6.51 -5.11
N PHE A 322 -18.19 -6.37 -6.43
CA PHE A 322 -19.17 -5.63 -7.20
C PHE A 322 -19.91 -6.63 -8.07
N ASN A 323 -21.22 -6.72 -7.89
CA ASN A 323 -21.99 -7.79 -8.50
C ASN A 323 -23.32 -7.24 -9.00
N ALA A 324 -23.64 -7.50 -10.25
CA ALA A 324 -24.89 -7.00 -10.80
C ALA A 324 -25.45 -8.02 -11.79
N LEU A 325 -26.77 -8.16 -11.77
CA LEU A 325 -27.49 -8.87 -12.80
C LEU A 325 -28.16 -7.86 -13.72
N ALA A 326 -28.38 -8.28 -14.96
CA ALA A 326 -29.00 -7.38 -15.92
C ALA A 326 -30.35 -6.89 -15.39
N SER A 327 -30.63 -5.61 -15.62
CA SER A 327 -31.89 -5.01 -15.21
C SER A 327 -32.33 -3.97 -16.22
N ALA A 328 -33.64 -3.86 -16.43
CA ALA A 328 -34.18 -2.95 -17.44
C ALA A 328 -33.77 -1.50 -17.18
N GLY A 329 -33.05 -0.92 -18.14
CA GLY A 329 -32.56 0.44 -18.04
C GLY A 329 -31.30 0.62 -17.22
N ALA A 330 -30.82 -0.42 -16.55
CA ALA A 330 -29.66 -0.32 -15.67
C ALA A 330 -28.36 -0.44 -16.45
N GLU A 331 -27.35 0.31 -16.00
CA GLU A 331 -25.99 0.20 -16.48
C GLU A 331 -25.14 -0.37 -15.35
N PRO A 332 -24.58 -1.59 -15.50
CA PRO A 332 -23.93 -2.27 -14.38
C PRO A 332 -22.50 -1.83 -14.11
N THR A 333 -22.33 -0.53 -13.92
CA THR A 333 -21.00 0.06 -13.90
C THR A 333 -20.61 0.54 -12.51
N VAL A 334 -19.31 0.56 -12.29
CA VAL A 334 -18.63 1.14 -11.15
C VAL A 334 -17.92 2.37 -11.70
N LEU A 335 -18.49 3.54 -11.44
CA LEU A 335 -18.06 4.76 -12.11
C LEU A 335 -17.03 5.49 -11.26
N VAL A 336 -15.99 6.00 -11.92
CA VAL A 336 -15.04 6.90 -11.30
C VAL A 336 -15.07 8.22 -12.07
N LYS A 337 -15.45 9.29 -11.39
CA LYS A 337 -15.48 10.61 -12.02
C LYS A 337 -14.55 11.54 -11.26
N GLU A 338 -13.42 11.86 -11.87
CA GLU A 338 -12.54 12.88 -11.35
C GLU A 338 -13.14 14.25 -11.65
N GLN A 339 -13.23 15.10 -10.63
CA GLN A 339 -13.71 16.47 -10.84
C GLN A 339 -13.08 17.38 -9.80
N ASN A 340 -12.28 18.35 -10.26
CA ASN A 340 -11.74 19.40 -9.39
C ASN A 340 -10.95 18.83 -8.22
N THR A 341 -10.31 17.68 -8.41
CA THR A 341 -9.50 17.11 -7.34
C THR A 341 -8.19 17.90 -7.22
N PRO A 342 -7.62 17.96 -6.01
CA PRO A 342 -6.43 18.80 -5.81
C PRO A 342 -5.23 18.41 -6.66
N THR A 343 -5.03 17.12 -6.92
CA THR A 343 -3.87 16.72 -7.72
C THR A 343 -4.22 16.37 -9.15
N GLY A 344 -5.50 16.30 -9.51
CA GLY A 344 -5.86 15.89 -10.84
C GLY A 344 -6.03 14.40 -11.02
N SER A 345 -5.73 13.60 -9.99
CA SER A 345 -6.01 12.18 -9.97
C SER A 345 -7.08 11.90 -8.92
N PRO A 346 -8.06 11.05 -9.23
CA PRO A 346 -8.99 10.63 -8.18
C PRO A 346 -8.35 9.68 -7.17
N ASN A 347 -7.17 9.13 -7.49
CA ASN A 347 -6.44 8.25 -6.59
C ASN A 347 -7.36 7.17 -6.01
N VAL A 348 -8.05 6.50 -6.93
CA VAL A 348 -8.99 5.43 -6.65
C VAL A 348 -8.30 4.11 -6.97
N LYS A 349 -8.28 3.20 -6.01
CA LYS A 349 -7.59 1.93 -6.18
C LYS A 349 -8.55 0.78 -6.00
N PHE A 350 -8.54 -0.15 -6.95
CA PHE A 350 -9.29 -1.41 -6.84
C PHE A 350 -8.27 -2.51 -6.59
N LEU A 351 -8.28 -3.04 -5.37
CA LEU A 351 -7.32 -4.04 -4.90
C LEU A 351 -8.07 -5.29 -4.44
N ASN A 352 -7.67 -6.45 -4.96
CA ASN A 352 -8.20 -7.75 -4.55
C ASN A 352 -9.73 -7.83 -4.70
N CYS A 353 -10.29 -7.07 -5.64
CA CYS A 353 -11.73 -7.00 -5.80
C CYS A 353 -12.21 -7.98 -6.85
N ARG A 354 -13.51 -8.27 -6.81
CA ARG A 354 -14.14 -9.18 -7.75
C ARG A 354 -15.34 -8.49 -8.38
N PHE A 355 -15.34 -8.43 -9.70
CA PHE A 355 -16.44 -7.88 -10.48
C PHE A 355 -17.20 -9.07 -11.05
N LYS A 356 -18.41 -9.29 -10.55
CA LYS A 356 -19.19 -10.48 -10.86
C LYS A 356 -20.41 -10.11 -11.67
N GLY A 357 -20.93 -11.09 -12.40
CA GLY A 357 -22.12 -10.88 -13.19
C GLY A 357 -21.89 -9.89 -14.30
N LYS A 358 -22.59 -8.76 -14.26
CA LYS A 358 -22.41 -7.74 -15.29
C LYS A 358 -21.46 -6.63 -14.87
N ALA A 359 -20.93 -6.66 -13.65
CA ALA A 359 -20.19 -5.52 -13.14
C ALA A 359 -18.93 -5.24 -13.95
N THR A 360 -18.65 -3.96 -14.17
CA THR A 360 -17.52 -3.50 -14.98
C THR A 360 -17.17 -2.06 -14.58
N ILE A 361 -15.93 -1.67 -14.83
CA ILE A 361 -15.45 -0.34 -14.46
C ILE A 361 -15.78 0.65 -15.57
N ARG A 362 -16.32 1.82 -15.21
CA ARG A 362 -16.60 2.87 -16.16
C ARG A 362 -15.76 4.11 -15.86
N ASN A 363 -14.94 4.51 -16.83
CA ASN A 363 -14.20 5.75 -16.75
C ASN A 363 -15.14 6.90 -17.05
N ASN A 364 -15.41 7.73 -16.07
CA ASN A 364 -16.28 8.89 -16.28
C ASN A 364 -15.53 10.20 -16.09
N CYS A 365 -14.24 10.23 -16.42
CA CYS A 365 -13.38 11.41 -16.23
C CYS A 365 -13.34 12.21 -17.51
N ALA A 366 -13.95 13.41 -17.50
CA ALA A 366 -14.00 14.24 -18.69
C ALA A 366 -12.62 14.77 -19.08
N ASN A 367 -11.75 15.01 -18.10
N ASN A 367 -11.74 15.01 -18.10
CA ASN A 367 -10.42 15.50 -18.36
CA ASN A 367 -10.40 15.50 -18.35
C ASN A 367 -9.37 14.39 -18.23
C ASN A 367 -9.35 14.38 -18.26
N GLY A 368 -9.78 13.13 -18.42
CA GLY A 368 -8.88 11.99 -18.34
C GLY A 368 -8.69 11.43 -16.95
N TRP A 369 -8.55 10.10 -16.84
CA TRP A 369 -8.36 9.42 -15.57
C TRP A 369 -6.86 9.19 -15.36
N LYS A 370 -6.26 9.95 -14.45
CA LYS A 370 -4.84 9.87 -14.17
C LYS A 370 -4.61 8.88 -13.03
N ASP A 371 -3.62 7.98 -13.22
CA ASP A 371 -3.20 6.99 -12.24
C ASP A 371 -4.33 6.07 -11.79
N CYS A 372 -4.97 5.44 -12.77
CA CYS A 372 -5.96 4.39 -12.51
C CYS A 372 -5.27 3.09 -12.08
N ILE A 373 -5.71 2.53 -10.94
CA ILE A 373 -5.08 1.37 -10.32
C ILE A 373 -6.10 0.22 -10.21
N VAL A 374 -5.82 -0.87 -10.91
CA VAL A 374 -6.60 -2.11 -10.80
C VAL A 374 -5.60 -3.25 -10.62
N ASP A 375 -5.62 -3.88 -9.45
CA ASP A 375 -4.60 -4.87 -9.12
C ASP A 375 -5.21 -6.08 -8.42
N ASN A 376 -4.86 -7.27 -8.91
CA ASN A 376 -5.30 -8.54 -8.33
C ASN A 376 -6.83 -8.62 -8.22
N CYS A 377 -7.50 -8.11 -9.25
CA CYS A 377 -8.95 -8.14 -9.36
C CYS A 377 -9.41 -9.22 -10.34
N GLU A 378 -10.68 -9.62 -10.20
CA GLU A 378 -11.31 -10.59 -11.09
C GLU A 378 -12.46 -9.93 -11.84
N PHE A 379 -12.60 -10.27 -13.11
CA PHE A 379 -13.64 -9.70 -13.97
C PHE A 379 -14.41 -10.82 -14.65
N ASP A 380 -15.73 -10.87 -14.44
CA ASP A 380 -16.58 -11.83 -15.16
C ASP A 380 -16.83 -11.42 -16.60
N THR A 381 -16.73 -10.13 -16.91
CA THR A 381 -17.00 -9.62 -18.24
C THR A 381 -15.97 -8.55 -18.56
N LEU A 382 -16.30 -7.59 -19.42
CA LEU A 382 -15.39 -6.49 -19.76
C LEU A 382 -14.82 -5.86 -18.49
N ALA A 383 -13.52 -5.58 -18.51
CA ALA A 383 -12.94 -4.85 -17.39
C ALA A 383 -13.39 -3.39 -17.39
N PHE A 384 -13.47 -2.75 -18.56
CA PHE A 384 -13.80 -1.33 -18.67
C PHE A 384 -14.91 -1.15 -19.69
N SER A 385 -15.90 -0.33 -19.34
CA SER A 385 -16.97 0.04 -20.26
C SER A 385 -17.14 1.55 -20.17
N THR A 386 -16.62 2.26 -21.16
CA THR A 386 -16.68 3.71 -21.18
C THR A 386 -17.91 4.15 -21.97
N THR A 387 -18.91 4.70 -21.27
CA THR A 387 -20.11 5.13 -21.97
C THR A 387 -19.83 6.35 -22.83
N THR A 388 -19.09 7.32 -22.31
CA THR A 388 -18.88 8.59 -23.01
C THR A 388 -17.73 8.44 -24.00
N THR A 389 -18.06 8.52 -25.29
CA THR A 389 -17.06 8.40 -26.33
C THR A 389 -16.04 9.53 -26.26
N GLY A 390 -14.76 9.17 -26.19
CA GLY A 390 -13.70 10.14 -26.11
C GLY A 390 -13.04 10.25 -24.76
N TYR A 391 -13.62 9.69 -23.70
CA TYR A 391 -12.96 9.72 -22.41
C TYR A 391 -11.74 8.81 -22.44
N VAL A 392 -10.69 9.22 -21.73
CA VAL A 392 -9.41 8.55 -21.81
C VAL A 392 -8.96 8.16 -20.42
N ILE A 393 -8.31 7.01 -20.31
CA ILE A 393 -7.54 6.68 -19.12
C ILE A 393 -6.11 7.11 -19.41
N THR A 394 -5.71 8.22 -18.80
CA THR A 394 -4.44 8.85 -19.13
C THR A 394 -3.26 8.00 -18.73
N SER A 395 -3.30 7.43 -17.53
CA SER A 395 -2.19 6.62 -17.06
C SER A 395 -2.68 5.66 -16.01
N GLY A 396 -1.86 4.68 -15.71
CA GLY A 396 -2.15 3.78 -14.62
C GLY A 396 -1.49 2.43 -14.82
N ARG A 397 -1.86 1.53 -13.92
CA ARG A 397 -1.33 0.18 -13.82
C ARG A 397 -2.49 -0.78 -13.66
N PHE A 398 -2.63 -1.69 -14.62
CA PHE A 398 -3.62 -2.76 -14.63
C PHE A 398 -2.83 -4.07 -14.49
N THR A 399 -2.64 -4.52 -13.25
CA THR A 399 -1.68 -5.56 -12.94
C THR A 399 -2.34 -6.75 -12.24
N ASN A 400 -1.89 -7.95 -12.63
CA ASN A 400 -2.22 -9.17 -11.91
C ASN A 400 -3.73 -9.38 -11.80
N ASN A 401 -4.48 -8.99 -12.82
CA ASN A 401 -5.90 -9.20 -12.85
C ASN A 401 -6.22 -10.38 -13.76
N THR A 402 -7.42 -10.92 -13.59
CA THR A 402 -7.91 -11.99 -14.44
C THR A 402 -9.20 -11.52 -15.11
N LEU A 403 -9.26 -11.65 -16.42
CA LEU A 403 -10.51 -11.47 -17.15
C LEU A 403 -11.03 -12.86 -17.46
N TRP A 404 -12.07 -13.28 -16.73
CA TRP A 404 -12.58 -14.64 -16.88
C TRP A 404 -13.32 -14.82 -18.20
N GLY A 405 -13.89 -13.74 -18.75
CA GLY A 405 -14.64 -13.84 -19.99
C GLY A 405 -15.87 -14.72 -19.90
N LYS A 406 -16.54 -14.74 -18.75
CA LYS A 406 -17.74 -15.55 -18.60
C LYS A 406 -18.88 -14.99 -19.45
N ASP A 407 -18.98 -13.66 -19.54
CA ASP A 407 -20.02 -13.03 -20.34
C ASP A 407 -19.43 -12.52 -21.65
N LEU A 408 -19.12 -11.22 -21.70
CA LEU A 408 -18.46 -10.66 -22.88
C LEU A 408 -16.97 -11.00 -22.88
N LYS A 409 -16.42 -11.20 -24.08
CA LYS A 409 -15.05 -11.65 -24.25
C LYS A 409 -14.04 -10.52 -24.47
N GLY A 410 -14.48 -9.28 -24.58
CA GLY A 410 -13.57 -8.19 -24.87
C GLY A 410 -12.82 -7.70 -23.64
N PHE A 411 -11.77 -6.91 -23.89
CA PHE A 411 -11.09 -6.26 -22.77
C PHE A 411 -11.86 -5.04 -22.30
N SER A 412 -12.43 -4.27 -23.23
CA SER A 412 -13.08 -3.03 -22.89
C SER A 412 -14.05 -2.69 -24.01
N TYR A 413 -14.94 -1.75 -23.71
CA TYR A 413 -15.85 -1.20 -24.68
C TYR A 413 -15.61 0.30 -24.75
N ASN A 414 -15.39 0.82 -25.97
CA ASN A 414 -15.38 2.27 -26.21
C ASN A 414 -14.37 2.98 -25.32
N THR A 415 -13.25 2.32 -25.01
CA THR A 415 -12.26 2.84 -24.08
C THR A 415 -11.00 3.31 -24.83
N LEU A 416 -10.38 4.37 -24.32
CA LEU A 416 -9.14 4.92 -24.87
C LEU A 416 -8.13 5.08 -23.75
N VAL A 417 -6.88 4.68 -23.99
CA VAL A 417 -5.81 4.85 -23.01
C VAL A 417 -4.61 5.47 -23.71
N THR A 418 -3.57 5.72 -22.95
CA THR A 418 -2.29 6.14 -23.52
C THR A 418 -1.24 5.11 -23.15
N GLY A 419 -0.02 5.34 -23.64
CA GLY A 419 1.09 4.45 -23.34
C GLY A 419 1.50 4.43 -21.90
N ASP A 420 1.03 5.39 -21.10
CA ASP A 420 1.32 5.39 -19.67
C ASP A 420 0.30 4.57 -18.89
N PHE A 421 -0.56 3.83 -19.59
CA PHE A 421 -1.43 2.81 -18.99
C PHE A 421 -0.76 1.44 -19.19
N LEU A 422 -0.28 0.85 -18.09
CA LEU A 422 0.51 -0.37 -18.15
C LEU A 422 -0.35 -1.59 -17.86
N ILE A 423 -0.30 -2.56 -18.77
CA ILE A 423 -1.04 -3.81 -18.68
C ILE A 423 -0.03 -4.94 -18.54
N GLU A 424 0.03 -5.54 -17.35
CA GLU A 424 1.13 -6.40 -16.97
C GLU A 424 0.68 -7.45 -15.95
N GLY A 425 1.17 -8.68 -16.11
CA GLY A 425 0.93 -9.73 -15.15
C GLY A 425 -0.49 -10.28 -15.12
N ASN A 426 -1.31 -9.97 -16.12
CA ASN A 426 -2.73 -10.34 -16.13
C ASN A 426 -2.94 -11.72 -16.73
N ARG A 427 -4.06 -12.34 -16.36
CA ARG A 427 -4.52 -13.59 -16.97
C ARG A 427 -5.73 -13.30 -17.84
N PHE A 428 -5.57 -13.49 -19.14
CA PHE A 428 -6.61 -13.19 -20.11
C PHE A 428 -7.23 -14.51 -20.59
N GLN A 429 -8.39 -14.86 -20.03
CA GLN A 429 -9.10 -16.06 -20.46
C GLN A 429 -10.05 -15.68 -21.58
N ASP A 430 -9.73 -16.11 -22.79
CA ASP A 430 -10.50 -15.86 -24.01
C ASP A 430 -10.62 -14.38 -24.34
N THR A 431 -9.83 -13.52 -23.71
CA THR A 431 -9.94 -12.08 -23.93
C THR A 431 -9.53 -11.72 -25.36
N THR A 432 -10.42 -11.07 -26.09
CA THR A 432 -10.10 -10.61 -27.44
C THR A 432 -9.81 -9.12 -27.45
N PHE A 433 -8.72 -8.74 -28.11
CA PHE A 433 -8.40 -7.34 -28.39
C PHE A 433 -8.63 -7.02 -29.87
N GLU A 434 -9.34 -7.88 -30.60
CA GLU A 434 -9.64 -7.61 -32.01
C GLU A 434 -10.43 -6.31 -32.16
N ASN A 435 -9.92 -5.42 -33.01
CA ASN A 435 -10.50 -4.11 -33.29
C ASN A 435 -10.54 -3.20 -32.07
N ASN A 436 -9.78 -3.53 -31.03
CA ASN A 436 -9.72 -2.70 -29.83
C ASN A 436 -8.48 -1.83 -29.89
N ILE A 437 -8.69 -0.52 -30.03
CA ILE A 437 -7.59 0.42 -30.17
C ILE A 437 -6.70 0.43 -28.94
N VAL A 438 -7.22 0.01 -27.78
CA VAL A 438 -6.39 -0.05 -26.57
C VAL A 438 -5.15 -0.90 -26.82
N ALA A 439 -5.27 -1.94 -27.64
CA ALA A 439 -4.13 -2.80 -27.91
C ALA A 439 -3.00 -2.08 -28.63
N THR A 440 -3.29 -0.98 -29.33
CA THR A 440 -2.24 -0.21 -29.98
C THR A 440 -1.79 0.99 -29.17
N GLN A 441 -2.42 1.24 -28.02
CA GLN A 441 -2.14 2.41 -27.20
C GLN A 441 -1.39 2.08 -25.93
N ALA A 442 -1.84 1.06 -25.20
CA ALA A 442 -1.29 0.79 -23.88
C ALA A 442 0.10 0.18 -23.97
N SER A 443 0.82 0.26 -22.84
CA SER A 443 2.03 -0.50 -22.67
C SER A 443 1.65 -1.88 -22.14
N PHE A 444 2.22 -2.91 -22.75
CA PHE A 444 2.01 -4.31 -22.35
C PHE A 444 3.34 -4.88 -21.89
N GLY A 445 3.36 -5.42 -20.69
CA GLY A 445 4.45 -6.27 -20.23
C GLY A 445 4.16 -7.73 -20.48
N VAL A 446 4.71 -8.58 -19.63
CA VAL A 446 4.33 -9.98 -19.65
C VAL A 446 2.87 -10.11 -19.21
N ASN A 447 2.09 -10.87 -19.97
CA ASN A 447 0.74 -11.27 -19.60
C ASN A 447 0.53 -12.73 -20.00
N THR A 448 -0.48 -13.37 -19.42
CA THR A 448 -0.79 -14.75 -19.72
C THR A 448 -2.08 -14.83 -20.54
N PHE A 449 -2.00 -15.47 -21.71
CA PHE A 449 -3.14 -15.56 -22.61
C PHE A 449 -3.65 -17.00 -22.63
N LEU A 450 -4.93 -17.16 -22.27
CA LEU A 450 -5.55 -18.47 -22.10
C LEU A 450 -6.72 -18.63 -23.07
N GLY A 451 -7.00 -19.88 -23.39
CA GLY A 451 -8.10 -20.17 -24.29
C GLY A 451 -7.84 -19.53 -25.64
N THR A 452 -8.85 -18.85 -26.16
CA THR A 452 -8.77 -18.18 -27.45
C THR A 452 -8.36 -16.71 -27.35
N ALA A 453 -7.65 -16.32 -26.28
CA ALA A 453 -7.30 -14.92 -26.09
C ALA A 453 -6.34 -14.42 -27.18
N THR A 454 -6.52 -13.16 -27.58
CA THR A 454 -5.64 -12.50 -28.54
C THR A 454 -4.30 -12.23 -27.88
N VAL A 455 -3.25 -12.90 -28.36
CA VAL A 455 -1.93 -12.75 -27.78
C VAL A 455 -1.36 -11.40 -28.18
N ILE A 456 -1.05 -10.56 -27.21
CA ILE A 456 -0.41 -9.27 -27.42
C ILE A 456 1.05 -9.41 -26.99
N GLN A 457 1.95 -9.19 -27.94
CA GLN A 457 3.36 -9.19 -27.61
C GLN A 457 3.65 -8.02 -26.67
N PRO A 458 4.57 -8.18 -25.73
CA PRO A 458 4.96 -7.05 -24.89
C PRO A 458 5.50 -5.91 -25.74
N VAL A 459 5.11 -4.68 -25.39
CA VAL A 459 5.51 -3.50 -26.14
C VAL A 459 5.49 -2.31 -25.20
N ASP A 460 6.56 -1.51 -25.24
CA ASP A 460 6.69 -0.35 -24.37
C ASP A 460 6.25 0.90 -25.12
N ARG A 461 5.29 1.63 -24.55
CA ARG A 461 4.79 2.89 -25.10
C ARG A 461 4.79 3.99 -24.05
N ARG A 462 5.54 3.80 -22.96
CA ARG A 462 5.53 4.78 -21.88
C ARG A 462 6.30 6.03 -22.27
N THR A 463 5.87 7.16 -21.73
CA THR A 463 6.50 8.43 -22.04
C THR A 463 7.93 8.50 -21.49
N ILE A 464 8.16 7.93 -20.31
CA ILE A 464 9.47 8.04 -19.68
C ILE A 464 10.56 7.44 -20.57
N THR A 465 10.21 6.45 -21.39
CA THR A 465 11.15 5.78 -22.26
C THR A 465 11.04 6.19 -23.71
N GLN A 466 10.27 7.24 -24.01
CA GLN A 466 10.06 7.55 -25.42
C GLN A 466 11.36 7.94 -26.13
N GLN A 467 12.34 8.48 -25.40
CA GLN A 467 13.60 8.87 -26.03
C GLN A 467 14.37 7.66 -26.58
N TYR A 468 14.05 6.45 -26.13
CA TYR A 468 14.66 5.27 -26.69
C TYR A 468 13.94 4.77 -27.93
N ARG A 469 12.76 5.30 -28.23
CA ARG A 469 11.99 4.83 -29.37
C ARG A 469 11.99 5.79 -30.55
N ASN A 470 12.23 7.07 -30.32
CA ASN A 470 12.39 7.92 -31.48
C ASN A 470 13.74 7.62 -32.12
N LEU A 471 13.87 8.00 -33.39
CA LEU A 471 15.20 8.09 -33.94
C LEU A 471 15.99 9.06 -33.07
N PRO A 472 17.19 8.70 -32.64
CA PRO A 472 17.95 9.59 -31.76
C PRO A 472 18.61 10.71 -32.56
N ASP A 473 19.09 11.73 -31.85
CA ASP A 473 19.79 12.84 -32.49
C ASP A 473 21.27 12.57 -32.72
N ILE A 474 21.81 11.48 -32.17
CA ILE A 474 23.17 11.05 -32.45
C ILE A 474 23.18 9.54 -32.37
N SER A 475 23.99 8.91 -33.21
CA SER A 475 23.97 7.46 -33.30
C SER A 475 25.38 6.95 -33.48
N GLY A 476 25.58 5.68 -33.14
CA GLY A 476 26.87 5.08 -33.44
C GLY A 476 27.19 3.88 -32.57
N VAL A 477 28.50 3.64 -32.43
CA VAL A 477 29.01 2.42 -31.83
C VAL A 477 30.42 2.71 -31.36
N LYS A 478 30.88 1.97 -30.35
CA LYS A 478 32.20 2.18 -29.80
C LYS A 478 32.85 0.84 -29.47
N SER A 479 34.14 0.89 -29.25
CA SER A 479 34.89 -0.26 -28.81
C SER A 479 34.64 -0.51 -27.32
N PRO A 480 34.66 -1.79 -26.89
CA PRO A 480 34.56 -2.09 -25.45
C PRO A 480 35.71 -1.51 -24.65
N ILE A 481 36.86 -1.26 -25.28
CA ILE A 481 38.02 -0.65 -24.62
C ILE A 481 37.91 0.87 -24.54
N ASN A 482 36.89 1.47 -25.18
CA ASN A 482 36.72 2.93 -25.19
C ASN A 482 37.90 3.65 -25.84
N ASP A 483 38.46 3.08 -26.89
CA ASP A 483 39.48 3.77 -27.65
C ASP A 483 39.15 3.79 -29.14
N ALA A 484 37.88 3.61 -29.51
CA ALA A 484 37.44 3.67 -30.88
C ALA A 484 35.98 4.06 -30.90
N TYR A 485 35.64 5.08 -31.70
CA TYR A 485 34.30 5.64 -31.70
C TYR A 485 33.82 5.93 -33.12
N PHE A 486 32.53 5.69 -33.33
CA PHE A 486 31.84 6.05 -34.56
C PHE A 486 30.57 6.78 -34.17
N ASN A 487 30.47 8.06 -34.52
CA ASN A 487 29.31 8.88 -34.23
C ASN A 487 28.81 9.52 -35.50
N THR A 488 27.50 9.55 -35.65
CA THR A 488 26.89 10.10 -36.84
C THR A 488 25.79 11.09 -36.43
N GLU A 489 25.80 12.25 -37.08
CA GLU A 489 24.76 13.27 -36.93
C GLU A 489 24.30 13.72 -38.32
N ILE A 490 23.15 14.40 -38.36
CA ILE A 490 22.52 14.72 -39.63
C ILE A 490 21.77 16.04 -39.50
N ARG A 491 21.87 16.87 -40.54
CA ARG A 491 21.26 18.20 -40.52
C ARG A 491 20.61 18.46 -41.86
N ASN A 492 19.61 19.34 -41.84
CA ASN A 492 18.95 19.84 -43.04
C ASN A 492 19.58 21.17 -43.40
N PHE A 493 19.91 21.36 -44.68
CA PHE A 493 20.51 22.61 -45.14
C PHE A 493 19.73 23.16 -46.31
N ASN A 494 19.40 24.43 -46.21
CA ASN A 494 18.76 25.18 -47.29
C ASN A 494 19.88 25.97 -47.98
N LEU A 495 20.32 25.48 -49.15
CA LEU A 495 21.45 26.10 -49.85
C LEU A 495 20.97 27.10 -50.89
N ASP A 496 21.65 28.25 -50.94
CA ASP A 496 21.45 29.23 -51.98
C ASP A 496 22.71 29.26 -52.85
N LEU A 497 22.86 30.29 -53.67
CA LEU A 497 23.98 30.31 -54.61
C LEU A 497 25.29 30.76 -54.00
N ASN A 498 25.29 31.28 -52.78
CA ASN A 498 26.53 31.68 -52.13
C ASN A 498 27.06 30.53 -51.29
N PHE A 499 28.38 30.34 -51.32
CA PHE A 499 28.99 29.33 -50.45
C PHE A 499 28.76 29.70 -49.00
N LYS A 500 28.41 28.69 -48.20
CA LYS A 500 28.09 28.88 -46.79
C LYS A 500 28.84 27.84 -45.97
N GLU A 501 29.62 28.30 -44.99
CA GLU A 501 30.26 27.38 -44.05
C GLU A 501 29.20 26.61 -43.27
N VAL A 502 29.28 25.27 -43.27
CA VAL A 502 28.26 24.47 -42.60
C VAL A 502 28.86 23.69 -41.42
N LEU A 503 30.12 23.25 -41.51
CA LEU A 503 30.66 22.44 -40.42
C LEU A 503 32.18 22.47 -40.43
N THR A 504 32.75 22.04 -39.30
CA THR A 504 34.19 21.87 -39.12
C THR A 504 34.43 20.50 -38.51
N VAL A 505 35.20 19.67 -39.19
CA VAL A 505 35.48 18.31 -38.72
C VAL A 505 36.56 18.38 -37.66
N PRO A 506 36.54 17.51 -36.65
CA PRO A 506 37.54 17.57 -35.59
C PRO A 506 38.88 17.01 -36.06
N LEU A 507 39.90 17.27 -35.25
CA LEU A 507 41.21 16.66 -35.48
C LEU A 507 41.17 15.18 -35.11
N ARG A 508 42.28 14.49 -35.38
CA ARG A 508 42.48 13.11 -34.93
C ARG A 508 41.28 12.23 -35.28
N SER A 509 40.78 12.36 -36.51
CA SER A 509 39.56 11.66 -36.84
C SER A 509 39.48 11.50 -38.35
N GLY A 510 38.75 10.48 -38.77
CA GLY A 510 38.36 10.32 -40.16
C GLY A 510 36.86 10.57 -40.27
N CYS A 511 36.45 11.29 -41.29
CA CYS A 511 35.06 11.67 -41.43
C CYS A 511 34.58 11.39 -42.85
N LYS A 512 33.36 10.92 -42.97
CA LYS A 512 32.67 10.78 -44.23
C LYS A 512 31.38 11.60 -44.17
N ILE A 513 31.24 12.55 -45.10
CA ILE A 513 30.06 13.43 -45.18
C ILE A 513 29.27 13.02 -46.41
N THR A 514 27.99 12.71 -46.23
CA THR A 514 27.10 12.35 -47.34
C THR A 514 26.11 13.48 -47.57
N ILE A 515 26.04 13.98 -48.80
CA ILE A 515 25.19 15.10 -49.15
C ILE A 515 24.22 14.59 -50.20
N THR A 516 22.93 14.78 -49.97
CA THR A 516 21.95 14.32 -50.95
C THR A 516 20.74 15.25 -50.92
N GLY A 517 19.98 15.25 -52.00
CA GLY A 517 18.79 16.09 -52.07
C GLY A 517 17.59 15.46 -51.37
N ALA A 518 16.70 16.32 -50.86
CA ALA A 518 15.42 15.90 -50.29
C ALA A 518 14.42 17.02 -50.55
N ASP A 519 14.28 17.37 -51.82
CA ASP A 519 13.60 18.60 -52.21
C ASP A 519 12.13 18.34 -52.51
N ALA A 520 11.27 19.27 -52.07
CA ALA A 520 9.85 19.18 -52.31
C ALA A 520 9.42 19.82 -53.62
N THR A 521 10.35 20.42 -54.36
CA THR A 521 10.03 21.01 -55.66
C THR A 521 9.80 19.93 -56.72
N THR A 522 8.85 20.20 -57.62
CA THR A 522 8.58 19.32 -58.75
C THR A 522 9.55 19.61 -59.89
N ASN A 523 10.18 18.56 -60.43
CA ASN A 523 11.06 18.61 -61.62
C ASN A 523 12.41 19.31 -61.38
N ALA A 524 12.40 20.47 -60.71
CA ALA A 524 13.60 21.29 -60.57
C ALA A 524 14.21 21.21 -59.17
N GLY A 525 13.88 20.18 -58.41
CA GLY A 525 14.46 20.03 -57.11
C GLY A 525 15.90 19.54 -57.19
N SER A 526 16.54 19.49 -56.03
CA SER A 526 17.94 19.11 -55.99
C SER A 526 18.12 17.63 -56.31
N LYS A 527 19.21 17.31 -56.99
CA LYS A 527 19.58 15.93 -57.29
C LYS A 527 21.07 15.80 -57.06
N ALA A 528 21.44 15.06 -56.02
CA ALA A 528 22.84 14.90 -55.68
C ALA A 528 22.98 13.75 -54.71
N TYR A 529 24.10 13.04 -54.85
CA TYR A 529 24.56 12.09 -53.83
C TYR A 529 26.09 12.15 -53.88
N VAL A 530 26.65 12.91 -52.95
CA VAL A 530 28.07 13.24 -52.95
C VAL A 530 28.66 12.78 -51.63
N GLU A 531 29.79 12.07 -51.70
CA GLU A 531 30.51 11.65 -50.51
C GLU A 531 31.82 12.43 -50.42
N LEU A 532 32.03 13.07 -49.29
CA LEU A 532 33.27 13.78 -49.00
C LEU A 532 33.96 13.08 -47.84
N PHE A 533 35.29 12.98 -47.92
CA PHE A 533 36.10 12.22 -46.97
C PHE A 533 37.20 13.10 -46.41
N VAL A 534 37.50 12.94 -45.12
CA VAL A 534 38.55 13.69 -44.45
C VAL A 534 39.28 12.76 -43.48
N ASN A 535 40.60 12.89 -43.40
CA ASN A 535 41.35 12.27 -42.32
C ASN A 535 42.35 13.29 -41.79
N SER A 536 42.43 13.40 -40.47
CA SER A 536 43.36 14.33 -39.84
C SER A 536 44.08 13.66 -38.70
N ASP A 537 45.35 14.04 -38.51
CA ASP A 537 46.02 13.72 -37.26
C ASP A 537 45.86 14.92 -36.32
N ASN A 538 46.88 15.22 -35.50
CA ASN A 538 46.71 16.30 -34.53
C ASN A 538 46.77 17.69 -35.16
N SER A 539 47.07 17.81 -36.45
CA SER A 539 47.15 19.15 -37.03
C SER A 539 46.88 19.17 -38.54
N THR A 540 47.16 18.07 -39.24
CA THR A 540 47.16 18.04 -40.70
C THR A 540 45.96 17.27 -41.24
N THR A 541 45.46 17.71 -42.39
CA THR A 541 44.20 17.22 -42.95
C THR A 541 44.33 16.94 -44.44
N ILE A 542 43.81 15.77 -44.87
CA ILE A 542 43.68 15.42 -46.28
C ILE A 542 42.20 15.18 -46.57
N THR A 543 41.74 15.60 -47.74
CA THR A 543 40.35 15.41 -48.15
C THR A 543 40.30 14.65 -49.48
N ALA A 544 39.12 14.09 -49.76
CA ALA A 544 38.83 13.44 -51.03
C ALA A 544 37.33 13.50 -51.23
N HIS A 545 36.90 13.30 -52.47
CA HIS A 545 35.51 13.42 -52.81
C HIS A 545 35.11 12.27 -53.72
N ASN A 546 33.82 11.98 -53.75
CA ASN A 546 33.25 10.94 -54.61
C ASN A 546 31.84 11.41 -54.96
N GLU A 547 31.68 11.97 -56.16
CA GLU A 547 30.37 12.44 -56.62
C GLU A 547 29.72 11.28 -57.37
N VAL A 548 28.82 10.57 -56.67
CA VAL A 548 28.08 9.48 -57.28
C VAL A 548 27.00 10.02 -58.20
N ILE A 549 26.24 11.00 -57.69
CA ILE A 549 25.25 11.76 -58.43
C ILE A 549 25.49 13.24 -58.14
N ASN A 550 25.55 14.06 -59.18
CA ASN A 550 25.66 15.50 -58.95
C ASN A 550 25.16 16.19 -60.23
N ASP A 551 23.89 16.51 -60.24
CA ASP A 551 23.31 17.11 -61.42
C ASP A 551 23.99 18.45 -61.71
N PRO A 552 24.44 18.69 -62.94
CA PRO A 552 25.16 19.95 -63.23
C PRO A 552 24.30 21.19 -63.05
N LEU A 553 22.99 21.06 -63.10
CA LEU A 553 22.08 22.18 -62.89
C LEU A 553 21.44 22.16 -61.49
N TYR A 554 21.19 20.97 -60.92
CA TYR A 554 20.47 20.86 -59.65
C TYR A 554 21.31 20.27 -58.53
N GLY A 555 22.62 20.14 -58.73
CA GLY A 555 23.50 19.54 -57.76
C GLY A 555 24.01 20.51 -56.71
N VAL A 556 25.15 20.15 -56.11
CA VAL A 556 25.71 20.85 -54.98
C VAL A 556 27.16 21.16 -55.26
N LYS A 557 27.64 22.26 -54.69
CA LYS A 557 29.04 22.65 -54.76
C LYS A 557 29.62 22.62 -53.35
N TYR A 558 30.87 22.19 -53.24
CA TYR A 558 31.51 22.06 -51.93
C TYR A 558 32.92 22.61 -52.01
N SER A 559 33.41 23.08 -50.87
CA SER A 559 34.73 23.67 -50.78
C SER A 559 35.24 23.51 -49.37
N TRP A 560 36.51 23.13 -49.26
CA TRP A 560 37.20 22.97 -47.99
C TRP A 560 38.15 24.12 -47.78
N SER A 561 38.16 24.66 -46.56
CA SER A 561 39.18 25.60 -46.11
C SER A 561 39.73 25.00 -44.82
N GLY A 562 40.85 24.30 -44.92
CA GLY A 562 41.31 23.50 -43.80
C GLY A 562 40.27 22.42 -43.50
N ARG A 563 39.76 22.42 -42.27
CA ARG A 563 38.79 21.43 -41.82
C ARG A 563 37.35 21.95 -41.85
N THR A 564 37.14 23.14 -42.40
CA THR A 564 35.80 23.74 -42.49
C THR A 564 35.23 23.53 -43.89
N LEU A 565 34.04 22.91 -43.95
CA LEU A 565 33.37 22.63 -45.20
C LEU A 565 32.34 23.72 -45.51
N SER A 566 32.33 24.19 -46.75
CA SER A 566 31.34 25.14 -47.24
C SER A 566 30.59 24.53 -48.41
N LEU A 567 29.29 24.79 -48.47
CA LEU A 567 28.43 24.23 -49.50
C LEU A 567 27.65 25.34 -50.17
N ALA A 568 27.22 25.08 -51.39
CA ALA A 568 26.39 26.03 -52.12
C ALA A 568 25.54 25.27 -53.13
N GLY A 569 24.38 25.84 -53.46
CA GLY A 569 23.54 25.31 -54.50
C GLY A 569 23.96 25.85 -55.85
N ILE A 570 23.31 25.34 -56.90
CA ILE A 570 23.55 25.76 -58.26
C ILE A 570 22.35 26.49 -58.84
N THR A 571 21.15 26.03 -58.53
CA THR A 571 19.93 26.69 -58.94
C THR A 571 19.03 26.82 -57.72
N LEU A 572 18.43 28.01 -57.57
CA LEU A 572 17.71 28.31 -56.34
C LEU A 572 16.59 27.31 -56.07
N SER A 573 15.92 26.83 -57.13
CA SER A 573 14.85 25.86 -56.92
C SER A 573 15.39 24.56 -56.36
N ALA A 574 16.66 24.26 -56.57
CA ALA A 574 17.27 23.05 -56.05
C ALA A 574 18.09 23.43 -54.82
N ASN A 575 17.39 23.51 -53.68
CA ASN A 575 17.95 24.10 -52.48
C ASN A 575 17.98 23.21 -51.25
N THR A 576 17.17 22.15 -51.18
CA THR A 576 17.06 21.36 -49.96
C THR A 576 18.01 20.16 -50.02
N PHE A 577 18.98 20.14 -49.12
CA PHE A 577 19.94 19.06 -49.06
C PHE A 577 20.03 18.51 -47.64
N ILE A 578 20.23 17.20 -47.54
CA ILE A 578 20.48 16.54 -46.27
C ILE A 578 21.97 16.25 -46.18
N VAL A 579 22.57 16.54 -45.02
CA VAL A 579 24.00 16.35 -44.82
C VAL A 579 24.19 15.43 -43.61
N LYS A 580 24.78 14.27 -43.84
CA LYS A 580 25.07 13.31 -42.79
C LYS A 580 26.58 13.18 -42.63
N VAL A 581 27.04 13.18 -41.37
CA VAL A 581 28.46 13.05 -41.06
C VAL A 581 28.69 11.79 -40.24
N ASP A 582 29.68 11.00 -40.65
CA ASP A 582 30.17 9.86 -39.89
C ASP A 582 31.58 10.20 -39.41
N VAL A 583 31.81 10.13 -38.10
CA VAL A 583 33.10 10.48 -37.51
C VAL A 583 33.68 9.22 -36.87
N PHE A 584 34.91 8.91 -37.26
CA PHE A 584 35.71 7.83 -36.68
C PHE A 584 36.79 8.48 -35.82
N SER A 585 36.86 8.13 -34.54
CA SER A 585 37.86 8.76 -33.69
C SER A 585 38.29 7.79 -32.60
N ALA A 586 39.38 8.13 -31.91
CA ALA A 586 39.87 7.32 -30.80
C ALA A 586 39.40 7.81 -29.45
N LEU A 587 38.83 9.02 -29.39
CA LEU A 587 38.39 9.63 -28.15
C LEU A 587 37.07 10.33 -28.39
N PRO A 588 36.20 10.38 -27.39
CA PRO A 588 34.95 11.13 -27.56
C PRO A 588 35.18 12.60 -27.86
N GLN A 589 36.27 13.19 -27.36
CA GLN A 589 36.52 14.60 -27.59
C GLN A 589 36.70 14.93 -29.05
N TYR A 590 37.00 13.94 -29.89
CA TYR A 590 37.20 14.18 -31.31
C TYR A 590 36.16 13.44 -32.13
N SER A 591 34.96 13.25 -31.57
CA SER A 591 33.95 12.39 -32.16
C SER A 591 32.82 13.16 -32.84
N LYS A 592 32.80 14.49 -32.75
CA LYS A 592 31.68 15.25 -33.26
C LYS A 592 32.17 16.48 -34.02
N VAL A 593 31.50 16.78 -35.14
CA VAL A 593 31.80 17.98 -35.90
C VAL A 593 31.22 19.19 -35.17
N THR A 594 31.70 20.37 -35.56
CA THR A 594 31.10 21.62 -35.11
C THR A 594 30.20 22.12 -36.22
N TRP A 595 28.90 22.17 -35.95
CA TRP A 595 27.94 22.71 -36.90
C TRP A 595 27.97 24.23 -36.85
N LEU A 596 27.96 24.85 -38.02
CA LEU A 596 28.08 26.30 -38.11
C LEU A 596 26.75 26.95 -38.52
N SER B 18 -28.27 -4.36 51.40
CA SER B 18 -27.24 -3.58 50.73
C SER B 18 -27.03 -2.21 51.38
N VAL B 19 -25.78 -1.94 51.76
CA VAL B 19 -25.39 -0.71 52.44
C VAL B 19 -25.13 0.39 51.41
N GLN B 20 -25.53 1.61 51.75
CA GLN B 20 -25.27 2.76 50.89
C GLN B 20 -24.88 3.95 51.76
N VAL B 21 -23.65 4.44 51.58
CA VAL B 21 -23.13 5.57 52.34
C VAL B 21 -22.73 6.65 51.35
N ASP B 22 -22.38 7.83 51.87
CA ASP B 22 -22.19 9.02 51.05
C ASP B 22 -20.74 9.27 50.66
N SER B 23 -19.79 8.51 51.22
CA SER B 23 -18.38 8.74 50.95
C SER B 23 -17.57 7.53 51.41
N VAL B 24 -16.28 7.56 51.04
CA VAL B 24 -15.35 6.53 51.47
C VAL B 24 -15.09 6.65 52.98
N ASN B 25 -15.00 7.88 53.49
CA ASN B 25 -14.82 8.06 54.93
C ASN B 25 -15.95 7.41 55.72
N ALA B 26 -17.18 7.53 55.24
CA ALA B 26 -18.30 6.87 55.90
C ALA B 26 -18.19 5.35 55.80
N LEU B 27 -17.68 4.86 54.66
CA LEU B 27 -17.48 3.42 54.50
C LEU B 27 -16.50 2.90 55.53
N ARG B 28 -15.50 3.70 55.90
CA ARG B 28 -14.51 3.29 56.88
C ARG B 28 -15.12 3.10 58.27
N LYS B 29 -16.35 3.53 58.49
CA LYS B 29 -16.98 3.45 59.80
C LYS B 29 -18.05 2.37 59.88
N VAL B 30 -18.20 1.54 58.86
CA VAL B 30 -19.28 0.56 58.79
C VAL B 30 -18.71 -0.82 58.53
N LYS B 31 -19.11 -1.80 59.34
CA LYS B 31 -18.72 -3.19 59.13
C LYS B 31 -19.81 -3.90 58.34
N GLY B 32 -19.40 -4.85 57.51
CA GLY B 32 -20.37 -5.64 56.76
C GLY B 32 -21.06 -6.66 57.65
N LEU B 33 -22.35 -6.85 57.42
CA LEU B 33 -23.10 -7.80 58.23
C LEU B 33 -22.72 -9.24 57.88
N PHE B 34 -22.60 -9.56 56.60
CA PHE B 34 -22.33 -10.92 56.15
C PHE B 34 -21.22 -10.90 55.10
N HIS B 35 -20.74 -12.10 54.76
CA HIS B 35 -19.63 -12.21 53.81
C HIS B 35 -20.05 -11.65 52.45
N ASN B 36 -19.22 -10.74 51.93
CA ASN B 36 -19.42 -10.11 50.62
C ASN B 36 -20.76 -9.38 50.54
N GLN B 37 -21.05 -8.59 51.56
CA GLN B 37 -22.19 -7.69 51.47
C GLN B 37 -21.84 -6.54 50.53
N LYS B 38 -22.82 -6.10 49.76
CA LYS B 38 -22.63 -5.06 48.76
C LYS B 38 -22.77 -3.71 49.43
N ALA B 39 -21.83 -2.79 49.14
CA ALA B 39 -21.88 -1.42 49.63
C ALA B 39 -21.68 -0.48 48.45
N THR B 40 -22.39 0.64 48.46
CA THR B 40 -22.37 1.61 47.38
C THR B 40 -22.11 2.99 47.95
N THR B 41 -21.01 3.62 47.52
CA THR B 41 -20.72 4.98 47.92
C THR B 41 -21.39 5.93 46.95
N THR B 42 -22.01 6.98 47.50
CA THR B 42 -22.62 8.01 46.65
C THR B 42 -21.55 8.80 45.92
N SER B 43 -20.50 9.20 46.63
CA SER B 43 -19.33 9.82 46.05
C SER B 43 -18.10 9.22 46.71
N TYR B 44 -16.92 9.55 46.19
CA TYR B 44 -15.71 9.27 46.96
C TYR B 44 -15.60 10.24 48.13
N VAL B 45 -15.52 11.53 47.83
CA VAL B 45 -15.59 12.58 48.83
C VAL B 45 -17.04 13.03 48.92
N ALA B 46 -17.57 13.06 50.14
CA ALA B 46 -19.00 13.32 50.33
C ALA B 46 -19.41 14.63 49.70
N GLY B 47 -20.52 14.61 48.95
CA GLY B 47 -21.09 15.82 48.40
C GLY B 47 -20.50 16.31 47.10
N THR B 48 -19.60 15.55 46.49
CA THR B 48 -19.00 15.97 45.22
C THR B 48 -19.77 15.45 44.02
N GLY B 49 -20.50 14.35 44.19
CA GLY B 49 -21.25 13.75 43.10
C GLY B 49 -20.44 12.93 42.14
N PHE B 50 -19.17 12.65 42.42
CA PHE B 50 -18.38 11.81 41.54
C PHE B 50 -17.51 10.86 42.36
N GLY B 51 -17.08 9.78 41.71
CA GLY B 51 -16.22 8.80 42.32
C GLY B 51 -16.91 7.71 43.12
N GLY B 52 -18.23 7.75 43.23
CA GLY B 52 -18.92 6.66 43.90
C GLY B 52 -18.61 5.33 43.25
N ALA B 53 -18.70 4.26 44.03
CA ALA B 53 -18.27 2.95 43.53
C ALA B 53 -18.98 1.85 44.34
N THR B 54 -18.71 0.60 43.94
CA THR B 54 -19.31 -0.56 44.58
C THR B 54 -18.21 -1.39 45.23
N TYR B 55 -18.49 -1.86 46.46
CA TYR B 55 -17.53 -2.59 47.27
C TYR B 55 -18.16 -3.86 47.82
N LEU B 56 -17.32 -4.84 48.12
CA LEU B 56 -17.74 -6.09 48.74
C LEU B 56 -17.00 -6.27 50.07
N TRP B 57 -17.75 -6.73 51.06
CA TRP B 57 -17.20 -6.87 52.40
C TRP B 57 -16.35 -8.13 52.51
N ASP B 58 -15.14 -7.97 53.05
CA ASP B 58 -14.27 -9.10 53.40
C ASP B 58 -14.00 -9.02 54.90
N ALA B 59 -14.62 -9.92 55.67
CA ALA B 59 -14.49 -9.85 57.13
C ALA B 59 -13.07 -10.22 57.57
N ASN B 60 -12.37 -11.04 56.80
CA ASN B 60 -11.05 -11.52 57.19
C ASN B 60 -9.92 -10.65 56.70
N ASN B 61 -10.21 -9.66 55.85
CA ASN B 61 -9.16 -8.90 55.18
C ASN B 61 -8.32 -8.12 56.18
N THR B 62 -7.00 -8.24 56.05
CA THR B 62 -6.06 -7.49 56.87
C THR B 62 -5.09 -6.67 56.02
N ALA B 63 -5.41 -6.48 54.74
CA ALA B 63 -4.56 -5.70 53.84
C ALA B 63 -4.57 -4.22 54.23
N THR B 64 -3.57 -3.50 53.70
CA THR B 64 -3.44 -2.07 53.97
C THR B 64 -4.42 -1.25 53.13
N ASP B 65 -5.06 -0.28 53.78
CA ASP B 65 -5.96 0.65 53.11
C ASP B 65 -5.19 1.49 52.08
N ASP B 66 -5.64 1.45 50.83
CA ASP B 66 -4.98 2.16 49.75
C ASP B 66 -5.85 3.27 49.17
N GLY B 67 -7.01 3.54 49.78
CA GLY B 67 -7.92 4.55 49.28
C GLY B 67 -8.49 4.25 47.93
N LEU B 68 -8.42 2.99 47.49
CA LEU B 68 -8.90 2.62 46.17
C LEU B 68 -9.49 1.22 46.19
N SER B 69 -8.63 0.20 46.21
CA SER B 69 -9.09 -1.18 46.17
C SER B 69 -9.42 -1.75 47.55
N VAL B 70 -8.76 -1.24 48.60
CA VAL B 70 -8.93 -1.73 49.96
C VAL B 70 -9.33 -0.56 50.84
N ILE B 71 -10.55 -0.63 51.38
CA ILE B 71 -11.08 0.38 52.30
C ILE B 71 -11.24 -0.30 53.65
N ARG B 72 -10.28 -0.08 54.54
CA ARG B 72 -10.28 -0.71 55.85
C ARG B 72 -11.17 0.05 56.82
N VAL B 73 -11.87 -0.69 57.67
CA VAL B 73 -12.66 -0.07 58.72
C VAL B 73 -11.71 0.40 59.82
N THR B 74 -11.68 1.72 60.04
CA THR B 74 -10.72 2.30 60.98
C THR B 74 -11.10 1.93 62.40
N GLY B 75 -10.14 1.34 63.12
CA GLY B 75 -10.35 0.91 64.48
C GLY B 75 -10.55 -0.57 64.67
N ALA B 76 -10.27 -1.39 63.66
CA ALA B 76 -10.43 -2.83 63.76
C ALA B 76 -9.23 -3.54 63.16
N ALA B 77 -8.90 -4.69 63.74
CA ALA B 77 -7.76 -5.46 63.27
C ALA B 77 -8.06 -6.12 61.94
N THR B 78 -9.30 -6.52 61.71
CA THR B 78 -9.72 -7.14 60.47
C THR B 78 -10.94 -6.42 59.92
N GLY B 79 -11.16 -6.60 58.62
CA GLY B 79 -12.34 -6.05 57.93
C GLY B 79 -11.93 -5.02 56.92
N ALA B 80 -12.45 -5.18 55.69
CA ALA B 80 -12.19 -4.24 54.61
C ALA B 80 -13.31 -4.34 53.59
N TRP B 81 -13.61 -3.21 52.95
CA TRP B 81 -14.46 -3.19 51.77
C TRP B 81 -13.60 -3.22 50.51
N LEU B 82 -13.87 -4.18 49.62
CA LEU B 82 -13.04 -4.39 48.44
C LEU B 82 -13.73 -3.84 47.20
N LEU B 83 -13.02 -2.97 46.48
CA LEU B 83 -13.57 -2.34 45.28
C LEU B 83 -13.90 -3.36 44.21
N GLN B 84 -15.02 -3.13 43.50
CA GLN B 84 -15.41 -3.96 42.38
C GLN B 84 -15.29 -3.15 41.10
N VAL B 85 -14.31 -3.49 40.26
CA VAL B 85 -14.10 -2.85 38.97
C VAL B 85 -14.91 -3.59 37.92
N HIS B 86 -15.71 -2.86 37.15
CA HIS B 86 -16.51 -3.49 36.11
C HIS B 86 -16.01 -3.10 34.73
N ASN B 87 -16.06 -4.05 33.80
CA ASN B 87 -15.81 -3.83 32.38
C ASN B 87 -14.39 -3.34 32.11
N LYS B 88 -13.44 -3.65 32.99
CA LYS B 88 -12.05 -3.25 32.81
C LYS B 88 -11.91 -1.73 32.66
N VAL B 89 -12.75 -1.00 33.38
CA VAL B 89 -12.70 0.47 33.41
C VAL B 89 -12.73 0.90 34.87
N LEU B 90 -11.67 1.56 35.31
CA LEU B 90 -11.59 2.18 36.62
C LEU B 90 -11.67 3.68 36.41
N HIS B 91 -12.66 4.31 37.05
CA HIS B 91 -12.76 5.76 37.02
C HIS B 91 -11.77 6.34 38.03
N ALA B 92 -10.87 7.22 37.57
CA ALA B 92 -9.89 7.77 38.50
C ALA B 92 -10.55 8.44 39.69
N THR B 93 -11.75 9.03 39.51
CA THR B 93 -12.48 9.60 40.63
C THR B 93 -12.77 8.57 41.71
N GLN B 94 -12.80 7.28 41.37
CA GLN B 94 -13.02 6.28 42.41
C GLN B 94 -11.79 6.06 43.28
N ALA B 95 -10.69 6.76 43.03
CA ALA B 95 -9.57 6.83 43.96
C ALA B 95 -9.47 8.19 44.63
N GLY B 96 -10.47 9.06 44.44
CA GLY B 96 -10.47 10.36 45.05
C GLY B 96 -10.06 11.49 44.14
N LEU B 97 -9.75 11.20 42.88
CA LEU B 97 -9.34 12.26 41.97
C LEU B 97 -10.45 13.30 41.83
N ARG B 98 -10.07 14.57 41.88
N ARG B 98 -10.07 14.57 41.94
CA ARG B 98 -11.02 15.67 41.88
CA ARG B 98 -11.03 15.65 41.87
C ARG B 98 -11.35 16.08 40.45
C ARG B 98 -11.35 16.00 40.41
N ALA B 99 -12.64 16.05 40.10
CA ALA B 99 -13.13 16.35 38.76
C ALA B 99 -13.52 17.81 38.62
N GLU B 100 -13.76 18.22 37.37
CA GLU B 100 -14.35 19.51 37.04
C GLU B 100 -13.51 20.69 37.52
N LEU B 101 -12.21 20.49 37.74
CA LEU B 101 -11.38 21.59 38.23
C LEU B 101 -11.02 22.56 37.11
N LEU B 102 -10.78 23.81 37.49
CA LEU B 102 -10.30 24.83 36.56
C LEU B 102 -8.78 24.76 36.45
N GLU B 103 -8.26 25.36 35.38
CA GLU B 103 -6.81 25.41 35.18
C GLU B 103 -6.11 26.16 36.31
N SER B 104 -6.80 27.11 36.95
CA SER B 104 -6.24 27.85 38.08
C SER B 104 -6.26 27.05 39.39
N ASP B 105 -6.88 25.87 39.42
CA ASP B 105 -6.81 24.97 40.58
C ASP B 105 -5.53 24.15 40.49
N LEU B 106 -4.49 24.66 41.12
CA LEU B 106 -3.14 24.11 40.99
C LEU B 106 -2.97 22.96 41.99
N ILE B 107 -3.59 21.83 41.67
CA ILE B 107 -3.65 20.70 42.60
C ILE B 107 -2.96 19.49 41.98
N ASP B 108 -1.89 19.02 42.64
CA ASP B 108 -1.14 17.86 42.20
C ASP B 108 -1.93 16.60 42.55
N GLN B 109 -2.34 15.86 41.53
CA GLN B 109 -3.05 14.60 41.75
C GLN B 109 -2.26 13.42 41.20
N THR B 110 -0.94 13.56 41.07
CA THR B 110 -0.11 12.53 40.48
C THR B 110 -0.24 11.21 41.23
N THR B 111 -0.19 11.26 42.56
CA THR B 111 -0.23 10.02 43.34
C THR B 111 -1.54 9.27 43.09
N ILE B 112 -2.65 9.98 43.00
CA ILE B 112 -3.94 9.33 42.79
C ILE B 112 -3.99 8.68 41.42
N LEU B 113 -3.59 9.41 40.38
CA LEU B 113 -3.68 8.89 39.03
C LEU B 113 -2.77 7.68 38.84
N GLN B 114 -1.55 7.74 39.41
CA GLN B 114 -0.64 6.62 39.26
C GLN B 114 -1.17 5.38 39.96
N LYS B 115 -1.85 5.55 41.10
CA LYS B 115 -2.45 4.41 41.79
C LYS B 115 -3.45 3.70 40.89
N CYS B 116 -4.23 4.46 40.13
CA CYS B 116 -5.22 3.86 39.24
C CYS B 116 -4.54 3.07 38.12
N VAL B 117 -3.54 3.67 37.48
CA VAL B 117 -2.82 2.99 36.40
C VAL B 117 -2.13 1.74 36.92
N ASP B 118 -1.44 1.86 38.07
CA ASP B 118 -0.77 0.70 38.64
C ASP B 118 -1.75 -0.40 39.00
N TYR B 119 -2.92 -0.03 39.54
CA TYR B 119 -3.86 -1.05 39.97
C TYR B 119 -4.50 -1.75 38.78
N MET B 120 -4.84 -1.00 37.72
CA MET B 120 -5.41 -1.68 36.56
C MET B 120 -4.40 -2.64 35.94
N ALA B 121 -3.13 -2.23 35.87
CA ALA B 121 -2.11 -3.16 35.39
C ALA B 121 -1.97 -4.37 36.30
N LEU B 122 -2.35 -4.23 37.57
CA LEU B 122 -2.27 -5.36 38.48
C LEU B 122 -3.35 -6.39 38.19
N ILE B 123 -4.54 -5.95 37.74
CA ILE B 123 -5.66 -6.87 37.57
C ILE B 123 -5.99 -7.14 36.10
N GLY B 124 -4.99 -7.04 35.22
CA GLY B 124 -5.15 -7.46 33.83
C GLY B 124 -5.23 -6.35 32.82
N GLY B 125 -5.15 -5.10 33.23
CA GLY B 125 -5.20 -3.99 32.30
C GLY B 125 -6.62 -3.56 32.00
N GLY B 126 -6.72 -2.59 31.10
CA GLY B 126 -7.99 -2.01 30.75
C GLY B 126 -7.90 -0.52 30.55
N VAL B 127 -8.85 0.22 31.10
CA VAL B 127 -8.95 1.66 30.90
C VAL B 127 -9.01 2.35 32.25
N VAL B 128 -8.24 3.42 32.41
CA VAL B 128 -8.43 4.37 33.50
C VAL B 128 -9.18 5.56 32.91
N GLN B 129 -10.44 5.72 33.30
CA GLN B 129 -11.27 6.82 32.81
C GLN B 129 -11.04 8.07 33.64
N LEU B 130 -10.73 9.26 32.92
CA LEU B 130 -10.63 10.55 33.58
C LEU B 130 -11.92 11.35 33.41
N PRO B 131 -12.30 12.17 34.39
CA PRO B 131 -13.50 13.00 34.26
C PRO B 131 -13.20 14.24 33.43
N LYS B 132 -14.22 15.05 33.22
CA LYS B 132 -13.95 16.35 32.65
C LYS B 132 -13.22 17.21 33.68
N GLY B 133 -12.52 18.23 33.19
CA GLY B 133 -11.81 19.17 34.03
C GLY B 133 -10.33 19.24 33.70
N HIS B 134 -9.67 20.18 34.36
CA HIS B 134 -8.21 20.29 34.31
C HIS B 134 -7.60 19.45 35.41
N ILE B 135 -6.63 18.62 35.04
CA ILE B 135 -6.01 17.65 35.93
C ILE B 135 -4.50 17.85 35.84
N TYR B 136 -3.87 18.17 36.97
CA TYR B 136 -2.41 18.22 37.07
C TYR B 136 -1.97 16.91 37.70
N ALA B 137 -1.44 16.01 36.87
CA ALA B 137 -1.07 14.68 37.33
C ALA B 137 -0.24 13.97 36.26
N LYS B 138 1.02 13.71 36.54
CA LYS B 138 1.81 12.96 35.58
C LYS B 138 1.70 11.47 35.86
N ALA B 139 1.70 10.68 34.80
CA ALA B 139 1.45 9.26 34.90
C ALA B 139 2.54 8.49 34.14
N MET B 140 2.97 7.40 34.75
CA MET B 140 3.80 6.42 34.09
C MET B 140 2.89 5.33 33.53
N ALA B 141 2.89 5.17 32.22
CA ALA B 141 2.05 4.15 31.60
C ALA B 141 2.49 2.76 32.04
N LYS B 142 1.53 1.85 32.09
CA LYS B 142 1.76 0.45 32.39
C LYS B 142 1.10 -0.39 31.31
N SER B 143 1.58 -1.62 31.17
CA SER B 143 1.21 -2.44 30.02
C SER B 143 -0.29 -2.72 29.97
N ASN B 144 -0.85 -2.58 28.77
CA ASN B 144 -2.25 -2.91 28.49
C ASN B 144 -3.23 -2.03 29.27
N VAL B 145 -2.79 -0.83 29.65
CA VAL B 145 -3.64 0.16 30.31
C VAL B 145 -3.78 1.35 29.39
N GLU B 146 -5.01 1.85 29.24
CA GLU B 146 -5.28 3.02 28.43
C GLU B 146 -5.84 4.12 29.33
N VAL B 147 -5.32 5.33 29.17
CA VAL B 147 -5.84 6.50 29.86
C VAL B 147 -6.79 7.21 28.91
N ARG B 148 -8.04 7.38 29.33
CA ARG B 148 -9.07 7.94 28.46
C ARG B 148 -9.78 9.08 29.16
N GLY B 149 -9.86 10.23 28.48
CA GLY B 149 -10.59 11.37 28.98
C GLY B 149 -12.04 11.34 28.53
N THR B 150 -12.71 12.46 28.77
CA THR B 150 -14.14 12.60 28.53
C THR B 150 -14.37 13.81 27.65
N PHE B 151 -15.03 13.60 26.51
CA PHE B 151 -15.39 14.74 25.66
C PHE B 151 -16.36 15.68 26.36
N ASP B 152 -16.22 16.99 26.11
CA ASP B 152 -17.23 17.90 26.60
C ASP B 152 -18.52 17.68 25.82
N SER B 153 -19.62 18.24 26.34
CA SER B 153 -20.92 17.98 25.75
C SER B 153 -20.99 18.54 24.33
N PHE B 154 -21.64 17.80 23.45
CA PHE B 154 -21.85 18.19 22.06
C PHE B 154 -23.33 18.40 21.80
N VAL B 155 -23.69 19.61 21.41
CA VAL B 155 -25.06 19.96 21.05
C VAL B 155 -25.03 20.55 19.65
N SER B 156 -25.67 19.88 18.71
CA SER B 156 -25.66 20.34 17.34
C SER B 156 -26.53 21.59 17.16
N VAL B 157 -26.31 22.28 16.04
CA VAL B 157 -27.05 23.47 15.66
C VAL B 157 -27.73 23.20 14.33
N GLY B 158 -28.92 23.75 14.15
CA GLY B 158 -29.56 23.75 12.85
C GLY B 158 -30.59 22.63 12.71
N SER B 159 -31.56 22.85 11.82
CA SER B 159 -32.57 21.84 11.56
C SER B 159 -32.09 20.86 10.48
N GLU B 160 -32.70 19.66 10.49
CA GLU B 160 -32.38 18.68 9.47
C GLU B 160 -32.64 19.20 8.07
N ALA B 161 -33.75 19.92 7.88
CA ALA B 161 -34.08 20.44 6.55
C ALA B 161 -32.99 21.37 6.04
N ASP B 162 -32.53 22.30 6.88
CA ASP B 162 -31.48 23.22 6.48
C ASP B 162 -30.18 22.50 6.24
N ILE B 163 -29.87 21.50 7.08
CA ILE B 163 -28.66 20.71 6.89
C ILE B 163 -28.69 20.00 5.55
N ASN B 164 -29.87 19.49 5.16
CA ASN B 164 -29.98 18.76 3.91
C ASN B 164 -30.10 19.68 2.70
N ASN B 165 -30.70 20.86 2.84
CA ASN B 165 -31.04 21.70 1.69
C ASN B 165 -30.01 22.81 1.40
N LEU B 166 -29.27 23.30 2.39
CA LEU B 166 -28.34 24.40 2.20
C LEU B 166 -26.92 23.87 1.97
N ARG B 167 -26.26 24.40 0.94
CA ARG B 167 -24.87 24.06 0.68
C ARG B 167 -23.93 24.78 1.65
N THR B 168 -24.42 25.82 2.33
CA THR B 168 -23.65 26.49 3.35
C THR B 168 -23.66 25.68 4.65
N VAL B 169 -22.72 26.00 5.53
CA VAL B 169 -22.62 25.27 6.78
C VAL B 169 -23.76 25.69 7.69
N VAL B 170 -24.59 24.72 8.09
CA VAL B 170 -25.68 24.95 9.01
C VAL B 170 -25.37 24.38 10.38
N GLN B 171 -24.85 23.14 10.42
CA GLN B 171 -24.45 22.54 11.69
C GLN B 171 -23.06 23.05 12.02
N THR B 172 -23.00 24.05 12.89
CA THR B 172 -21.78 24.79 13.17
C THR B 172 -21.05 24.30 14.42
N ALA B 173 -21.67 23.45 15.24
CA ALA B 173 -21.03 22.99 16.46
C ALA B 173 -20.00 21.90 16.18
N THR B 174 -18.85 21.98 16.84
CA THR B 174 -17.80 20.99 16.69
C THR B 174 -17.42 20.44 18.06
N TYR B 175 -16.91 19.21 18.09
CA TYR B 175 -16.58 18.53 19.34
C TYR B 175 -15.48 19.28 20.09
N LYS B 176 -15.49 19.13 21.41
CA LYS B 176 -14.51 19.79 22.26
C LYS B 176 -14.07 18.83 23.35
N HIS B 177 -12.80 18.92 23.71
CA HIS B 177 -12.30 18.08 24.80
C HIS B 177 -12.84 18.59 26.14
N GLY B 178 -13.14 17.66 27.04
CA GLY B 178 -13.56 18.02 28.37
C GLY B 178 -12.47 17.75 29.38
N THR B 179 -11.54 16.86 29.04
CA THR B 179 -10.44 16.52 29.91
C THR B 179 -9.19 17.25 29.42
N PHE B 180 -8.57 18.03 30.30
CA PHE B 180 -7.34 18.76 30.01
C PHE B 180 -6.27 18.28 30.97
N TRP B 181 -5.29 17.58 30.44
CA TRP B 181 -4.33 16.85 31.24
C TRP B 181 -3.00 17.60 31.25
N HIS B 182 -2.59 18.06 32.43
CA HIS B 182 -1.30 18.72 32.62
C HIS B 182 -0.38 17.82 33.43
N SER B 183 0.89 18.19 33.48
CA SER B 183 1.86 17.55 34.36
C SER B 183 1.99 18.32 35.67
N SER B 184 2.54 17.65 36.68
CA SER B 184 2.82 18.26 37.96
C SER B 184 4.22 18.88 38.04
N ASP B 185 5.05 18.68 37.03
CA ASP B 185 6.36 19.34 37.00
C ASP B 185 6.72 19.60 35.54
N GLY B 186 7.99 19.84 35.28
CA GLY B 186 8.43 20.19 33.94
C GLY B 186 8.87 19.03 33.05
N SER B 187 8.67 17.78 33.46
CA SER B 187 9.20 16.65 32.70
C SER B 187 8.26 16.24 31.58
N GLN B 188 7.33 15.34 31.86
CA GLN B 188 6.36 14.91 30.86
C GLN B 188 5.02 14.64 31.54
N VAL B 189 3.96 14.61 30.74
CA VAL B 189 2.65 14.26 31.29
C VAL B 189 2.48 12.75 31.36
N TYR B 190 2.81 12.05 30.27
CA TYR B 190 2.54 10.62 30.11
C TYR B 190 3.82 9.92 29.67
N LEU B 191 4.49 9.24 30.58
CA LEU B 191 5.73 8.53 30.27
C LEU B 191 5.41 7.07 29.98
N VAL B 192 5.83 6.58 28.80
CA VAL B 192 5.65 5.18 28.47
C VAL B 192 7.00 4.47 28.54
N PRO B 193 7.34 3.84 29.66
CA PRO B 193 8.68 3.26 29.81
C PRO B 193 8.96 2.14 28.82
N GLU B 194 10.25 1.81 28.70
CA GLU B 194 10.62 0.62 27.95
C GLU B 194 9.97 -0.60 28.59
N ASN B 195 9.67 -1.59 27.75
CA ASN B 195 9.04 -2.85 28.11
C ASN B 195 7.59 -2.70 28.56
N VAL B 196 7.02 -1.51 28.51
CA VAL B 196 5.59 -1.30 28.70
C VAL B 196 4.95 -1.41 27.32
N THR B 197 4.05 -2.36 27.15
CA THR B 197 3.50 -2.70 25.85
C THR B 197 2.00 -2.51 25.82
N GLY B 198 1.48 -2.10 24.67
CA GLY B 198 0.04 -2.06 24.48
C GLY B 198 -0.69 -1.00 25.28
N ALA B 199 0.02 0.00 25.79
CA ALA B 199 -0.61 1.12 26.49
C ALA B 199 -1.22 2.09 25.49
N GLY B 200 -2.00 3.05 26.01
CA GLY B 200 -2.63 4.00 25.11
C GLY B 200 -3.14 5.23 25.84
N VAL B 201 -3.65 6.16 25.02
CA VAL B 201 -4.31 7.37 25.50
C VAL B 201 -5.34 7.77 24.46
N SER B 202 -6.45 8.35 24.91
CA SER B 202 -7.47 8.77 23.95
C SER B 202 -8.40 9.80 24.58
N ASN B 203 -9.07 10.54 23.69
CA ASN B 203 -10.23 11.37 24.06
C ASN B 203 -9.88 12.40 25.13
N LEU B 204 -8.79 13.14 24.92
CA LEU B 204 -8.43 14.19 25.86
C LEU B 204 -7.50 15.19 25.18
N LYS B 205 -7.25 16.29 25.88
CA LYS B 205 -6.30 17.29 25.45
C LYS B 205 -5.22 17.42 26.49
N MET B 206 -3.96 17.46 26.05
CA MET B 206 -2.82 17.62 26.94
C MET B 206 -2.26 19.03 26.80
N LEU B 207 -1.98 19.67 27.92
CA LEU B 207 -1.55 21.05 27.95
C LEU B 207 -0.17 21.14 28.58
N GLY B 208 0.63 22.09 28.06
CA GLY B 208 1.99 22.29 28.50
C GLY B 208 2.15 23.04 29.81
N SER B 209 1.16 23.84 30.20
CA SER B 209 1.26 24.52 31.49
C SER B 209 1.23 23.48 32.61
N ARG B 210 2.04 23.71 33.66
CA ARG B 210 2.31 22.69 34.66
C ARG B 210 2.55 23.36 36.01
N LEU B 211 2.49 22.56 37.07
CA LEU B 211 2.68 23.09 38.42
C LEU B 211 4.15 23.41 38.69
N GLY B 212 4.38 24.48 39.43
CA GLY B 212 5.71 24.82 39.89
C GLY B 212 6.40 25.88 39.08
N SER B 213 5.88 26.25 37.91
CA SER B 213 6.47 27.31 37.11
C SER B 213 5.43 27.89 36.19
N THR B 214 5.38 29.22 36.14
CA THR B 214 4.51 29.94 35.23
C THR B 214 5.20 30.32 33.92
N SER B 215 6.53 30.14 33.85
CA SER B 215 7.33 30.53 32.69
C SER B 215 7.91 29.35 31.92
N SER B 216 8.22 28.25 32.59
CA SER B 216 8.82 27.09 31.95
C SER B 216 7.78 25.98 31.90
N ASN B 217 7.35 25.62 30.69
CA ASN B 217 6.28 24.64 30.57
C ASN B 217 6.84 23.22 30.63
N CYS B 218 5.92 22.26 30.66
CA CYS B 218 6.31 20.86 30.70
C CYS B 218 6.98 20.45 29.39
N GLY B 219 8.05 19.67 29.49
CA GLY B 219 8.79 19.28 28.31
C GLY B 219 7.97 18.50 27.29
N PHE B 220 7.38 17.39 27.68
CA PHE B 220 6.69 16.51 26.76
C PHE B 220 5.25 16.24 27.17
N GLY B 221 4.37 16.12 26.18
CA GLY B 221 3.06 15.54 26.43
C GLY B 221 3.18 14.04 26.59
N ILE B 222 3.35 13.31 25.49
CA ILE B 222 3.55 11.87 25.50
C ILE B 222 5.01 11.57 25.16
N LYS B 223 5.73 10.96 26.09
CA LYS B 223 7.09 10.48 25.82
C LYS B 223 7.05 8.95 25.81
N ILE B 224 7.38 8.36 24.65
CA ILE B 224 7.22 6.93 24.43
C ILE B 224 8.60 6.29 24.35
N ILE B 225 8.88 5.38 25.29
CA ILE B 225 10.00 4.47 25.16
C ILE B 225 9.55 3.05 24.89
N GLY B 226 8.31 2.67 25.26
CA GLY B 226 7.82 1.32 25.11
C GLY B 226 7.32 1.00 23.72
N ASP B 227 6.47 -0.03 23.64
CA ASP B 227 6.13 -0.69 22.40
C ASP B 227 4.61 -0.79 22.21
N SER B 228 4.18 -0.69 20.96
CA SER B 228 2.77 -0.86 20.57
C SER B 228 1.84 0.09 21.33
N PHE B 229 2.15 1.39 21.21
CA PHE B 229 1.32 2.43 21.77
C PHE B 229 0.27 2.89 20.77
N THR B 230 -0.87 3.33 21.29
CA THR B 230 -1.98 3.77 20.45
C THR B 230 -2.59 5.04 21.03
N ALA B 231 -2.84 6.03 20.17
CA ALA B 231 -3.49 7.26 20.59
C ALA B 231 -4.56 7.64 19.57
N LYS B 232 -5.74 8.02 20.07
CA LYS B 232 -6.83 8.46 19.21
C LYS B 232 -7.51 9.64 19.85
N TRP B 233 -7.84 10.64 19.03
CA TRP B 233 -8.55 11.84 19.47
C TRP B 233 -7.86 12.52 20.65
N VAL B 234 -6.57 12.80 20.48
CA VAL B 234 -5.75 13.49 21.47
C VAL B 234 -5.14 14.72 20.82
N ASP B 235 -5.24 15.86 21.50
CA ASP B 235 -4.53 17.07 21.12
C ASP B 235 -3.41 17.35 22.11
N THR B 236 -2.33 17.97 21.62
CA THR B 236 -1.24 18.42 22.47
C THR B 236 -0.96 19.88 22.16
N SER B 237 -0.75 20.69 23.19
CA SER B 237 -0.60 22.12 22.97
C SER B 237 0.20 22.76 24.08
N GLY B 238 1.18 23.59 23.69
CA GLY B 238 1.90 24.45 24.62
C GLY B 238 3.11 23.86 25.31
N PHE B 239 3.60 22.71 24.88
CA PHE B 239 4.69 22.03 25.58
C PHE B 239 6.04 22.65 25.24
N ARG B 240 6.94 22.61 26.21
CA ARG B 240 8.24 23.27 26.06
C ARG B 240 9.12 22.56 25.03
N LEU B 241 8.98 21.24 24.89
CA LEU B 241 9.77 20.52 23.89
C LEU B 241 8.88 19.97 22.77
N GLU B 242 8.17 18.87 23.03
CA GLU B 242 7.32 18.27 22.03
C GLU B 242 5.99 17.84 22.66
N GLY B 243 4.92 17.92 21.87
CA GLY B 243 3.69 17.28 22.27
C GLY B 243 3.80 15.77 22.26
N LEU B 244 4.58 15.21 21.33
CA LEU B 244 4.82 13.77 21.20
C LEU B 244 6.31 13.53 20.96
N TYR B 245 6.90 12.61 21.71
CA TYR B 245 8.33 12.34 21.62
C TYR B 245 8.55 10.84 21.79
N ILE B 246 9.13 10.20 20.78
CA ILE B 246 9.30 8.75 20.76
C ILE B 246 10.79 8.44 20.70
N ARG B 247 11.31 7.81 21.75
CA ARG B 247 12.72 7.40 21.75
C ARG B 247 12.85 6.14 22.58
N GLY B 248 13.11 5.01 21.91
CA GLY B 248 13.33 3.77 22.61
C GLY B 248 14.76 3.65 23.13
N LYS B 249 15.08 2.45 23.58
CA LYS B 249 16.41 2.14 24.08
C LYS B 249 16.92 0.89 23.40
N ASP B 250 18.23 0.71 23.42
CA ASP B 250 18.85 -0.48 22.82
C ASP B 250 18.31 -1.76 23.45
N GLY B 251 18.01 -2.74 22.62
CA GLY B 251 17.62 -4.06 23.11
C GLY B 251 16.18 -4.21 23.51
N VAL B 252 15.36 -3.16 23.39
CA VAL B 252 13.94 -3.24 23.70
C VAL B 252 13.17 -2.56 22.58
N SER B 253 12.08 -3.20 22.16
CA SER B 253 11.29 -2.69 21.05
C SER B 253 10.59 -1.38 21.39
N CYS B 254 10.64 -0.46 20.42
CA CYS B 254 9.84 0.78 20.43
C CYS B 254 9.22 0.90 19.04
N SER B 255 8.11 0.21 18.81
CA SER B 255 7.61 0.06 17.46
C SER B 255 6.10 -0.16 17.49
N ASN B 256 5.51 -0.22 16.28
CA ASN B 256 4.08 -0.52 16.11
C ASN B 256 3.19 0.53 16.80
N HIS B 257 3.57 1.80 16.66
CA HIS B 257 2.80 2.88 17.26
C HIS B 257 1.80 3.43 16.24
N TYR B 258 0.60 3.75 16.72
CA TYR B 258 -0.47 4.17 15.83
C TYR B 258 -1.13 5.41 16.41
N PHE B 259 -1.33 6.43 15.56
CA PHE B 259 -1.96 7.69 15.95
C PHE B 259 -3.01 8.04 14.91
N GLU B 260 -4.22 8.32 15.36
CA GLU B 260 -5.31 8.69 14.46
C GLU B 260 -6.11 9.80 15.10
N ASN B 261 -6.53 10.77 14.28
CA ASN B 261 -7.39 11.87 14.73
C ASN B 261 -6.72 12.66 15.86
N CYS B 262 -5.41 12.81 15.79
CA CYS B 262 -4.67 13.54 16.79
C CYS B 262 -4.20 14.87 16.22
N ASN B 263 -4.12 15.87 17.09
CA ASN B 263 -3.69 17.21 16.68
C ASN B 263 -2.53 17.63 17.56
N PHE B 264 -1.33 17.59 16.99
CA PHE B 264 -0.14 18.01 17.70
C PHE B 264 0.09 19.48 17.38
N LEU B 265 -0.24 20.35 18.33
CA LEU B 265 -0.26 21.77 18.06
C LEU B 265 1.03 22.44 18.52
N ASP B 266 0.93 23.70 18.96
CA ASP B 266 2.12 24.53 19.18
C ASP B 266 3.03 23.96 20.26
N ALA B 267 4.33 23.99 20.00
CA ALA B 267 5.32 23.59 20.99
C ALA B 267 6.58 24.41 20.76
N ARG B 268 7.36 24.60 21.84
CA ARG B 268 8.52 25.49 21.75
C ARG B 268 9.73 24.86 21.07
N ARG B 269 9.72 23.53 20.80
CA ARG B 269 10.76 22.94 19.96
C ARG B 269 10.13 22.37 18.68
N ASN B 270 9.49 21.21 18.75
CA ASN B 270 8.76 20.66 17.62
C ASN B 270 7.37 20.25 18.07
N THR B 271 6.42 20.24 17.13
CA THR B 271 5.10 19.72 17.49
C THR B 271 5.17 18.25 17.90
N ALA B 272 6.03 17.47 17.24
CA ALA B 272 6.22 16.06 17.55
C ALA B 272 7.58 15.62 17.01
N ALA B 273 8.17 14.61 17.63
CA ALA B 273 9.49 14.17 17.20
C ALA B 273 9.65 12.66 17.30
N LEU B 274 10.21 12.06 16.27
CA LEU B 274 10.60 10.66 16.25
C LEU B 274 12.12 10.60 16.34
N VAL B 275 12.64 9.91 17.35
CA VAL B 275 14.06 9.88 17.63
C VAL B 275 14.64 8.47 17.57
N TYR B 276 13.89 7.45 18.02
CA TYR B 276 14.40 6.07 18.04
C TYR B 276 13.18 5.14 18.09
N CYS B 277 12.76 4.65 16.92
CA CYS B 277 11.53 3.86 16.83
C CYS B 277 11.36 3.41 15.40
N HIS B 278 10.47 2.43 15.19
CA HIS B 278 10.16 2.06 13.82
C HIS B 278 8.71 1.59 13.73
N ASP B 279 8.19 1.59 12.49
CA ASP B 279 6.83 1.19 12.19
C ASP B 279 5.84 2.04 12.99
N VAL B 280 5.79 3.30 12.58
CA VAL B 280 4.90 4.27 13.17
C VAL B 280 3.96 4.79 12.09
N THR B 281 2.68 4.91 12.41
CA THR B 281 1.70 5.37 11.44
C THR B 281 0.90 6.54 12.01
N PHE B 282 0.80 7.61 11.24
CA PHE B 282 -0.10 8.72 11.56
C PHE B 282 -1.17 8.76 10.48
N LYS B 283 -2.44 8.71 10.90
CA LYS B 283 -3.54 8.83 9.96
C LYS B 283 -4.47 9.93 10.42
N ASN B 284 -4.74 10.87 9.52
CA ASN B 284 -5.66 11.98 9.76
C ASN B 284 -5.26 12.77 11.01
N CYS B 285 -3.96 13.02 11.16
CA CYS B 285 -3.41 13.86 12.22
C CYS B 285 -2.93 15.19 11.65
N THR B 286 -2.79 16.19 12.52
CA THR B 286 -2.24 17.46 12.09
C THR B 286 -1.06 17.83 12.97
N PHE B 287 -0.15 18.61 12.38
CA PHE B 287 1.06 19.10 13.03
C PHE B 287 1.09 20.60 12.71
N GLN B 288 0.83 21.43 13.72
CA GLN B 288 0.55 22.84 13.47
C GLN B 288 1.31 23.72 14.44
N GLN B 289 2.11 24.63 13.90
CA GLN B 289 2.75 25.73 14.66
C GLN B 289 2.05 27.01 14.20
N LEU B 290 0.92 27.33 14.84
CA LEU B 290 0.15 28.50 14.48
C LEU B 290 0.18 29.59 15.55
N LYS B 291 1.15 29.54 16.48
CA LYS B 291 1.31 30.58 17.50
C LYS B 291 2.69 31.20 17.31
N PRO B 292 2.84 32.12 16.35
CA PRO B 292 4.18 32.63 16.04
C PRO B 292 4.84 33.33 17.19
N GLU B 293 4.05 33.90 18.11
CA GLU B 293 4.62 34.60 19.25
C GLU B 293 5.35 33.66 20.21
N LEU B 294 4.98 32.37 20.21
CA LEU B 294 5.66 31.33 20.99
C LEU B 294 6.69 30.66 20.09
N THR B 295 7.93 31.15 20.17
CA THR B 295 8.98 30.74 19.24
C THR B 295 9.26 29.24 19.31
N TRP B 296 9.63 28.67 18.17
CA TRP B 296 9.84 27.23 18.06
C TRP B 296 10.96 26.98 17.06
N VAL B 297 11.32 25.71 16.91
CA VAL B 297 12.49 25.32 16.12
C VAL B 297 12.06 24.72 14.77
N TYR B 298 11.37 23.59 14.79
CA TYR B 298 10.86 22.96 13.57
C TYR B 298 9.39 22.60 13.73
N LEU B 299 8.79 22.15 12.62
CA LEU B 299 7.40 21.73 12.63
C LEU B 299 7.26 20.27 13.07
N PHE B 300 7.90 19.35 12.34
CA PHE B 300 7.86 17.92 12.61
C PHE B 300 9.25 17.35 12.35
N ASP B 301 9.81 16.66 13.34
CA ASP B 301 11.23 16.31 13.32
C ASP B 301 11.43 14.82 13.51
N ILE B 302 11.89 14.15 12.45
CA ILE B 302 12.43 12.81 12.54
C ILE B 302 13.94 12.99 12.66
N GLU B 303 14.46 12.91 13.89
CA GLU B 303 15.86 13.21 14.15
C GLU B 303 16.46 12.30 15.21
N PRO B 304 17.08 11.20 14.80
CA PRO B 304 17.96 10.46 15.72
C PRO B 304 19.13 11.32 16.17
N ASN B 305 19.50 11.18 17.43
CA ASN B 305 20.61 11.98 17.95
C ASN B 305 21.94 11.53 17.33
N PRO B 306 22.78 12.47 16.93
CA PRO B 306 24.09 12.11 16.36
C PRO B 306 24.92 11.33 17.35
N ALA B 307 25.73 10.41 16.83
CA ALA B 307 26.66 9.65 17.64
C ALA B 307 25.95 8.83 18.71
N THR B 308 24.76 8.32 18.40
CA THR B 308 24.09 7.35 19.25
C THR B 308 23.60 6.19 18.40
N THR B 309 22.98 5.20 19.05
CA THR B 309 22.34 4.15 18.30
C THR B 309 20.93 4.51 17.85
N ASP B 310 20.48 5.76 18.07
CA ASP B 310 19.15 6.16 17.62
C ASP B 310 18.96 5.89 16.14
N THR B 311 17.80 5.36 15.78
CA THR B 311 17.45 5.18 14.38
C THR B 311 15.93 5.21 14.28
N VAL B 312 15.43 5.77 13.18
CA VAL B 312 14.00 5.87 12.88
C VAL B 312 13.76 5.39 11.45
N TYR B 313 12.81 4.49 11.28
CA TYR B 313 12.51 3.99 9.94
C TYR B 313 11.10 3.40 9.92
N ASN B 314 10.55 3.26 8.70
CA ASN B 314 9.21 2.72 8.48
C ASN B 314 8.16 3.61 9.17
N VAL B 315 7.97 4.78 8.56
CA VAL B 315 7.01 5.76 9.06
C VAL B 315 6.06 6.12 7.93
N THR B 316 4.76 6.09 8.22
CA THR B 316 3.75 6.41 7.23
C THR B 316 2.85 7.53 7.76
N LEU B 317 2.73 8.59 6.99
CA LEU B 317 1.85 9.71 7.30
C LEU B 317 0.79 9.75 6.20
N ILE B 318 -0.45 9.42 6.57
CA ILE B 318 -1.54 9.30 5.63
C ILE B 318 -2.56 10.38 5.95
N ASN B 319 -2.86 11.21 4.96
CA ASN B 319 -3.90 12.22 5.11
C ASN B 319 -3.63 13.08 6.34
N CYS B 320 -2.40 13.51 6.49
CA CYS B 320 -2.02 14.40 7.60
C CYS B 320 -1.83 15.82 7.08
N VAL B 321 -1.92 16.77 8.01
CA VAL B 321 -1.74 18.18 7.70
C VAL B 321 -0.51 18.69 8.42
N PHE B 322 0.39 19.35 7.69
CA PHE B 322 1.53 20.06 8.25
C PHE B 322 1.34 21.54 7.97
N ASN B 323 1.25 22.33 9.04
CA ASN B 323 0.87 23.73 8.91
C ASN B 323 1.69 24.60 9.85
N ALA B 324 2.29 25.66 9.32
CA ALA B 324 3.12 26.56 10.12
C ALA B 324 3.03 27.97 9.58
N LEU B 325 2.97 28.94 10.49
CA LEU B 325 3.10 30.35 10.15
C LEU B 325 4.51 30.80 10.50
N ALA B 326 4.99 31.82 9.78
CA ALA B 326 6.33 32.30 9.99
C ALA B 326 6.55 32.77 11.41
N SER B 327 7.69 32.42 11.98
CA SER B 327 8.06 32.84 13.33
C SER B 327 9.55 33.07 13.39
N ALA B 328 9.94 34.10 14.14
CA ALA B 328 11.34 34.54 14.19
C ALA B 328 12.24 33.41 14.67
N GLY B 329 13.19 33.02 13.82
CA GLY B 329 14.10 31.94 14.11
C GLY B 329 13.56 30.53 13.87
N ALA B 330 12.27 30.38 13.60
CA ALA B 330 11.70 29.06 13.38
C ALA B 330 11.93 28.62 11.94
N GLU B 331 12.18 27.34 11.75
CA GLU B 331 12.27 26.76 10.41
C GLU B 331 11.07 25.86 10.17
N PRO B 332 10.19 26.20 9.25
CA PRO B 332 8.92 25.48 9.08
C PRO B 332 9.04 24.17 8.32
N THR B 333 9.95 23.31 8.75
CA THR B 333 10.30 22.12 7.99
C THR B 333 9.77 20.86 8.66
N VAL B 334 9.51 19.88 7.82
CA VAL B 334 9.20 18.52 8.22
C VAL B 334 10.45 17.72 7.86
N LEU B 335 11.25 17.39 8.87
CA LEU B 335 12.59 16.86 8.64
C LEU B 335 12.59 15.33 8.66
N VAL B 336 13.31 14.75 7.70
CA VAL B 336 13.58 13.32 7.66
C VAL B 336 15.09 13.13 7.72
N LYS B 337 15.56 12.47 8.78
CA LYS B 337 16.98 12.15 8.95
C LYS B 337 17.15 10.64 9.07
N GLU B 338 17.68 10.01 8.02
CA GLU B 338 18.10 8.62 8.08
C GLU B 338 19.40 8.51 8.84
N GLN B 339 19.46 7.60 9.81
CA GLN B 339 20.68 7.35 10.57
C GLN B 339 20.63 5.92 11.10
N ASN B 340 21.63 5.10 10.75
CA ASN B 340 21.77 3.75 11.28
C ASN B 340 20.57 2.86 10.97
N THR B 341 19.87 3.13 9.89
CA THR B 341 18.72 2.28 9.62
C THR B 341 19.18 0.95 9.03
N PRO B 342 18.46 -0.14 9.31
CA PRO B 342 18.93 -1.46 8.85
C PRO B 342 19.05 -1.57 7.35
N THR B 343 18.15 -0.92 6.59
CA THR B 343 18.17 -1.05 5.14
C THR B 343 18.81 0.13 4.43
N GLY B 344 19.18 1.19 5.14
CA GLY B 344 19.73 2.38 4.52
C GLY B 344 18.71 3.37 4.01
N SER B 345 17.45 3.02 4.04
CA SER B 345 16.30 3.86 3.74
C SER B 345 15.49 4.08 5.00
N PRO B 346 15.06 5.32 5.26
CA PRO B 346 14.14 5.52 6.39
C PRO B 346 12.75 5.00 6.09
N ASN B 347 12.45 4.69 4.84
CA ASN B 347 11.15 4.16 4.46
C ASN B 347 10.04 5.01 5.06
N VAL B 348 10.16 6.32 4.82
CA VAL B 348 9.22 7.34 5.26
C VAL B 348 8.36 7.73 4.08
N LYS B 349 7.05 7.67 4.25
CA LYS B 349 6.11 7.95 3.17
C LYS B 349 5.17 9.06 3.57
N PHE B 350 5.00 10.04 2.68
CA PHE B 350 3.99 11.09 2.82
C PHE B 350 2.89 10.81 1.81
N LEU B 351 1.72 10.39 2.28
CA LEU B 351 0.64 10.00 1.39
C LEU B 351 -0.57 10.87 1.68
N ASN B 352 -1.13 11.48 0.63
CA ASN B 352 -2.36 12.28 0.76
C ASN B 352 -2.20 13.40 1.80
N CYS B 353 -0.99 13.90 1.99
CA CYS B 353 -0.78 14.90 3.03
C CYS B 353 -0.87 16.32 2.46
N ARG B 354 -1.05 17.28 3.36
CA ARG B 354 -1.19 18.68 2.96
C ARG B 354 -0.19 19.53 3.75
N PHE B 355 0.68 20.22 3.00
CA PHE B 355 1.67 21.12 3.55
C PHE B 355 1.17 22.54 3.34
N LYS B 356 0.80 23.19 4.43
CA LYS B 356 0.15 24.49 4.39
C LYS B 356 1.05 25.56 5.00
N GLY B 357 0.75 26.81 4.64
CA GLY B 357 1.49 27.96 5.16
C GLY B 357 2.92 27.91 4.69
N LYS B 358 3.85 27.81 5.63
CA LYS B 358 5.27 27.74 5.32
C LYS B 358 5.81 26.31 5.33
N ALA B 359 4.95 25.30 5.56
CA ALA B 359 5.43 23.94 5.78
C ALA B 359 6.12 23.38 4.54
N THR B 360 7.21 22.68 4.77
CA THR B 360 7.99 22.13 3.66
C THR B 360 8.83 20.97 4.21
N ILE B 361 9.18 20.05 3.32
CA ILE B 361 9.94 18.86 3.69
C ILE B 361 11.41 19.19 3.67
N ARG B 362 12.14 18.77 4.70
CA ARG B 362 13.60 18.96 4.72
C ARG B 362 14.31 17.62 4.71
N ASN B 363 15.16 17.41 3.72
CA ASN B 363 16.06 16.26 3.70
C ASN B 363 17.21 16.53 4.65
N ASN B 364 17.28 15.77 5.74
CA ASN B 364 18.39 15.85 6.70
C ASN B 364 19.17 14.54 6.76
N CYS B 365 19.29 13.84 5.63
CA CYS B 365 19.99 12.56 5.57
C CYS B 365 21.43 12.80 5.17
N ALA B 366 22.36 12.57 6.10
CA ALA B 366 23.76 12.86 5.81
C ALA B 366 24.32 11.93 4.76
N ASN B 367 23.78 10.73 4.63
N ASN B 367 23.80 10.71 4.65
CA ASN B 367 24.27 9.75 3.67
CA ASN B 367 24.27 9.72 3.69
C ASN B 367 23.27 9.53 2.56
C ASN B 367 23.31 9.55 2.52
N GLY B 368 22.44 10.53 2.30
CA GLY B 368 21.49 10.43 1.20
C GLY B 368 20.17 9.82 1.62
N TRP B 369 19.10 10.31 1.01
CA TRP B 369 17.74 9.85 1.31
C TRP B 369 17.34 8.83 0.25
N LYS B 370 17.35 7.55 0.62
CA LYS B 370 17.02 6.48 -0.31
C LYS B 370 15.53 6.17 -0.28
N ASP B 371 14.93 6.07 -1.47
CA ASP B 371 13.51 5.74 -1.63
C ASP B 371 12.61 6.73 -0.88
N CYS B 372 12.76 7.99 -1.22
CA CYS B 372 11.86 9.03 -0.72
C CYS B 372 10.50 8.96 -1.41
N ILE B 373 9.42 8.90 -0.63
CA ILE B 373 8.06 8.73 -1.16
C ILE B 373 7.19 9.91 -0.78
N VAL B 374 6.72 10.65 -1.78
CA VAL B 374 5.74 11.73 -1.62
C VAL B 374 4.67 11.52 -2.68
N ASP B 375 3.44 11.18 -2.28
CA ASP B 375 2.43 10.84 -3.27
C ASP B 375 1.08 11.46 -2.91
N ASN B 376 0.48 12.12 -3.91
CA ASN B 376 -0.83 12.77 -3.75
C ASN B 376 -0.83 13.78 -2.61
N CYS B 377 0.25 14.51 -2.45
CA CYS B 377 0.34 15.55 -1.45
C CYS B 377 0.16 16.92 -2.08
N GLU B 378 -0.21 17.89 -1.24
CA GLU B 378 -0.39 19.28 -1.67
C GLU B 378 0.63 20.17 -0.97
N PHE B 379 1.20 21.10 -1.72
CA PHE B 379 2.22 22.00 -1.20
C PHE B 379 1.83 23.44 -1.46
N ASP B 380 1.72 24.23 -0.38
CA ASP B 380 1.48 25.67 -0.53
C ASP B 380 2.72 26.40 -1.01
N THR B 381 3.91 25.88 -0.71
CA THR B 381 5.15 26.59 -1.08
C THR B 381 6.18 25.56 -1.56
N LEU B 382 7.48 25.81 -1.37
CA LEU B 382 8.49 24.83 -1.75
C LEU B 382 8.13 23.45 -1.22
N ALA B 383 8.27 22.44 -2.07
CA ALA B 383 8.11 21.06 -1.62
C ALA B 383 9.29 20.64 -0.76
N PHE B 384 10.50 21.04 -1.13
CA PHE B 384 11.71 20.64 -0.44
C PHE B 384 12.54 21.86 -0.07
N SER B 385 13.03 21.90 1.16
CA SER B 385 13.96 22.95 1.58
C SER B 385 15.09 22.23 2.31
N THR B 386 16.22 22.08 1.64
CA THR B 386 17.37 21.39 2.21
C THR B 386 18.26 22.42 2.88
N THR B 387 18.30 22.39 4.22
CA THR B 387 19.13 23.36 4.92
C THR B 387 20.61 23.02 4.78
N THR B 388 20.98 21.75 4.89
CA THR B 388 22.39 21.36 4.86
C THR B 388 22.85 21.23 3.42
N THR B 389 23.71 22.14 2.99
CA THR B 389 24.23 22.10 1.62
C THR B 389 25.03 20.83 1.38
N GLY B 390 24.70 20.14 0.28
CA GLY B 390 25.36 18.91 -0.11
C GLY B 390 24.52 17.67 0.10
N TYR B 391 23.42 17.76 0.86
CA TYR B 391 22.57 16.60 1.06
C TYR B 391 21.81 16.27 -0.22
N VAL B 392 21.63 14.97 -0.47
CA VAL B 392 21.05 14.48 -1.72
C VAL B 392 19.85 13.61 -1.42
N ILE B 393 18.83 13.67 -2.27
CA ILE B 393 17.78 12.66 -2.30
C ILE B 393 18.21 11.65 -3.34
N THR B 394 18.69 10.50 -2.88
CA THR B 394 19.33 9.51 -3.75
C THR B 394 18.35 8.86 -4.70
N SER B 395 17.16 8.50 -4.22
CA SER B 395 16.16 7.89 -5.07
C SER B 395 14.81 8.15 -4.45
N GLY B 396 13.78 7.92 -5.24
CA GLY B 396 12.43 8.01 -4.73
C GLY B 396 11.45 8.31 -5.84
N ARG B 397 10.21 8.56 -5.41
CA ARG B 397 9.09 8.81 -6.31
C ARG B 397 8.30 9.98 -5.75
N PHE B 398 8.23 11.05 -6.51
CA PHE B 398 7.48 12.26 -6.19
C PHE B 398 6.35 12.28 -7.22
N THR B 399 5.23 11.67 -6.88
CA THR B 399 4.17 11.37 -7.84
C THR B 399 2.83 11.95 -7.41
N ASN B 400 2.09 12.48 -8.39
CA ASN B 400 0.70 12.89 -8.21
C ASN B 400 0.53 13.97 -7.15
N ASN B 401 1.51 14.86 -7.02
CA ASN B 401 1.46 15.94 -6.05
C ASN B 401 1.10 17.24 -6.77
N THR B 402 0.68 18.24 -5.98
CA THR B 402 0.42 19.57 -6.47
C THR B 402 1.29 20.58 -5.74
N LEU B 403 2.01 21.40 -6.50
CA LEU B 403 2.67 22.59 -5.97
C LEU B 403 1.79 23.78 -6.32
N TRP B 404 1.07 24.30 -5.33
CA TRP B 404 0.15 25.38 -5.61
C TRP B 404 0.86 26.69 -5.89
N GLY B 405 2.08 26.86 -5.38
CA GLY B 405 2.78 28.12 -5.57
C GLY B 405 2.10 29.31 -4.93
N LYS B 406 1.44 29.11 -3.79
CA LYS B 406 0.77 30.22 -3.11
C LYS B 406 1.79 31.18 -2.50
N ASP B 407 2.89 30.66 -1.98
CA ASP B 407 3.94 31.50 -1.42
C ASP B 407 5.11 31.57 -2.39
N LEU B 408 6.16 30.82 -2.12
CA LEU B 408 7.28 30.70 -3.03
C LEU B 408 6.90 29.83 -4.23
N LYS B 409 7.43 30.21 -5.40
CA LYS B 409 7.09 29.55 -6.65
C LYS B 409 8.06 28.44 -7.02
N GLY B 410 9.12 28.24 -6.27
CA GLY B 410 10.10 27.25 -6.66
C GLY B 410 9.68 25.83 -6.28
N PHE B 411 10.38 24.87 -6.90
CA PHE B 411 10.19 23.47 -6.55
C PHE B 411 10.92 23.13 -5.26
N SER B 412 12.14 23.66 -5.10
CA SER B 412 12.94 23.29 -3.95
C SER B 412 14.00 24.36 -3.70
N TYR B 413 14.60 24.29 -2.51
CA TYR B 413 15.69 25.16 -2.12
C TYR B 413 16.89 24.28 -1.75
N ASN B 414 18.05 24.56 -2.37
CA ASN B 414 19.32 23.97 -1.94
C ASN B 414 19.27 22.44 -1.92
N THR B 415 18.49 21.83 -2.82
CA THR B 415 18.25 20.40 -2.85
C THR B 415 18.97 19.77 -4.05
N LEU B 416 19.45 18.54 -3.86
CA LEU B 416 20.12 17.74 -4.88
C LEU B 416 19.49 16.35 -4.91
N VAL B 417 19.23 15.84 -6.12
CA VAL B 417 18.66 14.50 -6.30
C VAL B 417 19.50 13.76 -7.34
N THR B 418 19.13 12.52 -7.61
CA THR B 418 19.75 11.79 -8.71
C THR B 418 18.69 11.42 -9.73
N GLY B 419 19.14 10.76 -10.80
CA GLY B 419 18.23 10.26 -11.81
C GLY B 419 17.27 9.19 -11.32
N ASP B 420 17.53 8.61 -10.15
CA ASP B 420 16.62 7.64 -9.56
C ASP B 420 15.54 8.30 -8.71
N PHE B 421 15.49 9.64 -8.72
CA PHE B 421 14.38 10.39 -8.14
C PHE B 421 13.44 10.71 -9.28
N LEU B 422 12.28 10.07 -9.28
CA LEU B 422 11.32 10.19 -10.37
C LEU B 422 10.25 11.20 -10.02
N ILE B 423 10.03 12.16 -10.92
CA ILE B 423 9.05 13.22 -10.75
C ILE B 423 8.00 13.04 -11.85
N GLU B 424 6.79 12.63 -11.45
CA GLU B 424 5.81 12.15 -12.41
C GLU B 424 4.38 12.41 -11.94
N GLY B 425 3.49 12.75 -12.87
CA GLY B 425 2.08 12.91 -12.61
C GLY B 425 1.71 14.12 -11.78
N ASN B 426 2.64 15.04 -11.54
CA ASN B 426 2.43 16.15 -10.64
C ASN B 426 1.77 17.32 -11.35
N ARG B 427 1.20 18.22 -10.56
CA ARG B 427 0.55 19.42 -11.05
C ARG B 427 1.36 20.60 -10.52
N PHE B 428 2.04 21.29 -11.41
CA PHE B 428 2.95 22.39 -11.06
C PHE B 428 2.29 23.73 -11.39
N GLN B 429 1.71 24.40 -10.39
CA GLN B 429 1.09 25.70 -10.64
C GLN B 429 2.14 26.79 -10.42
N ASP B 430 2.61 27.39 -11.52
CA ASP B 430 3.60 28.46 -11.54
C ASP B 430 4.97 28.03 -11.02
N THR B 431 5.21 26.73 -10.87
CA THR B 431 6.47 26.26 -10.31
C THR B 431 7.63 26.59 -11.25
N THR B 432 8.63 27.31 -10.74
CA THR B 432 9.80 27.62 -11.55
C THR B 432 10.96 26.70 -11.19
N PHE B 433 11.62 26.17 -12.22
CA PHE B 433 12.84 25.39 -12.05
C PHE B 433 14.07 26.17 -12.48
N GLU B 434 13.93 27.46 -12.80
N GLU B 434 13.94 27.46 -12.81
CA GLU B 434 15.07 28.28 -13.21
CA GLU B 434 15.09 28.21 -13.27
C GLU B 434 16.19 28.19 -12.19
C GLU B 434 16.19 28.21 -12.22
N ASN B 435 17.41 27.95 -12.67
CA ASN B 435 18.60 27.83 -11.82
C ASN B 435 18.48 26.73 -10.75
N ASN B 436 17.54 25.80 -10.90
CA ASN B 436 17.40 24.69 -9.97
C ASN B 436 18.03 23.45 -10.60
N ILE B 437 19.12 22.99 -10.01
CA ILE B 437 19.88 21.87 -10.57
C ILE B 437 19.06 20.58 -10.58
N VAL B 438 18.03 20.50 -9.73
CA VAL B 438 17.18 19.31 -9.67
C VAL B 438 16.61 19.00 -11.05
N ALA B 439 16.33 20.04 -11.84
CA ALA B 439 15.77 19.88 -13.19
C ALA B 439 16.75 19.19 -14.14
N THR B 440 18.04 19.19 -13.84
CA THR B 440 19.01 18.49 -14.66
C THR B 440 19.43 17.14 -14.05
N GLN B 441 18.93 16.80 -12.86
CA GLN B 441 19.33 15.59 -12.15
C GLN B 441 18.25 14.52 -12.15
N ALA B 442 17.02 14.91 -11.85
CA ALA B 442 15.93 13.97 -11.66
C ALA B 442 15.46 13.39 -12.98
N SER B 443 14.75 12.27 -12.89
CA SER B 443 13.99 11.75 -14.00
C SER B 443 12.61 12.41 -13.98
N PHE B 444 12.16 12.81 -15.16
CA PHE B 444 10.84 13.40 -15.33
C PHE B 444 10.01 12.50 -16.24
N GLY B 445 8.83 12.13 -15.76
CA GLY B 445 7.80 11.56 -16.58
C GLY B 445 6.86 12.65 -17.08
N VAL B 446 5.63 12.26 -17.35
CA VAL B 446 4.60 13.25 -17.65
C VAL B 446 4.30 14.06 -16.40
N ASN B 447 4.19 15.37 -16.56
CA ASN B 447 3.70 16.26 -15.52
C ASN B 447 2.82 17.32 -16.17
N THR B 448 2.02 18.00 -15.33
CA THR B 448 1.16 19.08 -15.79
C THR B 448 1.75 20.40 -15.30
N PHE B 449 1.98 21.32 -16.24
CA PHE B 449 2.57 22.61 -15.97
C PHE B 449 1.51 23.69 -16.20
N LEU B 450 1.22 24.48 -15.17
CA LEU B 450 0.18 25.49 -15.26
C LEU B 450 0.78 26.87 -15.04
N GLY B 451 0.11 27.89 -15.58
CA GLY B 451 0.57 29.27 -15.42
C GLY B 451 1.95 29.48 -16.02
N THR B 452 2.84 30.11 -15.25
CA THR B 452 4.20 30.39 -15.72
C THR B 452 5.20 29.29 -15.33
N ALA B 453 4.73 28.06 -15.09
CA ALA B 453 5.60 27.00 -14.63
C ALA B 453 6.65 26.68 -15.69
N THR B 454 7.86 26.36 -15.24
CA THR B 454 8.93 25.96 -16.15
C THR B 454 8.61 24.58 -16.72
N VAL B 455 8.36 24.52 -18.02
CA VAL B 455 7.99 23.25 -18.65
C VAL B 455 9.24 22.38 -18.76
N ILE B 456 9.24 21.24 -18.08
CA ILE B 456 10.33 20.28 -18.16
C ILE B 456 9.87 19.13 -19.03
N GLN B 457 10.57 18.92 -20.15
CA GLN B 457 10.25 17.78 -20.99
C GLN B 457 10.55 16.48 -20.26
N PRO B 458 9.76 15.44 -20.49
CA PRO B 458 10.10 14.14 -19.89
C PRO B 458 11.48 13.70 -20.33
N VAL B 459 12.23 13.12 -19.39
CA VAL B 459 13.60 12.70 -19.63
C VAL B 459 13.94 11.59 -18.63
N ASP B 460 14.49 10.49 -19.14
CA ASP B 460 14.86 9.36 -18.30
C ASP B 460 16.32 9.48 -17.92
N ARG B 461 16.58 9.50 -16.61
CA ARG B 461 17.95 9.55 -16.10
C ARG B 461 18.18 8.42 -15.10
N ARG B 462 17.34 7.40 -15.10
CA ARG B 462 17.44 6.35 -14.12
C ARG B 462 18.63 5.44 -14.38
N THR B 463 19.16 4.88 -13.30
CA THR B 463 20.30 3.98 -13.41
C THR B 463 19.94 2.70 -14.16
N ILE B 464 18.76 2.14 -13.88
CA ILE B 464 18.38 0.85 -14.47
C ILE B 464 18.39 0.92 -15.98
N THR B 465 18.12 2.09 -16.56
CA THR B 465 18.07 2.23 -18.01
C THR B 465 19.31 2.92 -18.60
N GLN B 466 20.38 3.09 -17.82
CA GLN B 466 21.51 3.86 -18.32
C GLN B 466 22.17 3.19 -19.52
N GLN B 467 22.07 1.86 -19.64
CA GLN B 467 22.67 1.17 -20.77
C GLN B 467 22.03 1.55 -22.11
N TYR B 468 20.83 2.13 -22.09
CA TYR B 468 20.20 2.57 -23.33
C TYR B 468 20.65 3.95 -23.75
N ARG B 469 21.36 4.67 -22.89
CA ARG B 469 21.79 6.02 -23.20
C ARG B 469 23.27 6.09 -23.59
N ASN B 470 24.06 5.11 -23.21
CA ASN B 470 25.43 5.04 -23.68
C ASN B 470 25.48 4.54 -25.13
N LEU B 471 26.56 4.87 -25.81
CA LEU B 471 26.89 4.24 -27.08
C LEU B 471 27.08 2.75 -26.87
N PRO B 472 26.50 1.90 -27.71
CA PRO B 472 26.67 0.44 -27.57
C PRO B 472 27.98 -0.05 -28.18
N ASP B 473 28.36 -1.28 -27.80
CA ASP B 473 29.53 -1.96 -28.36
C ASP B 473 29.21 -2.71 -29.64
N ILE B 474 27.94 -2.78 -30.01
CA ILE B 474 27.52 -3.37 -31.27
C ILE B 474 26.24 -2.67 -31.69
N SER B 475 26.09 -2.46 -32.98
CA SER B 475 24.98 -1.67 -33.50
C SER B 475 24.51 -2.30 -34.80
N GLY B 476 23.31 -1.94 -35.21
CA GLY B 476 22.86 -2.39 -36.51
C GLY B 476 21.34 -2.42 -36.59
N VAL B 477 20.85 -3.33 -37.44
CA VAL B 477 19.43 -3.40 -37.78
C VAL B 477 19.15 -4.81 -38.29
N LYS B 478 17.90 -5.25 -38.16
CA LYS B 478 17.55 -6.58 -38.61
C LYS B 478 16.17 -6.54 -39.27
N SER B 479 15.89 -7.59 -40.01
CA SER B 479 14.58 -7.75 -40.60
C SER B 479 13.58 -8.22 -39.54
N PRO B 480 12.30 -7.83 -39.67
CA PRO B 480 11.28 -8.40 -38.78
C PRO B 480 11.15 -9.90 -38.90
N ILE B 481 11.53 -10.48 -40.04
CA ILE B 481 11.48 -11.92 -40.25
C ILE B 481 12.67 -12.63 -39.62
N ASN B 482 13.65 -11.89 -39.12
CA ASN B 482 14.83 -12.45 -38.47
C ASN B 482 15.63 -13.33 -39.43
N ASP B 483 15.68 -12.94 -40.70
CA ASP B 483 16.49 -13.63 -41.70
C ASP B 483 17.40 -12.66 -42.46
N ALA B 484 17.63 -11.47 -41.90
CA ALA B 484 18.54 -10.48 -42.46
C ALA B 484 19.06 -9.64 -41.32
N TYR B 485 20.38 -9.50 -41.24
CA TYR B 485 21.02 -8.81 -40.13
C TYR B 485 22.11 -7.88 -40.65
N PHE B 486 22.26 -6.75 -39.98
CA PHE B 486 23.35 -5.81 -40.21
C PHE B 486 23.95 -5.51 -38.84
N ASN B 487 25.19 -5.91 -38.63
CA ASN B 487 25.88 -5.73 -37.37
C ASN B 487 27.18 -4.97 -37.59
N THR B 488 27.46 -4.01 -36.72
CA THR B 488 28.69 -3.26 -36.87
C THR B 488 29.45 -3.19 -35.55
N GLU B 489 30.75 -3.43 -35.62
CA GLU B 489 31.67 -3.27 -34.51
C GLU B 489 32.85 -2.41 -34.94
N ILE B 490 33.63 -1.94 -33.98
CA ILE B 490 34.70 -0.99 -34.29
C ILE B 490 35.85 -1.21 -33.30
N ARG B 491 37.07 -1.12 -33.80
CA ARG B 491 38.25 -1.35 -32.96
C ARG B 491 39.34 -0.34 -33.30
N ASN B 492 40.19 -0.11 -32.32
CA ASN B 492 41.40 0.70 -32.43
C ASN B 492 42.60 -0.23 -32.60
N PHE B 493 43.48 0.10 -33.54
CA PHE B 493 44.66 -0.71 -33.78
C PHE B 493 45.90 0.16 -33.77
N ASN B 494 46.95 -0.30 -33.08
CA ASN B 494 48.27 0.32 -33.12
C ASN B 494 49.17 -0.52 -34.03
N LEU B 495 49.38 -0.03 -35.25
CA LEU B 495 50.10 -0.77 -36.29
C LEU B 495 51.57 -0.37 -36.33
N ASP B 496 52.43 -1.36 -36.58
CA ASP B 496 53.84 -1.13 -36.84
C ASP B 496 54.11 -1.45 -38.32
N LEU B 497 55.39 -1.62 -38.67
CA LEU B 497 55.72 -1.82 -40.08
C LEU B 497 55.52 -3.26 -40.56
N ASN B 498 55.28 -4.21 -39.66
CA ASN B 498 55.03 -5.58 -40.05
C ASN B 498 53.53 -5.90 -40.03
N PHE B 499 53.10 -6.74 -40.97
CA PHE B 499 51.70 -7.16 -41.03
C PHE B 499 51.29 -7.90 -39.77
N LYS B 500 50.04 -7.67 -39.36
CA LYS B 500 49.49 -8.23 -38.13
C LYS B 500 48.07 -8.70 -38.44
N GLU B 501 47.71 -9.89 -37.97
CA GLU B 501 46.36 -10.40 -38.12
C GLU B 501 45.41 -9.63 -37.21
N VAL B 502 44.33 -9.09 -37.77
CA VAL B 502 43.41 -8.23 -37.03
C VAL B 502 42.02 -8.84 -36.93
N LEU B 503 41.55 -9.53 -37.96
CA LEU B 503 40.20 -10.09 -37.91
C LEU B 503 40.01 -11.18 -38.96
N THR B 504 38.98 -11.99 -38.75
CA THR B 504 38.55 -13.00 -39.71
C THR B 504 37.05 -12.85 -39.90
N VAL B 505 36.62 -12.60 -41.14
CA VAL B 505 35.21 -12.37 -41.42
C VAL B 505 34.48 -13.71 -41.47
N PRO B 506 33.22 -13.77 -41.10
CA PRO B 506 32.50 -15.05 -41.11
C PRO B 506 32.14 -15.46 -42.53
N LEU B 507 31.71 -16.71 -42.65
CA LEU B 507 31.16 -17.20 -43.91
C LEU B 507 29.76 -16.62 -44.11
N ARG B 508 29.17 -16.93 -45.27
CA ARG B 508 27.76 -16.62 -45.55
C ARG B 508 27.43 -15.16 -45.26
N SER B 509 28.31 -14.25 -45.67
CA SER B 509 28.13 -12.88 -45.27
C SER B 509 28.85 -11.95 -46.24
N GLY B 510 28.33 -10.73 -46.34
CA GLY B 510 29.01 -9.63 -47.02
C GLY B 510 29.53 -8.69 -45.95
N CYS B 511 30.76 -8.22 -46.13
CA CYS B 511 31.40 -7.40 -45.11
C CYS B 511 32.01 -6.16 -45.74
N LYS B 512 31.87 -5.03 -45.06
CA LYS B 512 32.55 -3.80 -45.45
C LYS B 512 33.42 -3.37 -44.27
N ILE B 513 34.72 -3.23 -44.52
CA ILE B 513 35.69 -2.82 -43.52
C ILE B 513 36.12 -1.41 -43.88
N THR B 514 35.97 -0.50 -42.93
CA THR B 514 36.43 0.87 -43.10
C THR B 514 37.64 1.05 -42.21
N ILE B 515 38.74 1.50 -42.81
CA ILE B 515 40.00 1.72 -42.11
C ILE B 515 40.36 3.19 -42.27
N THR B 516 40.55 3.88 -41.16
CA THR B 516 40.88 5.29 -41.22
C THR B 516 41.76 5.66 -40.03
N GLY B 517 42.56 6.71 -40.18
CA GLY B 517 43.45 7.13 -39.11
C GLY B 517 42.74 7.94 -38.03
N ALA B 518 43.26 7.85 -36.82
CA ALA B 518 42.77 8.67 -35.71
C ALA B 518 43.94 8.91 -34.75
N ASP B 519 45.01 9.50 -35.30
CA ASP B 519 46.32 9.59 -34.67
C ASP B 519 46.49 10.93 -33.97
N ALA B 520 47.09 10.90 -32.78
CA ALA B 520 47.33 12.10 -31.99
C ALA B 520 48.68 12.75 -32.29
N THR B 521 49.47 12.17 -33.20
CA THR B 521 50.74 12.76 -33.58
C THR B 521 50.49 14.03 -34.38
N THR B 522 51.34 15.03 -34.20
CA THR B 522 51.27 16.25 -34.98
C THR B 522 52.01 16.09 -36.32
N ASN B 523 51.35 16.49 -37.41
CA ASN B 523 51.92 16.53 -38.77
C ASN B 523 52.18 15.16 -39.38
N ALA B 524 52.78 14.24 -38.61
CA ALA B 524 53.25 12.96 -39.14
C ALA B 524 52.34 11.79 -38.76
N GLY B 525 51.09 12.05 -38.39
CA GLY B 525 50.16 11.01 -38.05
C GLY B 525 49.58 10.30 -39.25
N SER B 526 48.76 9.29 -38.97
CA SER B 526 48.19 8.50 -40.05
C SER B 526 47.14 9.28 -40.86
N LYS B 527 47.11 9.00 -42.15
CA LYS B 527 46.12 9.57 -43.07
C LYS B 527 45.68 8.44 -43.99
N ALA B 528 44.44 7.99 -43.84
CA ALA B 528 43.94 6.92 -44.68
C ALA B 528 42.43 6.87 -44.53
N TYR B 529 41.76 6.50 -45.63
CA TYR B 529 40.36 6.13 -45.60
C TYR B 529 40.20 5.05 -46.66
N VAL B 530 40.24 3.79 -46.23
CA VAL B 530 40.27 2.65 -47.12
C VAL B 530 39.06 1.78 -46.84
N GLU B 531 38.33 1.40 -47.89
CA GLU B 531 37.19 0.51 -47.78
C GLU B 531 37.54 -0.83 -48.38
N LEU B 532 37.38 -1.89 -47.59
CA LEU B 532 37.58 -3.26 -48.01
C LEU B 532 36.24 -3.98 -47.98
N PHE B 533 36.03 -4.85 -48.97
CA PHE B 533 34.76 -5.55 -49.15
C PHE B 533 35.03 -7.04 -49.28
N VAL B 534 34.17 -7.84 -48.68
CA VAL B 534 34.26 -9.30 -48.72
C VAL B 534 32.86 -9.86 -48.91
N ASN B 535 32.74 -10.90 -49.72
CA ASN B 535 31.50 -11.67 -49.75
C ASN B 535 31.87 -13.14 -49.76
N SER B 536 31.20 -13.94 -48.92
CA SER B 536 31.45 -15.36 -48.85
C SER B 536 30.14 -16.13 -48.87
N ASP B 537 30.17 -17.30 -49.50
CA ASP B 537 29.06 -18.23 -49.28
C ASP B 537 29.49 -19.19 -48.18
N ASN B 538 29.06 -20.44 -48.26
CA ASN B 538 29.41 -21.37 -47.19
C ASN B 538 30.88 -21.80 -47.23
N SER B 539 31.64 -21.42 -48.26
CA SER B 539 33.03 -21.84 -48.28
C SER B 539 33.93 -20.92 -49.11
N THR B 540 33.39 -20.20 -50.08
CA THR B 540 34.19 -19.42 -51.02
C THR B 540 34.09 -17.93 -50.71
N THR B 541 35.20 -17.20 -50.92
CA THR B 541 35.34 -15.81 -50.51
C THR B 541 35.95 -14.97 -51.64
N ILE B 542 35.34 -13.82 -51.93
CA ILE B 542 35.88 -12.85 -52.87
C ILE B 542 36.09 -11.53 -52.14
N THR B 543 37.20 -10.84 -52.42
CA THR B 543 37.47 -9.56 -51.81
C THR B 543 37.62 -8.48 -52.86
N ALA B 544 37.48 -7.22 -52.41
CA ALA B 544 37.69 -6.05 -53.24
C ALA B 544 38.05 -4.89 -52.33
N HIS B 545 38.64 -3.85 -52.92
CA HIS B 545 39.13 -2.72 -52.13
C HIS B 545 38.81 -1.40 -52.81
N ASN B 546 38.81 -0.33 -52.01
CA ASN B 546 38.56 1.02 -52.50
C ASN B 546 39.38 1.98 -51.62
N GLU B 547 40.51 2.44 -52.14
CA GLU B 547 41.36 3.37 -51.40
C GLU B 547 40.95 4.81 -51.75
N VAL B 548 40.17 5.44 -50.87
CA VAL B 548 39.75 6.82 -51.07
C VAL B 548 40.87 7.79 -50.66
N ILE B 549 41.45 7.58 -49.49
CA ILE B 549 42.62 8.30 -49.02
C ILE B 549 43.63 7.27 -48.53
N ASN B 550 44.87 7.40 -48.96
CA ASN B 550 45.92 6.50 -48.48
C ASN B 550 47.27 7.17 -48.74
N ASP B 551 47.74 7.91 -47.73
CA ASP B 551 48.98 8.65 -47.86
C ASP B 551 50.14 7.69 -48.11
N PRO B 552 50.99 7.96 -49.09
CA PRO B 552 52.11 7.03 -49.39
C PRO B 552 53.12 6.89 -48.27
N LEU B 553 53.16 7.81 -47.31
CA LEU B 553 54.03 7.68 -46.15
C LEU B 553 53.28 7.34 -44.88
N TYR B 554 52.03 7.79 -44.77
CA TYR B 554 51.31 7.73 -43.52
C TYR B 554 50.05 6.88 -43.60
N GLY B 555 49.88 6.14 -44.69
CA GLY B 555 48.70 5.34 -44.90
C GLY B 555 48.82 3.96 -44.28
N VAL B 556 48.04 3.03 -44.83
CA VAL B 556 47.90 1.69 -44.27
C VAL B 556 48.09 0.66 -45.37
N LYS B 557 48.63 -0.50 -44.99
CA LYS B 557 48.74 -1.65 -45.89
C LYS B 557 47.84 -2.77 -45.40
N TYR B 558 47.23 -3.47 -46.33
CA TYR B 558 46.29 -4.54 -46.02
C TYR B 558 46.60 -5.76 -46.88
N SER B 559 46.29 -6.94 -46.35
CA SER B 559 46.53 -8.19 -47.05
C SER B 559 45.55 -9.24 -46.54
N TRP B 560 44.99 -10.02 -47.47
CA TRP B 560 44.05 -11.08 -47.15
C TRP B 560 44.71 -12.44 -47.24
N SER B 561 44.43 -13.28 -46.25
CA SER B 561 44.78 -14.69 -46.29
C SER B 561 43.46 -15.43 -46.05
N GLY B 562 42.81 -15.87 -47.13
CA GLY B 562 41.47 -16.38 -46.97
C GLY B 562 40.55 -15.29 -46.45
N ARG B 563 39.94 -15.54 -45.30
CA ARG B 563 39.02 -14.60 -44.67
C ARG B 563 39.66 -13.81 -43.53
N THR B 564 40.98 -13.95 -43.33
CA THR B 564 41.69 -13.22 -42.30
C THR B 564 42.39 -12.00 -42.90
N LEU B 565 42.15 -10.83 -42.30
CA LEU B 565 42.74 -9.59 -42.76
C LEU B 565 43.98 -9.26 -41.92
N SER B 566 45.05 -8.84 -42.60
CA SER B 566 46.24 -8.34 -41.92
C SER B 566 46.50 -6.89 -42.32
N LEU B 567 46.96 -6.10 -41.34
CA LEU B 567 47.20 -4.68 -41.53
C LEU B 567 48.61 -4.31 -41.10
N ALA B 568 49.14 -3.24 -41.70
CA ALA B 568 50.47 -2.75 -41.38
C ALA B 568 50.53 -1.26 -41.67
N GLY B 569 51.39 -0.56 -40.93
CA GLY B 569 51.68 0.83 -41.21
C GLY B 569 52.77 0.97 -42.26
N ILE B 570 53.05 2.24 -42.60
CA ILE B 570 54.11 2.57 -43.53
C ILE B 570 55.24 3.33 -42.83
N THR B 571 54.90 4.20 -41.90
CA THR B 571 55.86 4.91 -41.05
C THR B 571 55.35 4.83 -39.62
N LEU B 572 56.27 4.54 -38.68
CA LEU B 572 55.89 4.25 -37.29
C LEU B 572 55.12 5.38 -36.64
N SER B 573 55.45 6.64 -36.98
CA SER B 573 54.71 7.75 -36.40
C SER B 573 53.24 7.73 -36.79
N ALA B 574 52.89 7.10 -37.92
CA ALA B 574 51.51 7.00 -38.36
C ALA B 574 51.02 5.59 -38.02
N ASN B 575 50.56 5.42 -36.78
CA ASN B 575 50.31 4.10 -36.23
C ASN B 575 48.90 3.84 -35.75
N THR B 576 48.11 4.87 -35.43
CA THR B 576 46.79 4.69 -34.84
C THR B 576 45.73 4.66 -35.94
N PHE B 577 45.05 3.53 -36.08
CA PHE B 577 43.99 3.38 -37.07
C PHE B 577 42.72 2.85 -36.40
N ILE B 578 41.57 3.32 -36.87
CA ILE B 578 40.27 2.82 -36.45
C ILE B 578 39.77 1.88 -37.54
N VAL B 579 39.24 0.73 -37.14
CA VAL B 579 38.76 -0.28 -38.08
C VAL B 579 37.31 -0.60 -37.71
N LYS B 580 36.40 -0.31 -38.64
CA LYS B 580 34.97 -0.56 -38.46
C LYS B 580 34.54 -1.63 -39.44
N VAL B 581 33.78 -2.61 -38.96
CA VAL B 581 33.31 -3.70 -39.80
C VAL B 581 31.79 -3.66 -39.83
N ASP B 582 31.24 -3.70 -41.03
CA ASP B 582 29.80 -3.86 -41.23
C ASP B 582 29.59 -5.25 -41.83
N VAL B 583 28.82 -6.09 -41.15
CA VAL B 583 28.58 -7.47 -41.58
C VAL B 583 27.11 -7.60 -41.95
N PHE B 584 26.86 -8.10 -43.17
CA PHE B 584 25.53 -8.42 -43.67
C PHE B 584 25.37 -9.93 -43.68
N SER B 585 24.33 -10.45 -43.02
CA SER B 585 24.18 -11.90 -42.98
C SER B 585 22.71 -12.29 -42.87
N ALA B 586 22.43 -13.56 -43.12
CA ALA B 586 21.09 -14.11 -42.98
C ALA B 586 20.85 -14.79 -41.63
N LEU B 587 21.90 -15.04 -40.86
CA LEU B 587 21.79 -15.75 -39.60
C LEU B 587 22.70 -15.08 -38.58
N PRO B 588 22.28 -15.03 -37.31
CA PRO B 588 23.14 -14.44 -36.28
C PRO B 588 24.47 -15.14 -36.14
N GLN B 589 24.53 -16.44 -36.44
CA GLN B 589 25.78 -17.18 -36.30
C GLN B 589 26.86 -16.67 -37.25
N TYR B 590 26.48 -15.99 -38.31
CA TYR B 590 27.43 -15.53 -39.31
C TYR B 590 27.44 -14.00 -39.38
N SER B 591 27.14 -13.34 -38.26
CA SER B 591 26.90 -11.91 -38.26
C SER B 591 28.05 -11.10 -37.69
N LYS B 592 29.10 -11.75 -37.18
CA LYS B 592 30.15 -11.02 -36.49
C LYS B 592 31.51 -11.57 -36.87
N VAL B 593 32.48 -10.68 -36.98
CA VAL B 593 33.85 -11.11 -37.25
C VAL B 593 34.49 -11.61 -35.96
N THR B 594 35.60 -12.33 -36.11
CA THR B 594 36.46 -12.69 -34.99
C THR B 594 37.60 -11.69 -34.95
N TRP B 595 37.66 -10.93 -33.87
CA TRP B 595 38.76 -10.00 -33.66
C TRP B 595 39.97 -10.77 -33.14
N LEU B 596 41.13 -10.48 -33.70
CA LEU B 596 42.34 -11.22 -33.36
C LEU B 596 43.30 -10.42 -32.48
N SER C 18 -34.19 -7.74 47.65
CA SER C 18 -33.13 -8.30 46.83
C SER C 18 -32.42 -9.44 47.54
N VAL C 19 -32.43 -10.61 46.91
CA VAL C 19 -31.84 -11.83 47.46
C VAL C 19 -30.35 -11.88 47.12
N GLN C 20 -29.56 -12.37 48.07
CA GLN C 20 -28.14 -12.57 47.85
C GLN C 20 -27.75 -13.87 48.55
N VAL C 21 -27.33 -14.87 47.77
CA VAL C 21 -26.95 -16.18 48.28
C VAL C 21 -25.50 -16.46 47.88
N ASP C 22 -24.98 -17.57 48.38
CA ASP C 22 -23.55 -17.84 48.27
C ASP C 22 -23.15 -18.62 47.03
N SER C 23 -24.10 -19.15 46.26
CA SER C 23 -23.75 -19.97 45.12
C SER C 23 -24.99 -20.20 44.26
N VAL C 24 -24.76 -20.79 43.09
CA VAL C 24 -25.86 -21.22 42.21
C VAL C 24 -26.62 -22.37 42.86
N ASN C 25 -25.91 -23.25 43.57
CA ASN C 25 -26.56 -24.38 44.24
C ASN C 25 -27.61 -23.91 45.23
N ALA C 26 -27.29 -22.87 46.00
CA ALA C 26 -28.28 -22.34 46.92
C ALA C 26 -29.45 -21.70 46.18
N LEU C 27 -29.17 -21.08 45.04
CA LEU C 27 -30.23 -20.45 44.28
C LEU C 27 -31.29 -21.46 43.84
N ARG C 28 -30.88 -22.70 43.54
CA ARG C 28 -31.80 -23.75 43.13
C ARG C 28 -32.77 -24.17 44.23
N LYS C 29 -32.58 -23.72 45.46
CA LYS C 29 -33.42 -24.11 46.60
C LYS C 29 -34.35 -22.99 47.06
N VAL C 30 -34.38 -21.86 46.38
CA VAL C 30 -35.15 -20.69 46.82
C VAL C 30 -36.02 -20.21 45.68
N LYS C 31 -37.30 -19.98 45.95
CA LYS C 31 -38.22 -19.46 44.95
C LYS C 31 -38.34 -17.95 45.09
N GLY C 32 -38.53 -17.30 43.95
CA GLY C 32 -38.71 -15.85 43.96
C GLY C 32 -40.08 -15.46 44.48
N LEU C 33 -40.11 -14.36 45.23
CA LEU C 33 -41.36 -13.87 45.80
C LEU C 33 -42.26 -13.26 44.73
N PHE C 34 -41.69 -12.43 43.87
CA PHE C 34 -42.48 -11.69 42.89
C PHE C 34 -41.80 -11.76 41.53
N HIS C 35 -42.53 -11.30 40.52
CA HIS C 35 -42.03 -11.36 39.15
C HIS C 35 -40.78 -10.51 39.00
N ASN C 36 -39.73 -11.11 38.47
CA ASN C 36 -38.46 -10.44 38.19
C ASN C 36 -37.82 -9.88 39.46
N GLN C 37 -37.81 -10.70 40.52
CA GLN C 37 -37.03 -10.35 41.69
C GLN C 37 -35.54 -10.56 41.40
N LYS C 38 -34.72 -9.67 41.94
CA LYS C 38 -33.28 -9.69 41.73
C LYS C 38 -32.62 -10.65 42.70
N ALA C 39 -31.72 -11.49 42.19
CA ALA C 39 -30.90 -12.37 43.01
C ALA C 39 -29.45 -12.23 42.57
N THR C 40 -28.55 -12.25 43.54
CA THR C 40 -27.12 -12.06 43.30
C THR C 40 -26.35 -13.15 44.03
N THR C 41 -25.64 -13.98 43.26
CA THR C 41 -24.81 -15.04 43.83
C THR C 41 -23.42 -14.48 44.15
N THR C 42 -22.90 -14.85 45.32
CA THR C 42 -21.55 -14.45 45.69
C THR C 42 -20.53 -15.13 44.80
N SER C 43 -20.69 -16.43 44.58
CA SER C 43 -19.89 -17.19 43.65
C SER C 43 -20.83 -18.07 42.85
N TYR C 44 -20.28 -18.72 41.83
CA TYR C 44 -21.00 -19.82 41.19
C TYR C 44 -20.98 -21.04 42.10
N VAL C 45 -19.78 -21.51 42.41
CA VAL C 45 -19.55 -22.55 43.41
C VAL C 45 -19.20 -21.87 44.73
N ALA C 46 -19.91 -22.25 45.80
CA ALA C 46 -19.79 -21.54 47.08
C ALA C 46 -18.37 -21.49 47.60
N GLY C 47 -17.94 -20.30 48.03
CA GLY C 47 -16.64 -20.13 48.66
C GLY C 47 -15.46 -19.98 47.72
N THR C 48 -15.69 -19.90 46.41
CA THR C 48 -14.58 -19.81 45.47
C THR C 48 -14.18 -18.38 45.13
N GLY C 49 -15.09 -17.42 45.29
CA GLY C 49 -14.82 -16.05 44.91
C GLY C 49 -14.94 -15.77 43.42
N PHE C 50 -15.36 -16.75 42.62
CA PHE C 50 -15.43 -16.66 41.17
C PHE C 50 -16.82 -17.02 40.69
N GLY C 51 -17.30 -16.32 39.66
CA GLY C 51 -18.52 -16.73 39.00
C GLY C 51 -19.81 -16.12 39.51
N GLY C 52 -19.76 -15.22 40.49
CA GLY C 52 -20.98 -14.56 40.92
C GLY C 52 -21.66 -13.84 39.78
N ALA C 53 -22.99 -13.70 39.86
CA ALA C 53 -23.76 -13.14 38.76
C ALA C 53 -25.10 -12.63 39.28
N THR C 54 -25.89 -12.04 38.37
CA THR C 54 -27.20 -11.49 38.68
C THR C 54 -28.28 -12.28 37.93
N TYR C 55 -29.39 -12.56 38.62
CA TYR C 55 -30.47 -13.37 38.05
C TYR C 55 -31.81 -12.69 38.29
N LEU C 56 -32.77 -12.99 37.41
CA LEU C 56 -34.12 -12.47 37.55
C LEU C 56 -35.12 -13.63 37.61
N TRP C 57 -36.05 -13.54 38.55
CA TRP C 57 -37.00 -14.62 38.80
C TRP C 57 -38.13 -14.62 37.77
N ASP C 58 -38.35 -15.78 37.17
CA ASP C 58 -39.50 -16.01 36.28
C ASP C 58 -40.31 -17.15 36.87
N ALA C 59 -41.48 -16.83 37.43
CA ALA C 59 -42.28 -17.86 38.08
C ALA C 59 -42.84 -18.86 37.07
N ASN C 60 -43.03 -18.44 35.83
CA ASN C 60 -43.67 -19.25 34.82
C ASN C 60 -42.71 -20.15 34.05
N ASN C 61 -41.41 -19.99 34.27
CA ASN C 61 -40.42 -20.64 33.42
C ASN C 61 -40.50 -22.16 33.54
N THR C 62 -40.52 -22.83 32.39
CA THR C 62 -40.48 -24.29 32.33
C THR C 62 -39.32 -24.78 31.48
N ALA C 63 -38.38 -23.90 31.15
CA ALA C 63 -37.22 -24.27 30.36
C ALA C 63 -36.31 -25.22 31.14
N THR C 64 -35.40 -25.86 30.42
CA THR C 64 -34.46 -26.78 31.05
C THR C 64 -33.34 -26.02 31.74
N ASP C 65 -33.01 -26.44 32.96
CA ASP C 65 -31.86 -25.90 33.68
C ASP C 65 -30.60 -26.22 32.91
N ASP C 66 -29.81 -25.19 32.59
CA ASP C 66 -28.57 -25.36 31.84
C ASP C 66 -27.35 -24.95 32.63
N GLY C 67 -27.49 -24.64 33.92
CA GLY C 67 -26.36 -24.21 34.73
C GLY C 67 -25.72 -22.91 34.30
N LEU C 68 -26.41 -22.10 33.52
CA LEU C 68 -25.84 -20.86 33.02
C LEU C 68 -26.92 -19.80 32.93
N SER C 69 -27.77 -19.88 31.91
CA SER C 69 -28.81 -18.86 31.71
C SER C 69 -30.10 -19.19 32.46
N VAL C 70 -30.36 -20.48 32.70
CA VAL C 70 -31.59 -20.94 33.32
C VAL C 70 -31.22 -21.75 34.56
N ILE C 71 -31.63 -21.27 35.73
CA ILE C 71 -31.40 -21.97 36.99
C ILE C 71 -32.77 -22.37 37.53
N ARG C 72 -33.16 -23.63 37.33
CA ARG C 72 -34.48 -24.09 37.74
C ARG C 72 -34.50 -24.43 39.23
N VAL C 73 -35.59 -24.02 39.89
CA VAL C 73 -35.74 -24.38 41.29
C VAL C 73 -36.10 -25.86 41.38
N THR C 74 -35.28 -26.62 42.07
CA THR C 74 -35.50 -28.05 42.16
C THR C 74 -36.71 -28.35 43.04
N GLY C 75 -37.50 -29.33 42.62
CA GLY C 75 -38.69 -29.71 43.36
C GLY C 75 -39.95 -28.95 43.00
N ALA C 76 -39.94 -28.20 41.90
CA ALA C 76 -41.09 -27.42 41.47
C ALA C 76 -41.28 -27.62 39.98
N ALA C 77 -42.53 -27.58 39.54
CA ALA C 77 -42.82 -27.79 38.12
C ALA C 77 -42.43 -26.57 37.29
N THR C 78 -42.58 -25.37 37.84
CA THR C 78 -42.21 -24.14 37.14
C THR C 78 -41.34 -23.27 38.03
N GLY C 79 -40.63 -22.35 37.40
CA GLY C 79 -39.79 -21.36 38.08
C GLY C 79 -38.33 -21.49 37.74
N ALA C 80 -37.71 -20.36 37.42
CA ALA C 80 -36.29 -20.33 37.12
C ALA C 80 -35.72 -18.96 37.41
N TRP C 81 -34.45 -18.94 37.80
CA TRP C 81 -33.69 -17.70 37.88
C TRP C 81 -32.97 -17.51 36.55
N LEU C 82 -33.15 -16.35 35.93
CA LEU C 82 -32.64 -16.11 34.58
C LEU C 82 -31.40 -15.21 34.64
N LEU C 83 -30.31 -15.69 34.06
CA LEU C 83 -29.05 -14.94 34.06
C LEU C 83 -29.21 -13.60 33.35
N GLN C 84 -28.59 -12.57 33.90
CA GLN C 84 -28.54 -11.25 33.27
C GLN C 84 -27.10 -11.01 32.84
N VAL C 85 -26.88 -11.01 31.52
CA VAL C 85 -25.58 -10.68 30.94
C VAL C 85 -25.55 -9.19 30.66
N HIS C 86 -24.51 -8.52 31.13
CA HIS C 86 -24.33 -7.10 30.91
C HIS C 86 -23.14 -6.85 29.98
N ASN C 87 -23.25 -5.82 29.16
CA ASN C 87 -22.15 -5.27 28.38
C ASN C 87 -21.61 -6.21 27.33
N LYS C 88 -22.39 -7.22 26.94
CA LYS C 88 -21.94 -8.22 25.98
C LYS C 88 -20.65 -8.91 26.44
N VAL C 89 -20.49 -9.12 27.74
CA VAL C 89 -19.36 -9.87 28.29
C VAL C 89 -19.92 -10.90 29.28
N LEU C 90 -19.74 -12.17 28.97
CA LEU C 90 -20.10 -13.26 29.87
C LEU C 90 -18.81 -13.85 30.44
N HIS C 91 -18.66 -13.82 31.75
CA HIS C 91 -17.52 -14.47 32.39
C HIS C 91 -17.79 -15.98 32.50
N ALA C 92 -16.89 -16.79 31.92
CA ALA C 92 -17.07 -18.23 31.92
C ALA C 92 -17.24 -18.80 33.32
N THR C 93 -16.64 -18.13 34.32
CA THR C 93 -16.84 -18.56 35.70
C THR C 93 -18.31 -18.54 36.07
N GLN C 94 -19.11 -17.69 35.41
CA GLN C 94 -20.54 -17.62 35.69
C GLN C 94 -21.31 -18.79 35.11
N ALA C 95 -20.64 -19.70 34.41
CA ALA C 95 -21.19 -21.00 34.04
C ALA C 95 -20.53 -22.12 34.82
N GLY C 96 -19.70 -21.80 35.80
CA GLY C 96 -19.05 -22.80 36.61
C GLY C 96 -17.61 -23.09 36.28
N LEU C 97 -17.03 -22.39 35.30
CA LEU C 97 -15.65 -22.63 34.94
C LEU C 97 -14.73 -22.39 36.13
N ARG C 98 -13.75 -23.29 36.30
CA ARG C 98 -12.86 -23.20 37.44
C ARG C 98 -11.62 -22.38 37.08
N ALA C 99 -11.36 -21.36 37.90
CA ALA C 99 -10.35 -20.34 37.65
C ALA C 99 -9.07 -20.65 38.41
N GLU C 100 -7.96 -20.13 37.89
CA GLU C 100 -6.66 -20.13 38.57
C GLU C 100 -6.16 -21.55 38.87
N LEU C 101 -6.50 -22.50 38.01
CA LEU C 101 -6.00 -23.87 38.13
C LEU C 101 -4.56 -23.96 37.62
N LEU C 102 -3.82 -24.91 38.15
CA LEU C 102 -2.47 -25.18 37.66
C LEU C 102 -2.53 -26.09 36.44
N GLU C 103 -1.42 -26.13 35.69
CA GLU C 103 -1.36 -27.01 34.53
C GLU C 103 -1.53 -28.47 34.93
N SER C 104 -1.13 -28.83 36.14
CA SER C 104 -1.26 -30.19 36.64
C SER C 104 -2.68 -30.54 37.10
N ASP C 105 -3.60 -29.56 37.14
CA ASP C 105 -5.02 -29.79 37.43
C ASP C 105 -5.68 -30.23 36.13
N LEU C 106 -5.78 -31.55 35.92
CA LEU C 106 -6.25 -32.12 34.65
C LEU C 106 -7.78 -32.18 34.66
N ILE C 107 -8.40 -31.01 34.49
CA ILE C 107 -9.83 -30.87 34.61
C ILE C 107 -10.39 -30.41 33.26
N ASP C 108 -11.24 -31.24 32.68
CA ASP C 108 -11.89 -30.96 31.40
C ASP C 108 -13.03 -29.97 31.64
N GLN C 109 -12.96 -28.82 30.98
CA GLN C 109 -14.02 -27.81 31.06
C GLN C 109 -14.62 -27.53 29.69
N THR C 110 -14.51 -28.47 28.74
CA THR C 110 -15.02 -28.24 27.38
C THR C 110 -16.51 -27.91 27.38
N THR C 111 -17.31 -28.70 28.10
CA THR C 111 -18.75 -28.50 28.08
C THR C 111 -19.14 -27.12 28.58
N ILE C 112 -18.43 -26.62 29.59
CA ILE C 112 -18.75 -25.30 30.14
C ILE C 112 -18.40 -24.20 29.14
N LEU C 113 -17.20 -24.26 28.55
CA LEU C 113 -16.78 -23.20 27.64
C LEU C 113 -17.65 -23.16 26.38
N GLN C 114 -18.02 -24.33 25.85
CA GLN C 114 -18.88 -24.33 24.68
C GLN C 114 -20.25 -23.71 25.00
N LYS C 115 -20.78 -23.99 26.20
CA LYS C 115 -22.05 -23.37 26.60
C LYS C 115 -21.95 -21.86 26.57
N CYS C 116 -20.83 -21.31 27.06
CA CYS C 116 -20.69 -19.87 27.09
C CYS C 116 -20.65 -19.30 25.69
N VAL C 117 -19.84 -19.89 24.80
CA VAL C 117 -19.79 -19.40 23.41
C VAL C 117 -21.14 -19.56 22.75
N ASP C 118 -21.79 -20.72 22.94
CA ASP C 118 -23.10 -20.95 22.33
C ASP C 118 -24.14 -19.95 22.84
N TYR C 119 -24.09 -19.62 24.13
CA TYR C 119 -25.11 -18.72 24.66
C TYR C 119 -24.89 -17.29 24.19
N MET C 120 -23.63 -16.83 24.17
CA MET C 120 -23.37 -15.48 23.69
C MET C 120 -23.77 -15.34 22.22
N ALA C 121 -23.50 -16.37 21.41
CA ALA C 121 -23.95 -16.33 20.02
C ALA C 121 -25.48 -16.29 19.91
N LEU C 122 -26.18 -16.81 20.92
CA LEU C 122 -27.63 -16.76 20.90
C LEU C 122 -28.16 -15.35 21.16
N ILE C 123 -27.48 -14.57 22.00
CA ILE C 123 -28.03 -13.27 22.39
C ILE C 123 -27.28 -12.13 21.71
N GLY C 124 -26.71 -12.38 20.54
CA GLY C 124 -26.17 -11.30 19.74
C GLY C 124 -24.67 -11.23 19.66
N GLY C 125 -23.96 -12.15 20.28
CA GLY C 125 -22.51 -12.13 20.23
C GLY C 125 -21.92 -11.26 21.31
N GLY C 126 -20.60 -11.15 21.27
CA GLY C 126 -19.90 -10.41 22.28
C GLY C 126 -18.60 -11.08 22.69
N VAL C 127 -18.34 -11.13 23.99
CA VAL C 127 -17.08 -11.65 24.51
C VAL C 127 -17.40 -12.69 25.57
N VAL C 128 -16.73 -13.83 25.52
CA VAL C 128 -16.65 -14.76 26.62
C VAL C 128 -15.34 -14.48 27.34
N GLN C 129 -15.41 -13.97 28.56
CA GLN C 129 -14.19 -13.64 29.30
C GLN C 129 -13.70 -14.89 30.03
N LEU C 130 -12.42 -15.22 29.84
CA LEU C 130 -11.78 -16.27 30.61
C LEU C 130 -11.01 -15.67 31.77
N PRO C 131 -10.96 -16.33 32.92
CA PRO C 131 -10.14 -15.86 34.05
C PRO C 131 -8.69 -16.27 33.85
N LYS C 132 -7.86 -15.91 34.82
CA LYS C 132 -6.50 -16.43 34.84
C LYS C 132 -6.50 -17.92 35.22
N GLY C 133 -5.43 -18.60 34.81
CA GLY C 133 -5.22 -20.00 35.12
C GLY C 133 -5.08 -20.84 33.86
N HIS C 134 -4.76 -22.11 34.10
CA HIS C 134 -4.74 -23.09 33.02
C HIS C 134 -6.13 -23.68 32.85
N ILE C 135 -6.60 -23.69 31.61
CA ILE C 135 -7.94 -24.15 31.27
C ILE C 135 -7.82 -25.20 30.18
N TYR C 136 -8.31 -26.41 30.46
CA TYR C 136 -8.41 -27.48 29.47
C TYR C 136 -9.86 -27.47 28.96
N ALA C 137 -10.06 -26.95 27.75
CA ALA C 137 -11.41 -26.83 27.23
C ALA C 137 -11.37 -26.49 25.76
N LYS C 138 -11.79 -27.40 24.89
CA LYS C 138 -11.79 -27.07 23.48
C LYS C 138 -13.11 -26.40 23.13
N ALA C 139 -13.05 -25.46 22.19
CA ALA C 139 -14.21 -24.66 21.89
C ALA C 139 -14.42 -24.60 20.39
N MET C 140 -15.66 -24.71 19.98
CA MET C 140 -16.08 -24.41 18.63
C MET C 140 -16.53 -22.95 18.62
N ALA C 141 -15.85 -22.13 17.80
CA ALA C 141 -16.19 -20.72 17.71
C ALA C 141 -17.59 -20.52 17.11
N LYS C 142 -18.24 -19.45 17.53
CA LYS C 142 -19.55 -19.07 16.99
C LYS C 142 -19.51 -17.61 16.55
N SER C 143 -20.42 -17.25 15.65
CA SER C 143 -20.33 -15.98 14.94
C SER C 143 -20.37 -14.79 15.90
N ASN C 144 -19.48 -13.82 15.67
CA ASN C 144 -19.46 -12.55 16.41
C ASN C 144 -19.24 -12.77 17.90
N VAL C 145 -18.56 -13.85 18.27
CA VAL C 145 -18.16 -14.14 19.64
C VAL C 145 -16.64 -14.18 19.71
N GLU C 146 -16.08 -13.51 20.72
CA GLU C 146 -14.65 -13.47 20.97
C GLU C 146 -14.35 -14.10 22.32
N VAL C 147 -13.32 -14.96 22.35
CA VAL C 147 -12.80 -15.52 23.60
C VAL C 147 -11.60 -14.67 24.03
N ARG C 148 -11.65 -14.15 25.26
CA ARG C 148 -10.64 -13.22 25.77
C ARG C 148 -10.14 -13.71 27.13
N GLY C 149 -8.82 -13.79 27.26
CA GLY C 149 -8.22 -14.15 28.53
C GLY C 149 -7.92 -12.94 29.38
N THR C 150 -7.14 -13.18 30.44
CA THR C 150 -6.79 -12.15 31.42
C THR C 150 -5.27 -12.13 31.53
N PHE C 151 -4.67 -10.97 31.26
CA PHE C 151 -3.22 -10.84 31.45
C PHE C 151 -2.86 -11.05 32.92
N ASP C 152 -1.68 -11.62 33.15
CA ASP C 152 -1.20 -11.66 34.52
C ASP C 152 -0.85 -10.24 34.96
N SER C 153 -0.60 -10.07 36.26
CA SER C 153 -0.34 -8.74 36.79
C SER C 153 0.97 -8.18 36.22
N PHE C 154 0.98 -6.89 35.95
CA PHE C 154 2.15 -6.18 35.49
C PHE C 154 2.57 -5.19 36.58
N VAL C 155 3.78 -5.33 37.10
CA VAL C 155 4.32 -4.43 38.11
C VAL C 155 5.63 -3.89 37.57
N SER C 156 5.68 -2.60 37.26
CA SER C 156 6.87 -2.03 36.66
C SER C 156 7.99 -1.96 37.68
N VAL C 157 9.21 -1.85 37.17
CA VAL C 157 10.42 -1.71 37.97
C VAL C 157 11.10 -0.41 37.56
N GLY C 158 11.69 0.28 38.54
CA GLY C 158 12.54 1.43 38.29
C GLY C 158 11.84 2.76 38.49
N SER C 159 12.63 3.77 38.85
CA SER C 159 12.09 5.10 39.07
C SER C 159 11.97 5.85 37.76
N GLU C 160 11.07 6.84 37.75
CA GLU C 160 10.95 7.69 36.57
C GLU C 160 12.28 8.33 36.22
N ALA C 161 13.03 8.78 37.23
CA ALA C 161 14.30 9.45 36.99
C ALA C 161 15.27 8.53 36.26
N ASP C 162 15.40 7.29 36.74
CA ASP C 162 16.33 6.37 36.09
C ASP C 162 15.87 6.00 34.69
N ILE C 163 14.56 5.82 34.51
CA ILE C 163 14.04 5.49 33.18
C ILE C 163 14.33 6.59 32.19
N ASN C 164 14.23 7.85 32.63
CA ASN C 164 14.43 9.01 31.77
C ASN C 164 15.90 9.34 31.54
N ASN C 165 16.74 9.10 32.52
CA ASN C 165 18.13 9.56 32.46
C ASN C 165 19.09 8.51 31.95
N LEU C 166 18.80 7.22 32.15
CA LEU C 166 19.71 6.15 31.77
C LEU C 166 19.34 5.63 30.39
N ARG C 167 20.33 5.52 29.50
CA ARG C 167 20.11 4.90 28.20
C ARG C 167 20.00 3.39 28.29
N THR C 168 20.45 2.80 29.38
CA THR C 168 20.27 1.37 29.59
C THR C 168 18.83 1.09 30.02
N VAL C 169 18.46 -0.19 29.90
CA VAL C 169 17.10 -0.60 30.27
C VAL C 169 16.97 -0.59 31.79
N VAL C 170 16.01 0.18 32.28
CA VAL C 170 15.71 0.26 33.70
C VAL C 170 14.40 -0.46 34.02
N GLN C 171 13.37 -0.20 33.23
CA GLN C 171 12.08 -0.86 33.43
C GLN C 171 12.19 -2.23 32.76
N THR C 172 12.45 -3.25 33.57
CA THR C 172 12.77 -4.58 33.09
C THR C 172 11.57 -5.53 33.07
N ALA C 173 10.44 -5.13 33.65
CA ALA C 173 9.26 -5.98 33.69
C ALA C 173 8.55 -5.99 32.35
N THR C 174 8.10 -7.16 31.93
CA THR C 174 7.38 -7.34 30.68
C THR C 174 6.05 -8.02 30.94
N TYR C 175 5.08 -7.78 30.07
CA TYR C 175 3.74 -8.33 30.28
C TYR C 175 3.79 -9.86 30.20
N LYS C 176 2.87 -10.49 30.93
CA LYS C 176 2.76 -11.94 30.96
C LYS C 176 1.30 -12.34 30.82
N HIS C 177 1.05 -13.36 30.00
CA HIS C 177 -0.27 -13.96 29.95
C HIS C 177 -0.65 -14.59 31.28
N GLY C 178 -1.92 -14.46 31.64
CA GLY C 178 -2.45 -15.10 32.84
C GLY C 178 -3.34 -16.28 32.50
N THR C 179 -3.86 -16.32 31.28
CA THR C 179 -4.72 -17.39 30.80
C THR C 179 -3.93 -18.31 29.88
N PHE C 180 -3.92 -19.60 30.21
CA PHE C 180 -3.24 -20.62 29.41
C PHE C 180 -4.30 -21.62 28.96
N TRP C 181 -4.59 -21.61 27.67
CA TRP C 181 -5.72 -22.33 27.10
C TRP C 181 -5.21 -23.58 26.40
N HIS C 182 -5.59 -24.75 26.94
CA HIS C 182 -5.25 -26.06 26.39
C HIS C 182 -6.48 -26.73 25.82
N SER C 183 -6.26 -27.83 25.10
CA SER C 183 -7.34 -28.66 24.60
C SER C 183 -7.62 -29.82 25.54
N SER C 184 -8.79 -30.41 25.40
CA SER C 184 -9.10 -31.59 26.17
C SER C 184 -8.72 -32.88 25.46
N ASP C 185 -8.26 -32.81 24.21
CA ASP C 185 -7.79 -34.00 23.49
C ASP C 185 -6.71 -33.57 22.50
N GLY C 186 -6.44 -34.41 21.50
CA GLY C 186 -5.38 -34.17 20.55
C GLY C 186 -5.74 -33.40 19.30
N SER C 187 -6.96 -32.86 19.20
CA SER C 187 -7.43 -32.25 17.96
C SER C 187 -7.03 -30.78 17.82
N GLN C 188 -7.89 -29.88 18.30
CA GLN C 188 -7.57 -28.46 18.26
C GLN C 188 -8.15 -27.81 19.51
N VAL C 189 -7.63 -26.62 19.84
CA VAL C 189 -8.17 -25.88 20.98
C VAL C 189 -9.38 -25.08 20.55
N TYR C 190 -9.25 -24.34 19.46
CA TYR C 190 -10.24 -23.36 19.00
C TYR C 190 -10.57 -23.63 17.54
N LEU C 191 -11.71 -24.25 17.26
CA LEU C 191 -12.14 -24.53 15.91
C LEU C 191 -13.09 -23.44 15.42
N VAL C 192 -12.77 -22.83 14.30
CA VAL C 192 -13.64 -21.83 13.69
C VAL C 192 -14.31 -22.48 12.48
N PRO C 193 -15.50 -23.04 12.62
CA PRO C 193 -16.12 -23.75 11.50
C PRO C 193 -16.39 -22.83 10.32
N GLU C 194 -16.65 -23.43 9.17
CA GLU C 194 -17.12 -22.67 8.03
C GLU C 194 -18.43 -21.99 8.38
N ASN C 195 -18.65 -20.83 7.76
CA ASN C 195 -19.81 -19.96 7.93
C ASN C 195 -19.87 -19.30 9.31
N VAL C 196 -18.88 -19.50 10.18
CA VAL C 196 -18.79 -18.73 11.41
C VAL C 196 -17.95 -17.49 11.13
N THR C 197 -18.55 -16.32 11.34
CA THR C 197 -17.99 -15.05 10.91
C THR C 197 -17.78 -14.14 12.11
N GLY C 198 -16.72 -13.33 12.03
CA GLY C 198 -16.54 -12.31 13.04
C GLY C 198 -16.17 -12.80 14.41
N ALA C 199 -15.71 -14.06 14.52
CA ALA C 199 -15.23 -14.60 15.79
C ALA C 199 -13.81 -14.10 16.05
N GLY C 200 -13.33 -14.32 17.27
CA GLY C 200 -11.99 -13.86 17.58
C GLY C 200 -11.43 -14.50 18.84
N VAL C 201 -10.18 -14.15 19.13
CA VAL C 201 -9.51 -14.55 20.36
C VAL C 201 -8.49 -13.48 20.69
N SER C 202 -8.28 -13.22 21.98
CA SER C 202 -7.28 -12.23 22.37
C SER C 202 -6.83 -12.46 23.81
N ASN C 203 -5.65 -11.92 24.12
CA ASN C 203 -5.17 -11.78 25.49
C ASN C 203 -5.05 -13.12 26.22
N LEU C 204 -4.41 -14.10 25.58
CA LEU C 204 -4.17 -15.38 26.25
C LEU C 204 -3.02 -16.10 25.55
N LYS C 205 -2.58 -17.19 26.16
CA LYS C 205 -1.60 -18.09 25.58
C LYS C 205 -2.22 -19.46 25.38
N MET C 206 -1.95 -20.07 24.22
CA MET C 206 -2.42 -21.41 23.91
C MET C 206 -1.25 -22.39 23.98
N LEU C 207 -1.46 -23.52 24.67
CA LEU C 207 -0.43 -24.51 24.89
C LEU C 207 -0.85 -25.86 24.30
N GLY C 208 0.13 -26.60 23.78
CA GLY C 208 -0.12 -27.86 23.12
C GLY C 208 -0.39 -29.03 24.05
N SER C 209 0.06 -28.94 25.31
CA SER C 209 -0.18 -30.03 26.24
C SER C 209 -1.68 -30.20 26.46
N ARG C 210 -2.12 -31.45 26.56
CA ARG C 210 -3.55 -31.71 26.51
C ARG C 210 -3.89 -32.93 27.36
N LEU C 211 -5.17 -33.05 27.65
CA LEU C 211 -5.65 -34.16 28.48
C LEU C 211 -5.66 -35.44 27.67
N GLY C 212 -5.29 -36.54 28.31
CA GLY C 212 -5.37 -37.82 27.69
C GLY C 212 -4.05 -38.35 27.14
N SER C 213 -3.04 -37.49 27.03
CA SER C 213 -1.74 -37.99 26.58
C SER C 213 -0.66 -37.03 27.05
N THR C 214 0.40 -37.57 27.64
CA THR C 214 1.56 -36.79 28.03
C THR C 214 2.66 -36.78 26.96
N SER C 215 2.52 -37.60 25.93
CA SER C 215 3.51 -37.72 24.87
C SER C 215 3.04 -37.15 23.55
N SER C 216 1.73 -37.16 23.28
CA SER C 216 1.18 -36.66 22.04
C SER C 216 0.37 -35.40 22.33
N ASN C 217 0.80 -34.27 21.78
CA ASN C 217 0.16 -32.99 22.07
C ASN C 217 -1.02 -32.71 21.13
N CYS C 218 -1.72 -31.62 21.43
CA CYS C 218 -2.84 -31.21 20.60
C CYS C 218 -2.35 -30.75 19.24
N GLY C 219 -3.08 -31.15 18.19
CA GLY C 219 -2.71 -30.82 16.82
C GLY C 219 -2.59 -29.34 16.51
N PHE C 220 -3.67 -28.60 16.69
CA PHE C 220 -3.75 -27.19 16.35
C PHE C 220 -4.13 -26.37 17.56
N GLY C 221 -3.57 -25.16 17.63
CA GLY C 221 -4.12 -24.17 18.53
C GLY C 221 -5.43 -23.61 18.01
N ILE C 222 -5.33 -22.75 17.00
CA ILE C 222 -6.49 -22.17 16.32
C ILE C 222 -6.59 -22.79 14.93
N LYS C 223 -7.70 -23.47 14.65
CA LYS C 223 -7.98 -23.97 13.31
C LYS C 223 -9.13 -23.16 12.73
N ILE C 224 -8.87 -22.44 11.64
CA ILE C 224 -9.82 -21.50 11.07
C ILE C 224 -10.35 -22.07 9.76
N ILE C 225 -11.66 -22.32 9.72
CA ILE C 225 -12.38 -22.58 8.47
C ILE C 225 -13.30 -21.41 8.10
N GLY C 226 -13.73 -20.60 9.07
CA GLY C 226 -14.66 -19.51 8.84
C GLY C 226 -14.02 -18.24 8.32
N ASP C 227 -14.74 -17.14 8.50
CA ASP C 227 -14.46 -15.90 7.80
C ASP C 227 -14.33 -14.73 8.78
N SER C 228 -13.45 -13.79 8.45
CA SER C 228 -13.24 -12.55 9.21
C SER C 228 -12.91 -12.86 10.68
N PHE C 229 -11.86 -13.63 10.87
CA PHE C 229 -11.36 -13.92 12.19
C PHE C 229 -10.31 -12.89 12.60
N THR C 230 -10.24 -12.60 13.91
CA THR C 230 -9.31 -11.61 14.42
C THR C 230 -8.66 -12.13 15.70
N ALA C 231 -7.34 -11.98 15.79
CA ALA C 231 -6.62 -12.34 17.01
C ALA C 231 -5.62 -11.24 17.35
N LYS C 232 -5.56 -10.87 18.62
CA LYS C 232 -4.60 -9.87 19.09
C LYS C 232 -4.01 -10.32 20.41
N TRP C 233 -2.70 -10.13 20.56
CA TRP C 233 -1.97 -10.50 21.78
C TRP C 233 -2.21 -11.97 22.17
N VAL C 234 -1.99 -12.87 21.22
CA VAL C 234 -2.13 -14.30 21.46
C VAL C 234 -0.81 -14.99 21.12
N ASP C 235 -0.31 -15.82 22.03
CA ASP C 235 0.82 -16.68 21.77
C ASP C 235 0.32 -18.12 21.64
N THR C 236 1.03 -18.89 20.82
CA THR C 236 0.77 -20.32 20.67
C THR C 236 2.08 -21.08 20.78
N SER C 237 2.07 -22.18 21.53
CA SER C 237 3.31 -22.89 21.84
C SER C 237 3.04 -24.36 22.13
N GLY C 238 3.86 -25.23 21.55
CA GLY C 238 3.90 -26.64 21.88
C GLY C 238 2.97 -27.55 21.11
N PHE C 239 2.36 -27.06 20.04
CA PHE C 239 1.36 -27.87 19.33
C PHE C 239 2.01 -28.90 18.41
N ARG C 240 1.31 -30.01 18.22
CA ARG C 240 1.86 -31.13 17.46
C ARG C 240 1.94 -30.82 15.97
N LEU C 241 1.01 -30.02 15.46
CA LEU C 241 1.03 -29.63 14.05
C LEU C 241 1.32 -28.14 13.93
N GLU C 242 0.32 -27.28 14.16
CA GLU C 242 0.50 -25.85 14.02
C GLU C 242 -0.19 -25.10 15.15
N GLY C 243 0.42 -23.99 15.58
CA GLY C 243 -0.29 -23.07 16.47
C GLY C 243 -1.46 -22.39 15.77
N LEU C 244 -1.30 -22.09 14.48
CA LEU C 244 -2.34 -21.50 13.64
C LEU C 244 -2.40 -22.25 12.33
N TYR C 245 -3.61 -22.60 11.91
CA TYR C 245 -3.84 -23.39 10.72
C TYR C 245 -5.11 -22.87 10.06
N ILE C 246 -5.02 -22.42 8.83
CA ILE C 246 -6.15 -21.80 8.14
C ILE C 246 -6.46 -22.61 6.88
N ARG C 247 -7.64 -23.22 6.85
CA ARG C 247 -8.08 -23.95 5.67
C ARG C 247 -9.60 -23.90 5.61
N GLY C 248 -10.15 -23.19 4.63
CA GLY C 248 -11.58 -23.14 4.40
C GLY C 248 -12.09 -24.32 3.59
N LYS C 249 -13.33 -24.17 3.12
CA LYS C 249 -13.97 -25.18 2.30
C LYS C 249 -14.53 -24.51 1.05
N ASP C 250 -14.78 -25.34 0.02
CA ASP C 250 -15.34 -24.82 -1.22
C ASP C 250 -16.67 -24.12 -0.99
N GLY C 251 -16.84 -22.99 -1.65
CA GLY C 251 -18.11 -22.29 -1.64
C GLY C 251 -18.38 -21.43 -0.43
N VAL C 252 -17.46 -21.36 0.52
CA VAL C 252 -17.62 -20.57 1.73
C VAL C 252 -16.37 -19.75 1.95
N SER C 253 -16.55 -18.48 2.31
CA SER C 253 -15.40 -17.59 2.46
C SER C 253 -14.53 -17.99 3.63
N CYS C 254 -13.20 -17.97 3.40
CA CYS C 254 -12.24 -18.07 4.48
C CYS C 254 -11.25 -16.92 4.27
N SER C 255 -11.64 -15.72 4.73
CA SER C 255 -10.94 -14.52 4.32
C SER C 255 -11.03 -13.41 5.37
N ASN C 256 -10.32 -12.31 5.09
CA ASN C 256 -10.34 -11.11 5.92
C ASN C 256 -9.90 -11.40 7.35
N HIS C 257 -8.85 -12.20 7.49
CA HIS C 257 -8.32 -12.55 8.81
C HIS C 257 -7.19 -11.60 9.18
N TYR C 258 -7.15 -11.19 10.45
CA TYR C 258 -6.20 -10.21 10.93
C TYR C 258 -5.55 -10.68 12.23
N PHE C 259 -4.23 -10.58 12.30
CA PHE C 259 -3.46 -10.96 13.47
C PHE C 259 -2.46 -9.84 13.79
N GLU C 260 -2.45 -9.40 15.03
CA GLU C 260 -1.53 -8.35 15.46
C GLU C 260 -1.00 -8.70 16.83
N ASN C 261 0.29 -8.46 17.03
CA ASN C 261 0.94 -8.67 18.32
C ASN C 261 0.82 -10.12 18.77
N CYS C 262 0.85 -11.06 17.83
CA CYS C 262 0.75 -12.48 18.12
C CYS C 262 2.11 -13.14 17.94
N ASN C 263 2.38 -14.17 18.75
CA ASN C 263 3.65 -14.89 18.70
C ASN C 263 3.35 -16.37 18.52
N PHE C 264 3.56 -16.88 17.32
CA PHE C 264 3.33 -18.29 17.03
C PHE C 264 4.66 -19.02 17.24
N LEU C 265 4.77 -19.72 18.36
CA LEU C 265 6.08 -20.26 18.75
C LEU C 265 6.24 -21.72 18.35
N ASP C 266 6.99 -22.49 19.15
CA ASP C 266 7.44 -23.82 18.73
C ASP C 266 6.25 -24.75 18.48
N ALA C 267 6.35 -25.50 17.38
CA ALA C 267 5.36 -26.51 17.03
C ALA C 267 6.06 -27.65 16.31
N ARG C 268 5.51 -28.85 16.43
CA ARG C 268 6.22 -30.01 15.90
C ARG C 268 6.15 -30.12 14.37
N ARG C 269 5.29 -29.35 13.71
CA ARG C 269 5.31 -29.31 12.26
C ARG C 269 5.69 -27.90 11.77
N ASN C 270 4.76 -26.95 11.77
CA ASN C 270 5.05 -25.55 11.43
C ASN C 270 4.49 -24.67 12.53
N THR C 271 5.10 -23.50 12.73
CA THR C 271 4.54 -22.57 13.72
C THR C 271 3.13 -22.16 13.34
N ALA C 272 2.88 -22.00 12.03
CA ALA C 272 1.60 -21.58 11.48
C ALA C 272 1.58 -21.97 10.01
N ALA C 273 0.39 -22.20 9.48
CA ALA C 273 0.24 -22.62 8.10
C ALA C 273 -1.01 -22.02 7.50
N LEU C 274 -0.90 -21.50 6.28
CA LEU C 274 -2.06 -21.08 5.50
C LEU C 274 -2.24 -22.11 4.40
N VAL C 275 -3.43 -22.71 4.34
CA VAL C 275 -3.70 -23.82 3.43
C VAL C 275 -4.80 -23.50 2.42
N TYR C 276 -5.84 -22.76 2.84
CA TYR C 276 -6.95 -22.44 1.94
C TYR C 276 -7.64 -21.19 2.51
N CYS C 277 -7.27 -20.02 1.98
CA CYS C 277 -7.74 -18.76 2.51
C CYS C 277 -7.21 -17.63 1.65
N HIS C 278 -7.80 -16.45 1.79
CA HIS C 278 -7.28 -15.27 1.13
C HIS C 278 -7.50 -14.04 1.98
N ASP C 279 -6.71 -13.01 1.67
CA ASP C 279 -6.76 -11.71 2.35
C ASP C 279 -6.53 -11.88 3.86
N VAL C 280 -5.30 -12.27 4.16
CA VAL C 280 -4.85 -12.47 5.53
C VAL C 280 -3.71 -11.50 5.79
N THR C 281 -3.75 -10.85 6.96
CA THR C 281 -2.75 -9.87 7.34
C THR C 281 -2.16 -10.22 8.69
N PHE C 282 -0.83 -10.25 8.77
CA PHE C 282 -0.10 -10.33 10.03
C PHE C 282 0.69 -9.04 10.23
N LYS C 283 0.49 -8.42 11.37
CA LYS C 283 1.22 -7.19 11.69
C LYS C 283 1.86 -7.36 13.04
N ASN C 284 3.17 -7.13 13.10
CA ASN C 284 3.92 -7.22 14.34
C ASN C 284 3.73 -8.59 15.02
N CYS C 285 3.75 -9.65 14.22
CA CYS C 285 3.70 -11.00 14.73
C CYS C 285 5.06 -11.66 14.58
N THR C 286 5.31 -12.71 15.35
CA THR C 286 6.54 -13.46 15.19
C THR C 286 6.22 -14.93 14.98
N PHE C 287 7.15 -15.61 14.29
CA PHE C 287 7.08 -17.03 13.99
C PHE C 287 8.45 -17.60 14.34
N GLN C 288 8.53 -18.40 15.41
CA GLN C 288 9.81 -18.78 16.01
C GLN C 288 9.82 -20.26 16.33
N GLN C 289 10.81 -20.96 15.78
CA GLN C 289 11.14 -22.35 16.16
C GLN C 289 12.46 -22.28 16.91
N LEU C 290 12.39 -22.00 18.21
CA LEU C 290 13.62 -21.82 19.00
C LEU C 290 13.86 -22.95 19.98
N LYS C 291 13.19 -24.10 19.80
CA LYS C 291 13.40 -25.27 20.67
C LYS C 291 13.82 -26.44 19.79
N PRO C 292 15.11 -26.51 19.43
CA PRO C 292 15.56 -27.52 18.46
C PRO C 292 15.36 -28.96 18.94
N GLU C 293 15.28 -29.18 20.26
CA GLU C 293 15.05 -30.53 20.75
C GLU C 293 13.66 -31.04 20.38
N LEU C 294 12.70 -30.15 20.13
CA LEU C 294 11.36 -30.51 19.67
C LEU C 294 11.35 -30.40 18.14
N THR C 295 11.61 -31.52 17.47
CA THR C 295 11.81 -31.52 16.03
C THR C 295 10.58 -31.02 15.28
N TRP C 296 10.82 -30.40 14.13
CA TRP C 296 9.77 -29.76 13.35
C TRP C 296 10.09 -29.89 11.88
N VAL C 297 9.18 -29.38 11.05
CA VAL C 297 9.24 -29.53 9.60
C VAL C 297 9.65 -28.21 8.93
N TYR C 298 8.83 -27.17 9.05
CA TYR C 298 9.16 -25.87 8.48
C TYR C 298 8.94 -24.77 9.52
N LEU C 299 9.31 -23.55 9.15
CA LEU C 299 9.08 -22.40 10.02
C LEU C 299 7.67 -21.83 9.82
N PHE C 300 7.35 -21.40 8.61
CA PHE C 300 6.05 -20.83 8.26
C PHE C 300 5.68 -21.33 6.88
N ASP C 301 4.49 -21.92 6.75
CA ASP C 301 4.15 -22.68 5.54
C ASP C 301 2.84 -22.20 4.94
N ILE C 302 2.92 -21.60 3.76
CA ILE C 302 1.75 -21.38 2.93
C ILE C 302 1.71 -22.53 1.94
N GLU C 303 0.88 -23.54 2.22
CA GLU C 303 0.87 -24.76 1.42
C GLU C 303 -0.52 -25.35 1.22
N PRO C 304 -1.20 -24.97 0.14
CA PRO C 304 -2.37 -25.73 -0.31
C PRO C 304 -1.99 -27.18 -0.54
N ASN C 305 -2.90 -28.08 -0.17
CA ASN C 305 -2.64 -29.50 -0.38
C ASN C 305 -2.67 -29.80 -1.87
N PRO C 306 -1.73 -30.61 -2.38
CA PRO C 306 -1.76 -30.99 -3.80
C PRO C 306 -3.05 -31.67 -4.17
N ALA C 307 -3.48 -31.44 -5.41
CA ALA C 307 -4.64 -32.14 -5.96
C ALA C 307 -5.91 -31.89 -5.15
N THR C 308 -6.04 -30.70 -4.58
CA THR C 308 -7.29 -30.26 -3.96
C THR C 308 -7.64 -28.87 -4.49
N THR C 309 -8.77 -28.36 -4.05
CA THR C 309 -9.16 -27.00 -4.36
C THR C 309 -8.52 -25.97 -3.43
N ASP C 310 -7.63 -26.40 -2.53
CA ASP C 310 -6.92 -25.46 -1.67
C ASP C 310 -6.23 -24.39 -2.50
N THR C 311 -6.34 -23.13 -2.07
CA THR C 311 -5.61 -22.03 -2.68
C THR C 311 -5.44 -20.91 -1.68
N VAL C 312 -4.31 -20.22 -1.73
CA VAL C 312 -3.98 -19.11 -0.83
C VAL C 312 -3.44 -17.96 -1.67
N TYR C 313 -3.97 -16.76 -1.42
CA TYR C 313 -3.51 -15.57 -2.12
C TYR C 313 -3.89 -14.34 -1.30
N ASN C 314 -3.21 -13.23 -1.58
CA ASN C 314 -3.40 -11.95 -0.87
C ASN C 314 -3.06 -12.09 0.62
N VAL C 315 -1.78 -12.24 0.89
CA VAL C 315 -1.28 -12.35 2.26
C VAL C 315 -0.22 -11.26 2.45
N THR C 316 -0.32 -10.50 3.53
CA THR C 316 0.63 -9.44 3.82
C THR C 316 1.24 -9.68 5.20
N LEU C 317 2.57 -9.68 5.27
CA LEU C 317 3.27 -9.80 6.54
C LEU C 317 4.06 -8.51 6.77
N ILE C 318 3.65 -7.73 7.76
CA ILE C 318 4.20 -6.40 8.04
C ILE C 318 4.89 -6.46 9.39
N ASN C 319 6.17 -6.11 9.40
CA ASN C 319 6.92 -5.98 10.65
C ASN C 319 6.83 -7.27 11.47
N CYS C 320 6.98 -8.40 10.79
CA CYS C 320 6.97 -9.70 11.44
C CYS C 320 8.40 -10.22 11.56
N VAL C 321 8.60 -11.15 12.48
CA VAL C 321 9.88 -11.80 12.69
C VAL C 321 9.72 -13.28 12.38
N PHE C 322 10.61 -13.82 11.56
CA PHE C 322 10.75 -15.24 11.31
C PHE C 322 12.09 -15.68 11.87
N ASN C 323 12.08 -16.60 12.82
CA ASN C 323 13.28 -16.94 13.56
C ASN C 323 13.36 -18.45 13.73
N ALA C 324 14.50 -19.04 13.37
CA ALA C 324 14.67 -20.48 13.47
C ALA C 324 16.09 -20.80 13.86
N LEU C 325 16.22 -21.76 14.77
CA LEU C 325 17.49 -22.39 15.09
C LEU C 325 17.55 -23.74 14.40
N ALA C 326 18.77 -24.16 14.05
CA ALA C 326 18.96 -25.42 13.35
C ALA C 326 18.42 -26.57 14.19
N SER C 327 17.73 -27.50 13.53
CA SER C 327 17.20 -28.67 14.21
C SER C 327 17.28 -29.85 13.25
N ALA C 328 17.60 -31.03 13.79
CA ALA C 328 17.81 -32.21 12.95
C ALA C 328 16.56 -32.51 12.14
N GLY C 329 16.70 -32.52 10.81
CA GLY C 329 15.58 -32.77 9.91
C GLY C 329 14.69 -31.57 9.63
N ALA C 330 14.86 -30.46 10.34
CA ALA C 330 14.03 -29.29 10.10
C ALA C 330 14.59 -28.51 8.92
N GLU C 331 13.70 -27.93 8.14
CA GLU C 331 14.05 -26.98 7.09
C GLU C 331 13.54 -25.61 7.49
N PRO C 332 14.42 -24.65 7.78
CA PRO C 332 14.02 -23.37 8.40
C PRO C 332 13.44 -22.35 7.42
N THR C 333 12.44 -22.79 6.65
CA THR C 333 11.97 -22.01 5.53
C THR C 333 10.59 -21.41 5.79
N VAL C 334 10.35 -20.31 5.09
CA VAL C 334 9.07 -19.63 5.01
C VAL C 334 8.57 -19.90 3.60
N LEU C 335 7.64 -20.83 3.45
CA LEU C 335 7.26 -21.35 2.14
C LEU C 335 6.07 -20.60 1.56
N VAL C 336 6.16 -20.31 0.26
CA VAL C 336 5.06 -19.74 -0.52
C VAL C 336 4.74 -20.70 -1.65
N LYS C 337 3.53 -21.25 -1.64
CA LYS C 337 3.12 -22.14 -2.71
C LYS C 337 1.88 -21.55 -3.37
N GLU C 338 2.05 -21.07 -4.60
CA GLU C 338 0.91 -20.68 -5.41
C GLU C 338 0.27 -21.93 -5.98
N GLN C 339 -1.05 -22.06 -5.85
CA GLN C 339 -1.74 -23.19 -6.45
C GLN C 339 -3.15 -22.76 -6.80
N ASN C 340 -3.44 -22.69 -8.10
CA ASN C 340 -4.78 -22.44 -8.61
C ASN C 340 -5.37 -21.13 -8.06
N THR C 341 -4.51 -20.14 -7.79
CA THR C 341 -5.01 -18.84 -7.35
C THR C 341 -5.69 -18.15 -8.53
N PRO C 342 -6.70 -17.31 -8.27
CA PRO C 342 -7.47 -16.73 -9.39
C PRO C 342 -6.63 -15.88 -10.35
N THR C 343 -5.60 -15.19 -9.86
CA THR C 343 -4.80 -14.36 -10.75
C THR C 343 -3.48 -15.02 -11.14
N GLY C 344 -3.16 -16.19 -10.61
CA GLY C 344 -1.89 -16.79 -10.90
C GLY C 344 -0.77 -16.28 -10.03
N SER C 345 -1.02 -15.28 -9.23
CA SER C 345 -0.06 -14.79 -8.26
C SER C 345 -0.59 -15.06 -6.87
N PRO C 346 0.25 -15.55 -5.96
CA PRO C 346 -0.18 -15.69 -4.57
C PRO C 346 -0.31 -14.35 -3.87
N ASN C 347 0.21 -13.27 -4.48
CA ASN C 347 0.10 -11.91 -3.92
C ASN C 347 0.49 -11.90 -2.44
N VAL C 348 1.66 -12.47 -2.17
CA VAL C 348 2.25 -12.54 -0.84
C VAL C 348 3.33 -11.47 -0.75
N LYS C 349 3.27 -10.64 0.29
CA LYS C 349 4.19 -9.52 0.48
C LYS C 349 4.89 -9.66 1.81
N PHE C 350 6.22 -9.50 1.81
CA PHE C 350 7.02 -9.40 3.03
C PHE C 350 7.50 -7.95 3.14
N LEU C 351 6.94 -7.24 4.11
CA LEU C 351 7.20 -5.83 4.32
C LEU C 351 7.77 -5.63 5.71
N ASN C 352 8.91 -4.95 5.79
CA ASN C 352 9.52 -4.59 7.07
C ASN C 352 9.79 -5.82 7.94
N CYS C 353 10.00 -6.99 7.33
CA CYS C 353 10.13 -8.20 8.14
C CYS C 353 11.59 -8.50 8.46
N ARG C 354 11.79 -9.39 9.44
CA ARG C 354 13.12 -9.79 9.88
C ARG C 354 13.21 -11.31 9.90
N PHE C 355 14.14 -11.85 9.12
CA PHE C 355 14.41 -13.29 9.05
C PHE C 355 15.66 -13.54 9.86
N LYS C 356 15.51 -14.22 10.99
CA LYS C 356 16.60 -14.37 11.95
C LYS C 356 17.07 -15.81 12.04
N GLY C 357 18.31 -15.97 12.51
CA GLY C 357 18.89 -17.29 12.67
C GLY C 357 19.04 -17.99 11.34
N LYS C 358 18.33 -19.10 11.15
CA LYS C 358 18.39 -19.86 9.92
C LYS C 358 17.26 -19.54 8.95
N ALA C 359 16.35 -18.64 9.33
CA ALA C 359 15.13 -18.42 8.55
C ALA C 359 15.47 -17.85 7.19
N THR C 360 14.77 -18.35 6.16
CA THR C 360 15.01 -17.97 4.78
C THR C 360 13.73 -18.28 4.00
N ILE C 361 13.54 -17.58 2.86
CA ILE C 361 12.33 -17.74 2.06
C ILE C 361 12.49 -18.90 1.10
N ARG C 362 11.46 -19.74 0.98
CA ARG C 362 11.47 -20.85 0.03
C ARG C 362 10.38 -20.66 -1.01
N ASN C 363 10.77 -20.59 -2.28
CA ASN C 363 9.83 -20.60 -3.37
C ASN C 363 9.34 -22.03 -3.60
N ASN C 364 8.06 -22.29 -3.35
CA ASN C 364 7.50 -23.61 -3.56
C ASN C 364 6.42 -23.59 -4.63
N CYS C 365 6.57 -22.73 -5.63
CA CYS C 365 5.60 -22.56 -6.71
C CYS C 365 5.97 -23.44 -7.90
N ALA C 366 5.16 -24.45 -8.17
CA ALA C 366 5.45 -25.35 -9.28
C ALA C 366 5.33 -24.64 -10.62
N ASN C 367 4.45 -23.65 -10.72
N ASN C 367 4.43 -23.67 -10.73
CA ASN C 367 4.18 -22.96 -11.98
CA ASN C 367 4.22 -22.98 -12.00
C ASN C 367 4.93 -21.63 -12.06
C ASN C 367 4.87 -21.59 -12.01
N GLY C 368 5.81 -21.33 -11.11
CA GLY C 368 6.48 -20.06 -11.07
C GLY C 368 5.86 -19.13 -10.05
N TRP C 369 6.68 -18.33 -9.40
CA TRP C 369 6.22 -17.36 -8.40
C TRP C 369 6.12 -16.00 -9.09
N LYS C 370 4.89 -15.59 -9.40
CA LYS C 370 4.65 -14.31 -10.06
C LYS C 370 4.46 -13.20 -9.02
N ASP C 371 5.14 -12.06 -9.24
CA ASP C 371 5.04 -10.86 -8.41
C ASP C 371 5.42 -11.15 -6.95
N CYS C 372 6.62 -11.69 -6.78
CA CYS C 372 7.17 -11.86 -5.44
C CYS C 372 7.63 -10.50 -4.88
N ILE C 373 7.20 -10.17 -3.66
CA ILE C 373 7.47 -8.86 -3.08
C ILE C 373 8.20 -9.05 -1.75
N VAL C 374 9.42 -8.53 -1.66
CA VAL C 374 10.19 -8.48 -0.42
C VAL C 374 10.77 -7.08 -0.32
N ASP C 375 10.31 -6.31 0.66
CA ASP C 375 10.66 -4.89 0.74
C ASP C 375 10.99 -4.49 2.18
N ASN C 376 12.14 -3.85 2.35
CA ASN C 376 12.61 -3.36 3.64
C ASN C 376 12.72 -4.47 4.67
N CYS C 377 13.17 -5.64 4.24
CA CYS C 377 13.39 -6.79 5.11
C CYS C 377 14.87 -6.97 5.42
N GLU C 378 15.14 -7.73 6.49
CA GLU C 378 16.49 -8.06 6.93
C GLU C 378 16.66 -9.58 6.90
N PHE C 379 17.83 -10.03 6.47
CA PHE C 379 18.14 -11.46 6.35
C PHE C 379 19.43 -11.79 7.08
N ASP C 380 19.35 -12.70 8.07
CA ASP C 380 20.58 -13.17 8.72
C ASP C 380 21.39 -14.12 7.84
N THR C 381 20.76 -14.79 6.88
CA THR C 381 21.46 -15.76 6.04
C THR C 381 20.94 -15.63 4.61
N LEU C 382 20.96 -16.71 3.82
CA LEU C 382 20.42 -16.68 2.46
C LEU C 382 19.04 -16.03 2.45
N ALA C 383 18.80 -15.16 1.47
CA ALA C 383 17.45 -14.63 1.32
C ALA C 383 16.49 -15.68 0.78
N PHE C 384 16.95 -16.52 -0.15
CA PHE C 384 16.11 -17.53 -0.78
C PHE C 384 16.78 -18.89 -0.72
N SER C 385 15.99 -19.91 -0.37
CA SER C 385 16.45 -21.30 -0.47
C SER C 385 15.35 -22.12 -1.14
N THR C 386 15.54 -22.44 -2.41
CA THR C 386 14.57 -23.21 -3.17
C THR C 386 14.92 -24.69 -3.06
N THR C 387 14.09 -25.45 -2.34
CA THR C 387 14.38 -26.87 -2.18
C THR C 387 14.18 -27.63 -3.49
N THR C 388 13.13 -27.31 -4.24
CA THR C 388 12.78 -28.06 -5.45
C THR C 388 13.55 -27.52 -6.64
N THR C 389 14.49 -28.30 -7.13
CA THR C 389 15.27 -27.89 -8.29
C THR C 389 14.38 -27.66 -9.48
N GLY C 390 14.51 -26.49 -10.11
CA GLY C 390 13.70 -26.14 -11.25
C GLY C 390 12.61 -25.13 -10.98
N TYR C 391 12.28 -24.83 -9.72
CA TYR C 391 11.30 -23.79 -9.46
C TYR C 391 11.89 -22.41 -9.75
N VAL C 392 11.05 -21.53 -10.28
CA VAL C 392 11.45 -20.23 -10.77
C VAL C 392 10.64 -19.15 -10.07
N ILE C 393 11.28 -18.02 -9.81
CA ILE C 393 10.57 -16.79 -9.48
C ILE C 393 10.37 -16.02 -10.78
N THR C 394 9.12 -16.01 -11.26
CA THR C 394 8.85 -15.43 -12.58
C THR C 394 9.05 -13.92 -12.61
N SER C 395 8.59 -13.21 -11.58
CA SER C 395 8.70 -11.76 -11.54
C SER C 395 8.63 -11.30 -10.09
N GLY C 396 9.00 -10.05 -9.87
CA GLY C 396 8.86 -9.47 -8.55
C GLY C 396 9.81 -8.32 -8.31
N ARG C 397 9.80 -7.85 -7.07
CA ARG C 397 10.59 -6.71 -6.63
C ARG C 397 11.23 -7.07 -5.30
N PHE C 398 12.56 -7.10 -5.28
CA PHE C 398 13.35 -7.37 -4.09
C PHE C 398 14.07 -6.06 -3.78
N THR C 399 13.44 -5.22 -2.95
CA THR C 399 13.85 -3.84 -2.80
C THR C 399 14.11 -3.49 -1.34
N ASN C 400 15.18 -2.70 -1.12
CA ASN C 400 15.48 -2.07 0.17
C ASN C 400 15.66 -3.09 1.29
N ASN C 401 16.23 -4.24 0.97
CA ASN C 401 16.49 -5.26 1.96
C ASN C 401 17.97 -5.27 2.32
N THR C 402 18.26 -5.88 3.47
CA THR C 402 19.63 -6.05 3.91
C THR C 402 19.93 -7.53 4.11
N LEU C 403 20.99 -8.01 3.49
CA LEU C 403 21.52 -9.33 3.74
C LEU C 403 22.73 -9.15 4.65
N TRP C 404 22.55 -9.48 5.93
CA TRP C 404 23.62 -9.27 6.90
C TRP C 404 24.78 -10.25 6.71
N GLY C 405 24.53 -11.41 6.13
CA GLY C 405 25.59 -12.41 5.99
C GLY C 405 26.14 -12.93 7.30
N LYS C 406 25.27 -13.06 8.31
CA LYS C 406 25.69 -13.58 9.59
C LYS C 406 25.99 -15.08 9.53
N ASP C 407 25.22 -15.84 8.77
CA ASP C 407 25.47 -17.26 8.61
C ASP C 407 26.10 -17.53 7.25
N LEU C 408 25.29 -17.97 6.29
CA LEU C 408 25.74 -18.16 4.93
C LEU C 408 25.83 -16.81 4.22
N LYS C 409 26.83 -16.70 3.33
CA LYS C 409 27.15 -15.47 2.61
C LYS C 409 26.46 -15.36 1.26
N GLY C 410 25.75 -16.40 0.82
CA GLY C 410 25.14 -16.35 -0.49
C GLY C 410 23.87 -15.54 -0.52
N PHE C 411 23.45 -15.20 -1.74
CA PHE C 411 22.15 -14.54 -1.91
C PHE C 411 21.03 -15.56 -1.88
N SER C 412 21.25 -16.72 -2.49
CA SER C 412 20.19 -17.72 -2.58
C SER C 412 20.82 -19.08 -2.80
N TYR C 413 20.01 -20.11 -2.61
CA TYR C 413 20.41 -21.48 -2.89
C TYR C 413 19.44 -22.07 -3.91
N ASN C 414 19.99 -22.62 -4.99
CA ASN C 414 19.22 -23.42 -5.93
C ASN C 414 18.02 -22.65 -6.49
N THR C 415 18.15 -21.33 -6.64
CA THR C 415 17.06 -20.45 -6.99
C THR C 415 17.22 -19.96 -8.43
N LEU C 416 16.10 -19.80 -9.13
CA LEU C 416 16.07 -19.34 -10.52
C LEU C 416 15.06 -18.22 -10.65
N VAL C 417 15.42 -17.15 -11.37
CA VAL C 417 14.53 -16.00 -11.58
C VAL C 417 14.53 -15.65 -13.06
N THR C 418 13.77 -14.63 -13.41
CA THR C 418 13.81 -14.05 -14.75
C THR C 418 14.20 -12.57 -14.64
N GLY C 419 14.36 -11.93 -15.80
CA GLY C 419 14.69 -10.52 -15.82
C GLY C 419 13.62 -9.61 -15.24
N ASP C 420 12.41 -10.14 -15.06
CA ASP C 420 11.33 -9.39 -14.44
C ASP C 420 11.34 -9.51 -12.91
N PHE C 421 12.41 -10.07 -12.35
CA PHE C 421 12.70 -10.04 -10.93
C PHE C 421 13.71 -8.92 -10.72
N LEU C 422 13.27 -7.84 -10.07
CA LEU C 422 14.07 -6.61 -9.94
C LEU C 422 14.77 -6.61 -8.59
N ILE C 423 16.08 -6.42 -8.60
CA ILE C 423 16.88 -6.36 -7.38
C ILE C 423 17.47 -4.97 -7.31
N GLU C 424 16.98 -4.18 -6.35
CA GLU C 424 17.21 -2.74 -6.34
C GLU C 424 17.20 -2.24 -4.90
N GLY C 425 18.10 -1.30 -4.60
CA GLY C 425 18.13 -0.63 -3.32
C GLY C 425 18.57 -1.47 -2.15
N ASN C 426 19.11 -2.66 -2.38
CA ASN C 426 19.41 -3.57 -1.27
C ASN C 426 20.81 -3.27 -0.71
N ARG C 427 21.08 -3.82 0.47
N ARG C 427 21.08 -3.82 0.46
CA ARG C 427 22.38 -3.72 1.11
CA ARG C 427 22.39 -3.71 1.10
C ARG C 427 22.94 -5.13 1.24
C ARG C 427 22.96 -5.11 1.26
N PHE C 428 23.97 -5.42 0.46
CA PHE C 428 24.57 -6.75 0.39
C PHE C 428 25.86 -6.76 1.20
N GLN C 429 25.77 -7.25 2.44
CA GLN C 429 26.95 -7.33 3.29
C GLN C 429 27.62 -8.69 3.11
N ASP C 430 28.76 -8.69 2.41
CA ASP C 430 29.53 -9.88 2.07
C ASP C 430 28.78 -10.83 1.17
N THR C 431 27.68 -10.39 0.57
CA THR C 431 26.89 -11.30 -0.25
C THR C 431 27.68 -11.72 -1.48
N THR C 432 27.85 -13.03 -1.66
CA THR C 432 28.53 -13.55 -2.83
C THR C 432 27.49 -14.03 -3.83
N PHE C 433 27.70 -13.67 -5.10
CA PHE C 433 26.91 -14.20 -6.20
C PHE C 433 27.71 -15.17 -7.04
N GLU C 434 28.90 -15.56 -6.60
CA GLU C 434 29.73 -16.44 -7.39
C GLU C 434 29.03 -17.78 -7.61
N ASN C 435 28.94 -18.18 -8.87
CA ASN C 435 28.32 -19.43 -9.30
C ASN C 435 26.82 -19.44 -9.05
N ASN C 436 26.22 -18.28 -8.83
CA ASN C 436 24.79 -18.14 -8.65
C ASN C 436 24.17 -17.63 -9.94
N ILE C 437 23.36 -18.47 -10.59
CA ILE C 437 22.80 -18.08 -11.87
C ILE C 437 21.88 -16.87 -11.77
N VAL C 438 21.36 -16.55 -10.57
CA VAL C 438 20.47 -15.39 -10.40
C VAL C 438 21.16 -14.10 -10.86
N ALA C 439 22.48 -14.01 -10.70
CA ALA C 439 23.22 -12.81 -11.11
C ALA C 439 23.19 -12.61 -12.61
N THR C 440 22.94 -13.65 -13.39
CA THR C 440 22.85 -13.52 -14.83
C THR C 440 21.41 -13.44 -15.32
N GLN C 441 20.44 -13.61 -14.44
CA GLN C 441 19.03 -13.66 -14.80
C GLN C 441 18.25 -12.42 -14.40
N ALA C 442 18.44 -11.95 -13.15
CA ALA C 442 17.63 -10.89 -12.61
C ALA C 442 17.99 -9.54 -13.22
N SER C 443 17.08 -8.57 -13.08
CA SER C 443 17.40 -7.17 -13.34
C SER C 443 17.98 -6.59 -12.06
N PHE C 444 19.08 -5.85 -12.20
CA PHE C 444 19.72 -5.16 -11.07
C PHE C 444 19.63 -3.66 -11.30
N GLY C 445 19.10 -2.94 -10.31
CA GLY C 445 19.24 -1.49 -10.24
C GLY C 445 20.45 -1.13 -9.43
N VAL C 446 20.41 0.07 -8.82
CA VAL C 446 21.46 0.43 -7.87
C VAL C 446 21.35 -0.48 -6.65
N ASN C 447 22.48 -1.00 -6.19
CA ASN C 447 22.52 -1.72 -4.94
C ASN C 447 23.80 -1.32 -4.22
N THR C 448 23.82 -1.56 -2.92
CA THR C 448 24.96 -1.25 -2.09
C THR C 448 25.69 -2.54 -1.75
N PHE C 449 26.97 -2.60 -2.07
CA PHE C 449 27.80 -3.77 -1.87
C PHE C 449 28.82 -3.46 -0.79
N LEU C 450 28.78 -4.24 0.29
CA LEU C 450 29.57 -4.00 1.48
C LEU C 450 30.49 -5.20 1.78
N GLY C 451 31.57 -4.90 2.51
CA GLY C 451 32.50 -5.94 2.86
C GLY C 451 33.10 -6.56 1.61
N THR C 452 33.09 -7.89 1.56
CA THR C 452 33.62 -8.67 0.46
C THR C 452 32.56 -9.02 -0.58
N ALA C 453 31.48 -8.26 -0.66
CA ALA C 453 30.38 -8.60 -1.56
C ALA C 453 30.79 -8.53 -3.03
N THR C 454 30.19 -9.43 -3.81
CA THR C 454 30.36 -9.47 -5.25
C THR C 454 29.63 -8.27 -5.85
N VAL C 455 30.37 -7.32 -6.43
CA VAL C 455 29.70 -6.15 -6.99
C VAL C 455 29.05 -6.55 -8.30
N ILE C 456 27.73 -6.36 -8.39
CA ILE C 456 26.97 -6.61 -9.61
C ILE C 456 26.62 -5.25 -10.21
N GLN C 457 27.05 -5.01 -11.44
CA GLN C 457 26.69 -3.78 -12.11
C GLN C 457 25.19 -3.75 -12.41
N PRO C 458 24.57 -2.57 -12.36
CA PRO C 458 23.19 -2.46 -12.81
C PRO C 458 23.06 -2.93 -14.24
N VAL C 459 21.98 -3.65 -14.52
CA VAL C 459 21.75 -4.19 -15.86
C VAL C 459 20.25 -4.40 -16.00
N ASP C 460 19.68 -4.00 -17.13
CA ASP C 460 18.25 -4.16 -17.36
C ASP C 460 18.00 -5.44 -18.16
N ARG C 461 17.19 -6.33 -17.59
CA ARG C 461 16.81 -7.57 -18.25
C ARG C 461 15.30 -7.74 -18.28
N ARG C 462 14.55 -6.68 -18.06
CA ARG C 462 13.11 -6.79 -17.98
C ARG C 462 12.51 -7.00 -19.36
N THR C 463 11.38 -7.71 -19.40
CA THR C 463 10.72 -7.98 -20.67
C THR C 463 10.17 -6.70 -21.29
N ILE C 464 9.67 -5.78 -20.46
CA ILE C 464 9.04 -4.56 -20.96
C ILE C 464 10.01 -3.72 -21.79
N THR C 465 11.30 -3.76 -21.47
CA THR C 465 12.30 -2.95 -22.19
C THR C 465 13.12 -3.77 -23.19
N GLN C 466 12.74 -5.03 -23.46
CA GLN C 466 13.55 -5.90 -24.30
C GLN C 466 13.70 -5.37 -25.72
N GLN C 467 12.75 -4.57 -26.18
CA GLN C 467 12.86 -4.00 -27.52
C GLN C 467 14.02 -3.02 -27.66
N TYR C 468 14.53 -2.50 -26.54
CA TYR C 468 15.70 -1.63 -26.59
C TYR C 468 17.00 -2.42 -26.58
N ARG C 469 16.95 -3.72 -26.31
CA ARG C 469 18.17 -4.52 -26.25
C ARG C 469 18.33 -5.40 -27.46
N ASN C 470 17.25 -5.78 -28.13
CA ASN C 470 17.40 -6.49 -29.37
C ASN C 470 17.79 -5.52 -30.48
N LEU C 471 18.37 -6.07 -31.54
CA LEU C 471 18.52 -5.30 -32.76
C LEU C 471 17.14 -4.81 -33.20
N PRO C 472 17.00 -3.54 -33.57
CA PRO C 472 15.68 -3.03 -33.96
C PRO C 472 15.35 -3.41 -35.40
N ASP C 473 14.07 -3.31 -35.73
CA ASP C 473 13.68 -3.55 -37.12
C ASP C 473 13.89 -2.32 -37.98
N ILE C 474 14.22 -1.18 -37.38
CA ILE C 474 14.59 0.02 -38.12
C ILE C 474 15.58 0.78 -37.27
N SER C 475 16.53 1.45 -37.92
CA SER C 475 17.64 2.11 -37.25
C SER C 475 17.90 3.44 -37.95
N GLY C 476 18.61 4.33 -37.27
CA GLY C 476 19.03 5.56 -37.93
C GLY C 476 19.27 6.71 -36.95
N VAL C 477 19.07 7.91 -37.45
CA VAL C 477 19.42 9.14 -36.74
C VAL C 477 18.59 10.25 -37.37
N LYS C 478 18.35 11.32 -36.61
CA LYS C 478 17.58 12.45 -37.11
C LYS C 478 18.17 13.75 -36.56
N SER C 479 17.76 14.85 -37.15
CA SER C 479 18.13 16.17 -36.66
C SER C 479 17.32 16.57 -35.43
N PRO C 480 17.91 17.36 -34.52
CA PRO C 480 17.10 17.93 -33.43
C PRO C 480 15.99 18.84 -33.91
N ILE C 481 16.12 19.43 -35.10
CA ILE C 481 15.07 20.27 -35.68
C ILE C 481 13.95 19.46 -36.32
N ASN C 482 14.11 18.14 -36.45
CA ASN C 482 13.08 17.28 -37.04
C ASN C 482 12.80 17.65 -38.50
N ASP C 483 13.84 18.08 -39.22
CA ASP C 483 13.72 18.32 -40.65
C ASP C 483 14.81 17.57 -41.42
N ALA C 484 15.41 16.54 -40.80
CA ALA C 484 16.37 15.67 -41.44
C ALA C 484 16.31 14.29 -40.79
N TYR C 485 16.15 13.26 -41.63
CA TYR C 485 15.98 11.91 -41.13
C TYR C 485 16.84 10.94 -41.95
N PHE C 486 17.40 9.95 -41.25
CA PHE C 486 18.13 8.86 -41.87
C PHE C 486 17.53 7.58 -41.29
N ASN C 487 16.88 6.78 -42.13
CA ASN C 487 16.26 5.53 -41.72
C ASN C 487 16.81 4.39 -42.55
N THR C 488 17.11 3.27 -41.90
CA THR C 488 17.65 2.11 -42.60
C THR C 488 16.87 0.86 -42.23
N GLU C 489 16.48 0.10 -43.24
CA GLU C 489 15.83 -1.19 -43.08
C GLU C 489 16.60 -2.23 -43.88
N ILE C 490 16.31 -3.50 -43.59
CA ILE C 490 17.07 -4.60 -44.19
C ILE C 490 16.16 -5.80 -44.38
N ARG C 491 16.28 -6.47 -45.51
CA ARG C 491 15.44 -7.61 -45.85
C ARG C 491 16.28 -8.71 -46.49
N ASN C 492 15.76 -9.93 -46.38
CA ASN C 492 16.32 -11.09 -47.03
C ASN C 492 15.53 -11.36 -48.31
N PHE C 493 16.26 -11.63 -49.40
CA PHE C 493 15.63 -11.93 -50.69
C PHE C 493 16.19 -13.23 -51.25
N ASN C 494 15.28 -14.13 -51.64
CA ASN C 494 15.59 -15.35 -52.38
C ASN C 494 15.22 -15.09 -53.83
N LEU C 495 16.24 -14.85 -54.66
CA LEU C 495 16.08 -14.43 -56.05
C LEU C 495 16.15 -15.62 -57.00
N ASP C 496 15.33 -15.59 -58.04
CA ASP C 496 15.38 -16.52 -59.15
C ASP C 496 15.87 -15.80 -60.41
N LEU C 497 15.70 -16.44 -61.56
CA LEU C 497 16.22 -15.87 -62.80
C LEU C 497 15.33 -14.80 -63.41
N ASN C 498 14.10 -14.63 -62.91
CA ASN C 498 13.21 -13.59 -63.41
C ASN C 498 13.32 -12.36 -62.52
N PHE C 499 13.25 -11.18 -63.15
CA PHE C 499 13.24 -9.93 -62.38
C PHE C 499 12.02 -9.87 -61.47
N LYS C 500 12.23 -9.37 -60.26
CA LYS C 500 11.19 -9.33 -59.24
C LYS C 500 11.20 -7.94 -58.63
N GLU C 501 10.04 -7.27 -58.63
CA GLU C 501 9.95 -5.96 -57.97
C GLU C 501 10.11 -6.15 -56.48
N VAL C 502 11.04 -5.42 -55.88
CA VAL C 502 11.35 -5.65 -54.46
C VAL C 502 11.02 -4.43 -53.60
N LEU C 503 11.17 -3.22 -54.15
CA LEU C 503 10.90 -2.04 -53.33
C LEU C 503 10.68 -0.83 -54.23
N THR C 504 10.08 0.21 -53.62
CA THR C 504 9.86 1.50 -54.25
C THR C 504 10.36 2.59 -53.32
N VAL C 505 11.33 3.37 -53.78
CA VAL C 505 11.93 4.40 -52.93
C VAL C 505 10.99 5.61 -52.90
N PRO C 506 10.93 6.35 -51.81
CA PRO C 506 10.02 7.51 -51.75
C PRO C 506 10.57 8.68 -52.56
N LEU C 507 9.67 9.65 -52.79
CA LEU C 507 10.08 10.91 -53.39
C LEU C 507 10.83 11.74 -52.36
N ARG C 508 11.36 12.89 -52.81
CA ARG C 508 11.97 13.87 -51.91
C ARG C 508 13.01 13.24 -50.98
N SER C 509 13.83 12.35 -51.53
CA SER C 509 14.75 11.63 -50.66
C SER C 509 15.92 11.11 -51.48
N GLY C 510 17.03 10.90 -50.80
CA GLY C 510 18.17 10.20 -51.35
C GLY C 510 18.23 8.81 -50.74
N CYS C 511 18.51 7.82 -51.57
CA CYS C 511 18.55 6.46 -51.10
C CYS C 511 19.83 5.77 -51.56
N LYS C 512 20.41 5.00 -50.66
CA LYS C 512 21.51 4.11 -50.95
C LYS C 512 21.04 2.70 -50.62
N ILE C 513 21.07 1.82 -51.62
CA ILE C 513 20.68 0.42 -51.48
C ILE C 513 21.94 -0.42 -51.59
N THR C 514 22.18 -1.26 -50.59
CA THR C 514 23.32 -2.18 -50.60
C THR C 514 22.81 -3.61 -50.78
N ILE C 515 23.31 -4.30 -51.80
CA ILE C 515 22.90 -5.66 -52.10
C ILE C 515 24.13 -6.55 -51.97
N THR C 516 24.04 -7.57 -51.13
CA THR C 516 25.17 -8.47 -50.97
C THR C 516 24.65 -9.87 -50.67
N GLY C 517 25.49 -10.87 -50.99
CA GLY C 517 25.11 -12.25 -50.76
C GLY C 517 25.35 -12.70 -49.33
N ALA C 518 24.52 -13.64 -48.88
CA ALA C 518 24.66 -14.30 -47.59
C ALA C 518 24.16 -15.73 -47.72
N ASP C 519 24.74 -16.47 -48.66
CA ASP C 519 24.20 -17.75 -49.10
C ASP C 519 24.85 -18.91 -48.35
N ALA C 520 24.03 -19.89 -48.01
CA ALA C 520 24.50 -21.07 -47.29
C ALA C 520 24.99 -22.17 -48.23
N THR C 521 24.94 -21.98 -49.54
CA THR C 521 25.45 -22.99 -50.45
C THR C 521 26.97 -23.04 -50.40
N THR C 522 27.53 -24.24 -50.53
CA THR C 522 28.97 -24.41 -50.61
C THR C 522 29.45 -24.16 -52.04
N ASN C 523 30.47 -23.30 -52.17
CA ASN C 523 31.17 -23.02 -53.42
C ASN C 523 30.36 -22.18 -54.40
N ALA C 524 29.09 -22.51 -54.60
CA ALA C 524 28.28 -21.91 -55.66
C ALA C 524 27.26 -20.89 -55.15
N GLY C 525 27.46 -20.34 -53.96
CA GLY C 525 26.55 -19.35 -53.43
C GLY C 525 26.72 -17.99 -54.07
N SER C 526 25.87 -17.06 -53.66
CA SER C 526 25.89 -15.72 -54.24
C SER C 526 27.14 -14.95 -53.83
N LYS C 527 27.64 -14.13 -54.75
CA LYS C 527 28.78 -13.26 -54.49
C LYS C 527 28.48 -11.91 -55.13
N ALA C 528 28.26 -10.90 -54.30
CA ALA C 528 27.98 -9.56 -54.79
C ALA C 528 28.09 -8.58 -53.64
N TYR C 529 28.53 -7.38 -53.98
CA TYR C 529 28.41 -6.24 -53.09
C TYR C 529 28.13 -5.05 -54.01
N VAL C 530 26.86 -4.72 -54.13
CA VAL C 530 26.41 -3.75 -55.12
C VAL C 530 25.72 -2.60 -54.38
N GLU C 531 26.13 -1.39 -54.71
CA GLU C 531 25.52 -0.19 -54.14
C GLU C 531 24.73 0.50 -55.23
N LEU C 532 23.46 0.77 -54.95
CA LEU C 532 22.58 1.53 -55.84
C LEU C 532 22.16 2.83 -55.17
N PHE C 533 22.09 3.91 -55.93
CA PHE C 533 21.84 5.23 -55.36
C PHE C 533 20.69 5.87 -56.12
N VAL C 534 19.83 6.58 -55.39
CA VAL C 534 18.68 7.26 -55.98
C VAL C 534 18.53 8.63 -55.34
N ASN C 535 18.16 9.62 -56.13
CA ASN C 535 17.73 10.89 -55.57
C ASN C 535 16.51 11.36 -56.34
N SER C 536 15.49 11.78 -55.61
CA SER C 536 14.26 12.27 -56.21
C SER C 536 13.86 13.59 -55.58
N ASP C 537 13.25 14.45 -56.37
CA ASP C 537 12.53 15.57 -55.79
C ASP C 537 11.06 15.18 -55.68
N ASN C 538 10.15 16.12 -55.91
CA ASN C 538 8.74 15.81 -55.79
C ASN C 538 8.19 14.99 -56.97
N SER C 539 8.99 14.76 -58.03
CA SER C 539 8.46 13.99 -59.15
C SER C 539 9.54 13.30 -60.00
N THR C 540 10.77 13.81 -59.98
CA THR C 540 11.82 13.33 -60.88
C THR C 540 12.86 12.52 -60.11
N THR C 541 13.42 11.51 -60.78
CA THR C 541 14.30 10.56 -60.12
C THR C 541 15.55 10.30 -60.97
N ILE C 542 16.72 10.35 -60.32
CA ILE C 542 17.99 9.97 -60.92
C ILE C 542 18.57 8.79 -60.13
N THR C 543 19.17 7.84 -60.85
CA THR C 543 19.79 6.68 -60.23
C THR C 543 21.24 6.56 -60.67
N ALA C 544 22.02 5.83 -59.88
CA ALA C 544 23.40 5.53 -60.18
C ALA C 544 23.74 4.20 -59.51
N HIS C 545 24.85 3.59 -59.93
CA HIS C 545 25.22 2.29 -59.40
C HIS C 545 26.73 2.25 -59.16
N ASN C 546 27.12 1.34 -58.27
CA ASN C 546 28.53 1.12 -57.93
C ASN C 546 28.67 -0.37 -57.62
N GLU C 547 29.14 -1.14 -58.59
CA GLU C 547 29.31 -2.59 -58.41
C GLU C 547 30.73 -2.86 -57.92
N VAL C 548 30.89 -3.00 -56.61
CA VAL C 548 32.22 -3.30 -56.07
C VAL C 548 32.57 -4.76 -56.29
N ILE C 549 31.64 -5.65 -55.98
CA ILE C 549 31.73 -7.08 -56.27
C ILE C 549 30.43 -7.47 -56.94
N ASN C 550 30.52 -8.15 -58.09
CA ASN C 550 29.32 -8.67 -58.76
C ASN C 550 29.81 -9.80 -59.68
N ASP C 551 29.80 -11.02 -59.15
CA ASP C 551 30.29 -12.16 -59.90
C ASP C 551 29.47 -12.33 -61.17
N PRO C 552 30.11 -12.49 -62.34
CA PRO C 552 29.32 -12.65 -63.57
C PRO C 552 28.45 -13.91 -63.60
N LEU C 553 28.77 -14.94 -62.81
CA LEU C 553 27.98 -16.16 -62.70
C LEU C 553 27.11 -16.20 -61.44
N TYR C 554 27.59 -15.67 -60.33
CA TYR C 554 26.94 -15.78 -59.03
C TYR C 554 26.45 -14.45 -58.45
N GLY C 555 26.41 -13.39 -59.26
CA GLY C 555 26.01 -12.07 -58.80
C GLY C 555 24.52 -11.80 -58.89
N VAL C 556 24.19 -10.51 -58.99
CA VAL C 556 22.81 -10.02 -58.98
C VAL C 556 22.58 -9.11 -60.17
N LYS C 557 21.35 -9.12 -60.67
CA LYS C 557 20.90 -8.20 -61.70
C LYS C 557 19.86 -7.24 -61.15
N TYR C 558 19.94 -5.98 -61.55
CA TYR C 558 19.06 -4.94 -61.05
C TYR C 558 18.55 -4.10 -62.21
N SER C 559 17.37 -3.54 -62.03
CA SER C 559 16.70 -2.76 -63.05
C SER C 559 15.74 -1.78 -62.37
N TRP C 560 15.74 -0.55 -62.84
CA TRP C 560 14.85 0.48 -62.32
C TRP C 560 13.71 0.72 -63.30
N SER C 561 12.50 0.83 -62.76
CA SER C 561 11.36 1.36 -63.50
C SER C 561 10.78 2.48 -62.66
N GLY C 562 11.12 3.72 -63.00
CA GLY C 562 10.80 4.85 -62.15
C GLY C 562 11.52 4.67 -60.83
N ARG C 563 10.75 4.67 -59.74
CA ARG C 563 11.31 4.50 -58.41
C ARG C 563 11.19 3.05 -57.90
N THR C 564 10.74 2.13 -58.73
CA THR C 564 10.60 0.73 -58.35
C THR C 564 11.83 -0.05 -58.79
N LEU C 565 12.45 -0.75 -57.85
CA LEU C 565 13.64 -1.55 -58.10
C LEU C 565 13.26 -3.00 -58.28
N SER C 566 13.81 -3.64 -59.31
CA SER C 566 13.64 -5.07 -59.53
C SER C 566 15.00 -5.76 -59.50
N LEU C 567 15.03 -6.96 -58.94
CA LEU C 567 16.23 -7.74 -58.80
C LEU C 567 15.99 -9.12 -59.40
N ALA C 568 17.09 -9.74 -59.81
CA ALA C 568 17.08 -11.08 -60.35
C ALA C 568 18.44 -11.71 -60.06
N GLY C 569 18.45 -13.04 -59.95
CA GLY C 569 19.70 -13.77 -59.85
C GLY C 569 20.28 -14.06 -61.23
N ILE C 570 21.47 -14.68 -61.22
CA ILE C 570 22.13 -15.12 -62.44
C ILE C 570 22.20 -16.65 -62.51
N THR C 571 22.42 -17.29 -61.39
CA THR C 571 22.41 -18.74 -61.30
C THR C 571 21.57 -19.14 -60.09
N LEU C 572 20.72 -20.14 -60.29
CA LEU C 572 19.72 -20.48 -59.27
C LEU C 572 20.36 -20.81 -57.93
N SER C 573 21.53 -21.44 -57.95
CA SER C 573 22.22 -21.79 -56.72
C SER C 573 22.66 -20.57 -55.93
N ALA C 574 22.85 -19.43 -56.61
CA ALA C 574 23.25 -18.18 -55.97
C ALA C 574 22.00 -17.30 -55.86
N ASN C 575 21.24 -17.53 -54.79
CA ASN C 575 19.91 -16.97 -54.67
C ASN C 575 19.69 -16.09 -53.44
N THR C 576 20.51 -16.22 -52.41
CA THR C 576 20.25 -15.52 -51.16
C THR C 576 20.97 -14.17 -51.15
N PHE C 577 20.18 -13.10 -51.11
CA PHE C 577 20.76 -11.76 -51.07
C PHE C 577 20.17 -10.97 -49.92
N ILE C 578 21.00 -10.15 -49.30
CA ILE C 578 20.58 -9.22 -48.29
C ILE C 578 20.51 -7.85 -48.94
N VAL C 579 19.43 -7.12 -48.69
CA VAL C 579 19.20 -5.81 -49.29
C VAL C 579 18.97 -4.81 -48.17
N LYS C 580 19.89 -3.86 -48.04
CA LYS C 580 19.79 -2.83 -47.03
C LYS C 580 19.55 -1.50 -47.72
N VAL C 581 18.58 -0.75 -47.21
CA VAL C 581 18.22 0.56 -47.77
C VAL C 581 18.47 1.61 -46.71
N ASP C 582 19.15 2.68 -47.10
CA ASP C 582 19.34 3.90 -46.32
C ASP C 582 18.56 5.03 -47.01
N VAL C 583 17.67 5.68 -46.26
CA VAL C 583 16.85 6.76 -46.80
C VAL C 583 17.19 8.07 -46.10
N PHE C 584 17.52 9.09 -46.88
CA PHE C 584 17.76 10.44 -46.38
C PHE C 584 16.57 11.32 -46.79
N SER C 585 15.94 11.99 -45.82
CA SER C 585 14.77 12.78 -46.17
C SER C 585 14.65 13.99 -45.27
N ALA C 586 13.76 14.90 -45.64
CA ALA C 586 13.45 16.07 -44.82
C ALA C 586 12.16 15.92 -44.03
N LEU C 587 11.35 14.90 -44.33
CA LEU C 587 10.03 14.70 -43.74
C LEU C 587 9.79 13.23 -43.43
N PRO C 588 9.12 12.92 -42.31
CA PRO C 588 8.84 11.52 -42.01
C PRO C 588 8.00 10.83 -43.08
N GLN C 589 7.14 11.56 -43.78
CA GLN C 589 6.29 10.93 -44.79
C GLN C 589 7.10 10.33 -45.93
N TYR C 590 8.34 10.79 -46.14
CA TYR C 590 9.18 10.35 -47.25
C TYR C 590 10.44 9.65 -46.75
N SER C 591 10.38 9.02 -45.59
CA SER C 591 11.57 8.48 -44.93
C SER C 591 11.72 6.97 -45.06
N LYS C 592 10.78 6.28 -45.70
CA LYS C 592 10.79 4.83 -45.75
C LYS C 592 10.40 4.33 -47.12
N VAL C 593 11.05 3.23 -47.56
CA VAL C 593 10.69 2.59 -48.81
C VAL C 593 9.40 1.80 -48.62
N THR C 594 8.78 1.44 -49.74
CA THR C 594 7.67 0.50 -49.76
C THR C 594 8.22 -0.86 -50.18
N TRP C 595 8.19 -1.83 -49.26
CA TRP C 595 8.61 -3.19 -49.59
C TRP C 595 7.49 -3.88 -50.35
N LEU C 596 7.85 -4.55 -51.44
CA LEU C 596 6.82 -5.13 -52.29
C LEU C 596 6.77 -6.64 -52.09
ZN ZN D . -38.30 -8.70 9.99
ZN ZN E . -31.11 -3.15 24.65
ZN ZN F . -25.58 -3.22 27.29
ZN ZN G . 23.08 31.98 -47.83
ZN ZN H . -10.38 17.20 3.96
ZN ZN I . 6.63 -4.63 -13.87
ZN ZN J . 35.92 14.38 -59.05
ZN ZN K . -13.55 -15.99 -8.91
ZN ZN L . 13.30 23.46 -53.26
ZN ZN M . -10.21 -6.05 9.76
ZN ZN M . -10.94 -4.58 10.71
ZN ZN N . 0.48 5.91 -8.01
ZN ZN O . -36.09 -12.84 16.98
ZN ZN O . -34.74 -14.22 16.07
ZN ZN P . 11.76 1.45 -17.64
ZN ZN Q . -39.86 -5.34 4.21
ZN ZN R . 12.02 -3.48 16.64
ZN ZN S . 4.98 5.87 -14.20
ZN ZN T . 9.70 1.67 -2.23
ZN ZN U . 43.34 -0.47 -56.22
ZN ZN V . -15.44 9.30 35.67
ZN ZN W . -17.78 4.35 33.46
ZN ZN X . -22.07 18.03 39.78
ZN ZN Y . -9.33 4.26 11.92
ZN ZN Y . -9.80 5.17 10.54
ZN ZN Z . -6.16 22.17 -1.19
ZN ZN Z . -8.28 20.76 -0.83
ZN ZN AA . 50.93 8.12 -33.39
ZN ZN BA . 54.72 -6.11 -34.59
ZN ZN CA . -18.28 22.03 29.32
ZN ZN CA . -18.51 22.83 31.20
ZN ZN DA . -10.86 24.68 30.29
ZN ZN DA . -9.91 25.37 29.70
ZN ZN EA . -13.50 -15.34 -0.65
ZN ZN FA . 2.46 -5.72 -7.57
ZN ZN GA . 13.51 1.83 -9.11
ZN ZN HA . 28.80 0.16 -64.07
ZN ZN IA . 18.62 -6.44 12.65
ZN ZN JA . -13.99 -13.70 35.12
ZN ZN KA . -16.17 -8.25 33.23
ZN ZN LA . 33.87 -9.82 6.38
ZN ZN MA . -2.49 -1.75 15.52
ZN ZN MA . -4.59 -2.43 14.80
ZN ZN NA . 21.77 -20.82 -52.23
ZN ZN OA . -1.66 -15.56 38.89
ZN ZN OA . 0.25 -14.35 38.58
ZN ZN PA . 10.48 -15.06 -59.15
ZN ZN QA . 1.31 -21.94 34.41
#